data_4BZY
#
_entry.id   4BZY
#
_cell.length_a   117.278
_cell.length_b   164.538
_cell.length_c   311.340
_cell.angle_alpha   90.00
_cell.angle_beta   90.00
_cell.angle_gamma   90.00
#
_symmetry.space_group_name_H-M   'C 2 2 21'
#
loop_
_entity.id
_entity.type
_entity.pdbx_description
1 polymer '1,4-ALPHA-GLUCAN-BRANCHING ENZYME'
2 water water
#
_entity_poly.entity_id   1
_entity_poly.type   'polypeptide(L)'
_entity_poly.pdbx_seq_one_letter_code
;MAAPMTPAARPEDYEAALNAALADVPELARLLEIDPYLKPYAVDFQRRYKQFSQILKNIGENEGGIDKFSRGYESFGVHR
CADGGLYCKEWAPGAEGVFLTGDFNGWNPFSYPYKKLDYGKWELYIPPKQNKSVLVPHGSKLKVVITSKSGEILYRISPW
AKYVVREGDNVNYDWIHWDPEHSYEFKHSRPKKPRSLRIYESHVGISSHEGKVASYKHFTCNVLPRIKGLGYNCIQLMAI
MEHAYYASFGYQITSFFAASSRYGSPEELQELVDTAHSMGIIVLLDVVHSHASKNSADGLNMFDGTDSCYFHSGPRGTHD
LWDSRLFAYSSWEVLRFLLSNIRWWLEEYRFDGFRFDGVTSMLYHHHGVGQGFSGDYSEYFGLQVDEDALTYLMLANHLV
HTLCPDSITIAEDVSGMPALCSPISQGGGGFDYRLAMAIPDKWIQLLKEFKDEDWNMGDIVYTLTNRRYLEKCIAYAESH
DQALVGDKSLAFWLMDAEMYTNMSVLTPFTPVIDRGIQLHKMIRLITHGLGGEGYLNFMGNEFGHPEWLDFPRKGNNESY
HYARRQFHLTDDDLLRYKFLNNFDRDMNRLEERYGWLAAPQAYVSEKHEGNKIIAFERAGLLFIFNFHPSKSYTDYRVGT
ALPGKFKIVLDSDAAEYGGHQRLDHSTDFFSEAFEHNGRPYSLLVYIPSRVALILQNVDLPN
;
_entity_poly.pdbx_strand_id   A,B,C
#
# COMPACT_ATOMS: atom_id res chain seq x y z
N VAL A 43 53.52 22.04 23.35
CA VAL A 43 52.29 21.61 24.00
C VAL A 43 51.46 22.81 24.44
N ASP A 44 50.64 23.32 23.52
CA ASP A 44 49.77 24.46 23.80
C ASP A 44 48.34 23.96 24.04
N PHE A 45 47.83 24.21 25.24
CA PHE A 45 46.50 23.70 25.59
C PHE A 45 45.41 24.56 24.96
N GLN A 46 45.68 25.85 24.80
CA GLN A 46 44.73 26.75 24.16
C GLN A 46 44.60 26.44 22.68
N ARG A 47 45.68 25.95 22.08
CA ARG A 47 45.69 25.58 20.67
C ARG A 47 44.87 24.32 20.44
N ARG A 48 45.08 23.30 21.29
CA ARG A 48 44.36 22.03 21.13
C ARG A 48 42.85 22.22 21.21
N TYR A 49 42.42 23.12 22.08
CA TYR A 49 41.01 23.36 22.27
C TYR A 49 40.43 24.16 21.10
N LYS A 50 41.22 25.06 20.54
CA LYS A 50 40.77 25.88 19.43
C LYS A 50 40.57 25.05 18.16
N GLN A 51 41.44 24.08 17.94
CA GLN A 51 41.31 23.20 16.78
C GLN A 51 40.10 22.29 16.95
N PHE A 52 39.93 21.76 18.16
CA PHE A 52 38.76 20.94 18.49
C PHE A 52 37.47 21.74 18.34
N SER A 53 37.44 22.91 18.95
CA SER A 53 36.24 23.75 18.94
C SER A 53 35.85 24.15 17.52
N GLN A 54 36.85 24.34 16.66
CA GLN A 54 36.61 24.74 15.28
C GLN A 54 35.97 23.63 14.46
N ILE A 55 36.53 22.43 14.56
CA ILE A 55 36.01 21.27 13.85
C ILE A 55 34.61 20.91 14.34
N LEU A 56 34.41 20.96 15.66
CA LEU A 56 33.11 20.67 16.24
C LEU A 56 32.07 21.67 15.79
N LYS A 57 32.49 22.91 15.56
CA LYS A 57 31.60 23.96 15.08
C LYS A 57 31.23 23.72 13.61
N ASN A 58 32.19 23.21 12.83
CA ASN A 58 31.95 22.87 11.44
C ASN A 58 30.95 21.72 11.31
N ILE A 59 31.08 20.76 12.21
CA ILE A 59 30.15 19.64 12.28
C ILE A 59 28.72 20.14 12.49
N GLY A 60 28.58 21.22 13.26
CA GLY A 60 27.28 21.79 13.52
C GLY A 60 26.70 22.57 12.36
N GLU A 61 27.57 23.21 11.57
CA GLU A 61 27.12 24.04 10.45
C GLU A 61 26.98 23.28 9.13
N ASN A 62 27.72 22.19 8.96
CA ASN A 62 27.75 21.48 7.69
C ASN A 62 27.00 20.16 7.79
N GLU A 63 27.02 19.59 8.98
CA GLU A 63 26.12 18.49 9.32
C GLU A 63 25.14 19.07 10.34
N GLY A 64 24.30 18.24 10.94
CA GLY A 64 23.29 18.77 11.83
C GLY A 64 23.70 18.72 13.29
N GLY A 65 24.99 18.90 13.56
CA GLY A 65 25.52 18.69 14.89
C GLY A 65 26.14 17.31 15.00
N ILE A 66 26.76 17.03 16.14
CA ILE A 66 27.53 15.79 16.29
C ILE A 66 26.61 14.59 16.50
N ASP A 67 25.38 14.84 16.91
CA ASP A 67 24.38 13.78 17.03
C ASP A 67 24.04 13.19 15.67
N LYS A 68 23.64 14.05 14.74
CA LYS A 68 23.29 13.60 13.39
C LYS A 68 24.51 13.06 12.64
N PHE A 69 25.65 13.70 12.86
CA PHE A 69 26.88 13.34 12.18
C PHE A 69 27.29 11.90 12.49
N SER A 70 27.12 11.49 13.74
CA SER A 70 27.54 10.16 14.16
C SER A 70 26.48 9.09 13.88
N ARG A 71 25.44 9.43 13.12
CA ARG A 71 24.42 8.46 12.77
C ARG A 71 24.52 8.05 11.30
N GLY A 72 25.74 8.04 10.78
CA GLY A 72 25.99 7.66 9.41
C GLY A 72 25.58 6.23 9.10
N TYR A 73 25.57 5.38 10.10
CA TYR A 73 25.24 3.96 9.91
C TYR A 73 23.78 3.75 9.53
N GLU A 74 22.98 4.80 9.63
CA GLU A 74 21.56 4.73 9.30
C GLU A 74 21.30 4.81 7.80
N SER A 75 22.28 5.31 7.05
CA SER A 75 22.11 5.47 5.61
C SER A 75 23.22 4.80 4.80
N PHE A 76 24.44 4.76 5.36
CA PHE A 76 25.54 4.08 4.70
C PHE A 76 25.42 2.56 4.83
N GLY A 77 25.87 1.85 3.81
CA GLY A 77 25.79 0.39 3.82
C GLY A 77 24.60 -0.12 3.00
N VAL A 78 23.88 -1.07 3.57
CA VAL A 78 22.72 -1.66 2.89
C VAL A 78 21.52 -1.69 3.83
N HIS A 79 20.40 -1.10 3.39
CA HIS A 79 19.21 -1.02 4.21
C HIS A 79 17.93 -1.36 3.46
N ARG A 80 17.19 -2.35 3.95
CA ARG A 80 15.86 -2.61 3.44
C ARG A 80 14.91 -1.50 3.89
N CYS A 81 14.23 -0.86 2.95
CA CYS A 81 13.31 0.23 3.27
C CYS A 81 11.91 -0.30 3.61
N ALA A 82 11.08 0.58 4.17
CA ALA A 82 9.75 0.20 4.61
C ALA A 82 8.81 -0.02 3.42
N ASP A 83 9.26 0.35 2.23
CA ASP A 83 8.45 0.14 1.02
C ASP A 83 8.86 -1.13 0.29
N GLY A 84 9.73 -1.92 0.89
CA GLY A 84 10.17 -3.17 0.30
C GLY A 84 11.43 -3.03 -0.54
N GLY A 85 11.83 -1.80 -0.81
CA GLY A 85 13.03 -1.54 -1.59
C GLY A 85 14.32 -1.64 -0.80
N LEU A 86 15.44 -1.39 -1.48
CA LEU A 86 16.75 -1.46 -0.84
C LEU A 86 17.54 -0.19 -1.10
N TYR A 87 17.93 0.51 -0.04
CA TYR A 87 18.78 1.68 -0.20
C TYR A 87 20.21 1.40 0.24
N CYS A 88 21.16 1.82 -0.60
CA CYS A 88 22.57 1.56 -0.34
C CYS A 88 23.41 2.81 -0.55
N LYS A 89 24.47 2.95 0.23
CA LYS A 89 25.39 4.08 0.06
C LYS A 89 26.79 3.76 0.55
N GLU A 90 27.79 4.14 -0.24
CA GLU A 90 29.18 3.92 0.12
C GLU A 90 30.03 5.15 -0.18
N TRP A 91 31.14 5.27 0.54
CA TRP A 91 32.14 6.28 0.24
C TRP A 91 33.32 5.62 -0.48
N ALA A 92 33.52 6.01 -1.73
CA ALA A 92 34.59 5.44 -2.54
C ALA A 92 35.03 6.45 -3.60
N PRO A 93 35.81 7.45 -3.17
CA PRO A 93 36.18 8.59 -4.02
C PRO A 93 37.04 8.22 -5.23
N GLY A 94 37.76 7.10 -5.15
CA GLY A 94 38.66 6.72 -6.21
C GLY A 94 38.20 5.56 -7.08
N ALA A 95 36.90 5.26 -7.01
CA ALA A 95 36.33 4.20 -7.83
C ALA A 95 35.83 4.75 -9.16
N GLU A 96 35.89 3.92 -10.21
CA GLU A 96 35.34 4.31 -11.50
C GLU A 96 33.85 4.00 -11.52
N GLY A 97 33.48 2.88 -10.92
CA GLY A 97 32.09 2.52 -10.75
C GLY A 97 31.85 1.65 -9.52
N VAL A 98 30.64 1.72 -8.98
CA VAL A 98 30.27 0.92 -7.81
C VAL A 98 28.98 0.14 -8.10
N PHE A 99 28.94 -1.11 -7.69
CA PHE A 99 27.81 -2.00 -7.98
C PHE A 99 27.52 -2.88 -6.77
N LEU A 100 26.28 -3.36 -6.68
CA LEU A 100 25.92 -4.33 -5.65
C LEU A 100 25.62 -5.69 -6.28
N THR A 101 26.07 -6.76 -5.63
CA THR A 101 25.86 -8.10 -6.15
C THR A 101 25.81 -9.12 -5.02
N GLY A 102 25.43 -10.35 -5.36
CA GLY A 102 25.32 -11.41 -4.37
C GLY A 102 24.36 -12.49 -4.83
N ASP A 103 23.96 -13.35 -3.90
CA ASP A 103 23.01 -14.43 -4.19
C ASP A 103 21.70 -13.91 -4.79
N PHE A 104 21.25 -12.75 -4.33
CA PHE A 104 19.92 -12.24 -4.67
C PHE A 104 19.77 -11.90 -6.15
N ASN A 105 20.89 -11.69 -6.84
CA ASN A 105 20.84 -11.40 -8.26
C ASN A 105 21.72 -12.36 -9.08
N GLY A 106 21.97 -13.54 -8.52
CA GLY A 106 22.73 -14.57 -9.21
C GLY A 106 24.17 -14.17 -9.44
N TRP A 107 24.69 -13.33 -8.56
CA TRP A 107 26.06 -12.84 -8.63
C TRP A 107 26.37 -12.19 -9.98
N ASN A 108 25.35 -11.59 -10.58
CA ASN A 108 25.53 -10.71 -11.71
C ASN A 108 26.27 -9.47 -11.22
N PRO A 109 27.49 -9.24 -11.73
CA PRO A 109 28.35 -8.18 -11.18
C PRO A 109 27.88 -6.75 -11.43
N PHE A 110 27.29 -6.47 -12.59
CA PHE A 110 27.05 -5.07 -12.98
C PHE A 110 25.59 -4.69 -13.20
N SER A 111 24.67 -5.57 -12.81
CA SER A 111 23.25 -5.33 -13.05
C SER A 111 22.66 -4.25 -12.14
N TYR A 112 23.37 -3.92 -11.06
CA TYR A 112 22.90 -2.90 -10.13
C TYR A 112 23.96 -1.82 -9.88
N PRO A 113 24.04 -0.83 -10.78
CA PRO A 113 25.02 0.26 -10.64
C PRO A 113 24.59 1.31 -9.63
N TYR A 114 25.52 1.75 -8.78
CA TYR A 114 25.27 2.87 -7.90
C TYR A 114 25.27 4.15 -8.72
N LYS A 115 24.55 5.16 -8.22
CA LYS A 115 24.55 6.46 -8.84
C LYS A 115 25.63 7.30 -8.16
N LYS A 116 26.44 7.98 -8.97
CA LYS A 116 27.59 8.72 -8.45
C LYS A 116 27.20 10.07 -7.88
N LEU A 117 27.60 10.32 -6.64
CA LEU A 117 27.28 11.57 -5.94
C LEU A 117 28.50 12.47 -5.79
N ASP A 118 28.28 13.69 -5.30
CA ASP A 118 29.35 14.61 -4.95
C ASP A 118 30.20 14.06 -3.80
N TYR A 119 31.43 14.55 -3.68
CA TYR A 119 32.32 14.22 -2.57
C TYR A 119 32.60 12.71 -2.45
N GLY A 120 32.78 12.06 -3.60
CA GLY A 120 33.23 10.68 -3.64
C GLY A 120 32.24 9.63 -3.19
N LYS A 121 30.97 10.02 -3.04
CA LYS A 121 29.97 9.08 -2.55
C LYS A 121 29.16 8.44 -3.68
N TRP A 122 28.54 7.31 -3.38
CA TRP A 122 27.75 6.55 -4.34
C TRP A 122 26.48 6.05 -3.63
N GLU A 123 25.34 6.12 -4.30
CA GLU A 123 24.11 5.59 -3.70
C GLU A 123 23.28 4.77 -4.69
N LEU A 124 22.51 3.84 -4.15
CA LEU A 124 21.72 2.93 -4.97
C LEU A 124 20.37 2.64 -4.32
N TYR A 125 19.30 2.74 -5.11
CA TYR A 125 17.99 2.29 -4.65
C TYR A 125 17.40 1.26 -5.60
N ILE A 126 17.21 0.04 -5.09
CA ILE A 126 16.55 -1.01 -5.83
C ILE A 126 15.06 -1.03 -5.51
N PRO A 127 14.21 -0.90 -6.54
CA PRO A 127 12.76 -0.87 -6.33
C PRO A 127 12.22 -2.16 -5.74
N PRO A 128 11.08 -2.09 -5.04
CA PRO A 128 10.49 -3.30 -4.45
C PRO A 128 10.05 -4.29 -5.55
N LYS A 129 10.11 -5.58 -5.23
CA LYS A 129 9.69 -6.61 -6.17
C LYS A 129 8.19 -6.57 -6.40
N GLN A 130 7.77 -6.89 -7.62
CA GLN A 130 6.36 -6.82 -8.01
C GLN A 130 5.49 -7.75 -7.18
N ASN A 131 6.02 -8.91 -6.83
CA ASN A 131 5.28 -9.89 -6.03
C ASN A 131 5.46 -9.65 -4.54
N LYS A 132 6.08 -8.53 -4.19
CA LYS A 132 6.19 -8.07 -2.80
C LYS A 132 6.94 -9.04 -1.88
N SER A 133 7.93 -9.74 -2.44
CA SER A 133 8.81 -10.57 -1.62
C SER A 133 10.09 -9.80 -1.33
N VAL A 134 10.86 -10.28 -0.36
CA VAL A 134 12.07 -9.57 0.04
C VAL A 134 13.14 -9.59 -1.07
N LEU A 135 13.82 -8.47 -1.23
CA LEU A 135 14.90 -8.36 -2.21
C LEU A 135 16.12 -9.16 -1.80
N VAL A 136 16.63 -8.89 -0.61
CA VAL A 136 17.80 -9.60 -0.11
C VAL A 136 17.44 -10.39 1.14
N PRO A 137 17.29 -11.72 0.98
CA PRO A 137 16.89 -12.59 2.08
C PRO A 137 17.91 -12.63 3.21
N HIS A 138 17.41 -12.65 4.44
CA HIS A 138 18.22 -12.84 5.64
C HIS A 138 19.16 -14.04 5.51
N GLY A 139 20.44 -13.80 5.75
CA GLY A 139 21.42 -14.87 5.74
C GLY A 139 22.18 -15.06 4.43
N SER A 140 21.75 -14.36 3.39
CA SER A 140 22.37 -14.49 2.07
C SER A 140 23.63 -13.64 1.97
N LYS A 141 24.42 -13.88 0.92
CA LYS A 141 25.71 -13.23 0.78
C LYS A 141 25.67 -12.03 -0.16
N LEU A 142 26.43 -11.00 0.21
CA LEU A 142 26.51 -9.78 -0.57
C LEU A 142 27.97 -9.42 -0.82
N LYS A 143 28.20 -8.59 -1.82
CA LYS A 143 29.51 -7.97 -2.00
C LYS A 143 29.39 -6.70 -2.82
N VAL A 144 30.19 -5.70 -2.45
CA VAL A 144 30.26 -4.48 -3.23
C VAL A 144 31.27 -4.68 -4.35
N VAL A 145 30.90 -4.33 -5.57
CA VAL A 145 31.82 -4.44 -6.69
C VAL A 145 32.40 -3.07 -7.01
N ILE A 146 33.72 -3.02 -7.06
CA ILE A 146 34.42 -1.77 -7.34
C ILE A 146 35.21 -1.92 -8.64
N THR A 147 35.00 -0.96 -9.55
CA THR A 147 35.73 -0.94 -10.81
C THR A 147 36.71 0.22 -10.80
N SER A 148 37.95 -0.10 -11.16
CA SER A 148 39.04 0.85 -11.16
C SER A 148 39.16 1.63 -12.46
N LYS A 149 40.01 2.67 -12.45
CA LYS A 149 40.32 3.42 -13.67
C LYS A 149 41.24 2.57 -14.55
N SER A 150 41.71 1.46 -13.99
CA SER A 150 42.58 0.52 -14.69
C SER A 150 41.77 -0.52 -15.41
N GLY A 151 40.50 -0.64 -15.02
CA GLY A 151 39.60 -1.64 -15.56
C GLY A 151 39.62 -2.92 -14.76
N GLU A 152 40.17 -2.86 -13.55
CA GLU A 152 40.17 -4.02 -12.66
C GLU A 152 38.85 -4.14 -11.90
N ILE A 153 38.41 -5.36 -11.67
CA ILE A 153 37.16 -5.61 -10.96
C ILE A 153 37.41 -6.15 -9.56
N LEU A 154 37.14 -5.32 -8.56
CA LEU A 154 37.40 -5.67 -7.16
C LEU A 154 36.14 -6.04 -6.40
N TYR A 155 36.24 -7.08 -5.57
CA TYR A 155 35.13 -7.48 -4.71
C TYR A 155 35.43 -7.12 -3.26
N ARG A 156 34.48 -6.43 -2.62
CA ARG A 156 34.69 -5.88 -1.29
C ARG A 156 33.52 -6.12 -0.33
N ILE A 157 33.82 -6.29 0.95
CA ILE A 157 32.81 -6.21 1.99
C ILE A 157 32.61 -4.75 2.34
N SER A 158 31.36 -4.34 2.57
CA SER A 158 31.08 -2.96 2.94
C SER A 158 31.75 -2.60 4.27
N PRO A 159 32.36 -1.41 4.32
CA PRO A 159 32.92 -0.85 5.56
C PRO A 159 31.88 -0.75 6.67
N TRP A 160 30.60 -0.76 6.31
CA TRP A 160 29.52 -0.57 7.27
C TRP A 160 28.76 -1.86 7.63
N ALA A 161 29.29 -3.00 7.22
CA ALA A 161 28.62 -4.29 7.41
C ALA A 161 28.34 -4.65 8.87
N LYS A 162 27.18 -5.23 9.14
CA LYS A 162 26.83 -5.65 10.50
C LYS A 162 27.34 -7.02 10.86
N TYR A 163 27.59 -7.86 9.85
CA TYR A 163 27.78 -9.28 10.11
C TYR A 163 28.57 -9.96 9.01
N VAL A 164 29.67 -10.61 9.37
CA VAL A 164 30.52 -11.32 8.42
C VAL A 164 30.89 -12.68 8.97
N VAL A 165 30.90 -13.69 8.10
CA VAL A 165 31.13 -15.06 8.53
C VAL A 165 32.16 -15.77 7.65
N ARG A 166 33.04 -16.53 8.30
CA ARG A 166 33.95 -17.42 7.59
C ARG A 166 33.31 -18.80 7.59
N GLU A 167 33.05 -19.35 6.40
CA GLU A 167 32.37 -20.64 6.31
C GLU A 167 33.37 -21.79 6.16
N GLY A 168 33.30 -22.74 7.07
CA GLY A 168 34.17 -23.90 7.05
C GLY A 168 35.65 -23.56 7.04
N ASP A 169 36.35 -24.01 6.00
CA ASP A 169 37.79 -23.79 5.92
C ASP A 169 38.19 -22.78 4.84
N ASN A 170 37.26 -21.91 4.44
CA ASN A 170 37.57 -20.87 3.47
C ASN A 170 38.62 -19.90 3.94
N VAL A 171 39.32 -19.28 2.99
CA VAL A 171 40.37 -18.32 3.29
C VAL A 171 39.76 -16.98 3.71
N ASN A 172 38.76 -16.53 2.97
CA ASN A 172 38.17 -15.21 3.21
C ASN A 172 36.80 -15.25 3.90
N TYR A 173 36.41 -14.10 4.42
CA TYR A 173 35.10 -13.93 5.05
C TYR A 173 34.01 -13.60 4.03
N ASP A 174 32.80 -14.04 4.33
CA ASP A 174 31.64 -13.65 3.54
C ASP A 174 30.86 -12.54 4.24
N TRP A 175 30.28 -11.64 3.45
CA TRP A 175 29.41 -10.60 3.98
C TRP A 175 27.98 -11.09 4.02
N ILE A 176 27.49 -11.36 5.23
CA ILE A 176 26.14 -11.88 5.42
C ILE A 176 25.14 -10.77 5.73
N HIS A 177 24.11 -10.65 4.91
CA HIS A 177 23.06 -9.66 5.14
C HIS A 177 22.28 -10.02 6.39
N TRP A 178 22.17 -9.07 7.32
CA TRP A 178 21.49 -9.36 8.59
C TRP A 178 20.13 -8.68 8.68
N ASP A 179 19.08 -9.48 8.54
CA ASP A 179 17.71 -8.98 8.59
C ASP A 179 16.78 -9.98 9.25
N PRO A 180 16.99 -10.24 10.56
CA PRO A 180 16.25 -11.29 11.28
C PRO A 180 14.76 -11.00 11.44
N GLU A 181 13.97 -12.04 11.72
CA GLU A 181 12.53 -11.90 11.87
C GLU A 181 12.21 -10.98 13.02
N HIS A 182 12.87 -11.23 14.15
CA HIS A 182 12.71 -10.44 15.35
C HIS A 182 14.03 -9.84 15.78
N SER A 183 14.09 -8.52 15.91
CA SER A 183 15.24 -7.88 16.51
C SER A 183 15.19 -8.16 18.02
N TYR A 184 16.33 -8.01 18.70
CA TYR A 184 16.35 -8.16 20.13
C TYR A 184 15.93 -6.85 20.79
N GLU A 185 15.00 -6.94 21.73
CA GLU A 185 14.60 -5.76 22.47
C GLU A 185 15.16 -5.81 23.88
N PHE A 186 15.90 -4.77 24.23
CA PHE A 186 16.54 -4.67 25.53
C PHE A 186 15.50 -4.53 26.62
N LYS A 187 15.59 -5.38 27.64
CA LYS A 187 14.56 -5.45 28.67
C LYS A 187 15.01 -4.82 29.98
N HIS A 188 16.28 -4.43 30.05
CA HIS A 188 16.81 -3.87 31.29
C HIS A 188 17.48 -2.51 31.06
N SER A 189 17.37 -1.65 32.05
CA SER A 189 17.95 -0.31 31.97
C SER A 189 19.40 -0.32 32.44
N ARG A 190 20.13 0.74 32.09
CA ARG A 190 21.50 0.90 32.57
C ARG A 190 21.54 0.93 34.09
N PRO A 191 22.49 0.20 34.69
CA PRO A 191 22.70 0.34 36.13
C PRO A 191 23.16 1.75 36.48
N LYS A 192 22.92 2.18 37.71
CA LYS A 192 23.43 3.47 38.17
C LYS A 192 24.93 3.55 37.98
N LYS A 193 25.45 4.74 37.68
CA LYS A 193 26.88 4.90 37.53
C LYS A 193 27.57 4.47 38.81
N PRO A 194 28.54 3.56 38.70
CA PRO A 194 29.23 3.05 39.89
C PRO A 194 30.11 4.12 40.50
N ARG A 195 30.23 4.13 41.82
CA ARG A 195 31.08 5.09 42.49
C ARG A 195 32.55 4.85 42.12
N SER A 196 32.92 3.57 42.02
CA SER A 196 34.27 3.18 41.60
C SER A 196 34.21 1.99 40.67
N LEU A 197 35.14 1.95 39.72
CA LEU A 197 35.21 0.85 38.77
C LEU A 197 36.04 -0.31 39.29
N ARG A 198 35.41 -1.48 39.39
CA ARG A 198 36.15 -2.71 39.63
C ARG A 198 35.98 -3.60 38.40
N ILE A 199 36.96 -3.53 37.51
CA ILE A 199 36.84 -4.03 36.14
C ILE A 199 37.34 -5.45 35.95
N TYR A 200 36.51 -6.29 35.34
CA TYR A 200 36.90 -7.65 34.98
C TYR A 200 37.19 -7.73 33.48
N GLU A 201 38.48 -7.70 33.13
CA GLU A 201 38.89 -7.73 31.73
C GLU A 201 38.67 -9.12 31.14
N SER A 202 37.87 -9.20 30.08
CA SER A 202 37.39 -10.49 29.59
C SER A 202 37.53 -10.69 28.08
N HIS A 203 37.57 -11.96 27.69
CA HIS A 203 37.58 -12.39 26.30
C HIS A 203 36.59 -13.55 26.17
N VAL A 204 35.63 -13.42 25.26
CA VAL A 204 34.51 -14.37 25.21
C VAL A 204 34.93 -15.76 24.74
N GLY A 205 35.81 -15.81 23.75
CA GLY A 205 36.23 -17.08 23.16
C GLY A 205 36.97 -18.01 24.10
N ILE A 206 37.76 -17.45 25.01
CA ILE A 206 38.60 -18.26 25.88
C ILE A 206 37.96 -18.51 27.24
N SER A 207 36.68 -18.20 27.36
CA SER A 207 36.02 -18.15 28.66
C SER A 207 35.42 -19.48 29.11
N SER A 208 35.84 -20.57 28.45
CA SER A 208 35.43 -21.91 28.88
C SER A 208 36.64 -22.81 29.05
N HIS A 209 36.43 -24.02 29.56
CA HIS A 209 37.51 -24.96 29.76
C HIS A 209 37.80 -25.79 28.51
N GLU A 210 36.99 -25.60 27.47
CA GLU A 210 37.14 -26.34 26.23
C GLU A 210 38.12 -25.66 25.30
N GLY A 211 38.79 -26.44 24.45
CA GLY A 211 39.70 -25.90 23.46
C GLY A 211 38.99 -25.51 22.19
N LYS A 212 38.11 -24.51 22.30
CA LYS A 212 37.38 -24.00 21.15
C LYS A 212 36.97 -22.56 21.41
N VAL A 213 36.44 -21.90 20.37
CA VAL A 213 35.88 -20.56 20.56
C VAL A 213 34.56 -20.65 21.32
N ALA A 214 34.55 -20.18 22.56
CA ALA A 214 33.35 -20.21 23.38
C ALA A 214 32.37 -19.14 22.87
N SER A 215 31.10 -19.30 23.23
CA SER A 215 30.04 -18.48 22.64
C SER A 215 29.59 -17.34 23.54
N TYR A 216 28.94 -16.35 22.94
CA TYR A 216 28.28 -15.27 23.67
C TYR A 216 27.37 -15.83 24.75
N LYS A 217 26.60 -16.85 24.39
CA LYS A 217 25.63 -17.46 25.30
C LYS A 217 26.29 -18.12 26.51
N HIS A 218 27.42 -18.77 26.28
CA HIS A 218 28.18 -19.39 27.37
C HIS A 218 28.61 -18.35 28.39
N PHE A 219 29.14 -17.23 27.88
CA PHE A 219 29.56 -16.12 28.71
C PHE A 219 28.37 -15.60 29.51
N THR A 220 27.24 -15.46 28.83
CA THR A 220 26.01 -14.95 29.44
C THR A 220 25.49 -15.84 30.57
N CYS A 221 25.52 -17.15 30.34
CA CYS A 221 24.93 -18.09 31.28
C CYS A 221 25.89 -18.51 32.40
N ASN A 222 27.15 -18.74 32.05
CA ASN A 222 28.09 -19.37 32.98
C ASN A 222 29.17 -18.44 33.53
N VAL A 223 29.54 -17.41 32.76
CA VAL A 223 30.64 -16.53 33.15
C VAL A 223 30.16 -15.28 33.90
N LEU A 224 29.05 -14.70 33.44
CA LEU A 224 28.48 -13.51 34.08
C LEU A 224 28.17 -13.69 35.58
N PRO A 225 27.58 -14.82 35.99
CA PRO A 225 27.31 -14.90 37.43
C PRO A 225 28.56 -15.14 38.28
N ARG A 226 29.61 -15.70 37.69
CA ARG A 226 30.88 -15.84 38.40
C ARG A 226 31.50 -14.47 38.64
N ILE A 227 31.49 -13.63 37.61
CA ILE A 227 32.01 -12.27 37.70
C ILE A 227 31.28 -11.45 38.77
N LYS A 228 29.96 -11.57 38.82
CA LYS A 228 29.17 -10.85 39.81
C LYS A 228 29.49 -11.29 41.24
N GLY A 229 29.60 -12.60 41.44
CA GLY A 229 29.89 -13.16 42.75
C GLY A 229 31.25 -12.77 43.29
N LEU A 230 32.19 -12.44 42.39
CA LEU A 230 33.52 -12.02 42.80
C LEU A 230 33.51 -10.59 43.34
N GLY A 231 32.46 -9.85 43.02
CA GLY A 231 32.35 -8.48 43.48
C GLY A 231 32.78 -7.45 42.44
N TYR A 232 32.89 -7.88 41.19
CA TYR A 232 33.20 -6.95 40.12
C TYR A 232 31.94 -6.30 39.59
N ASN A 233 32.00 -5.01 39.32
CA ASN A 233 30.83 -4.26 38.88
C ASN A 233 30.98 -3.72 37.47
N CYS A 234 32.03 -4.15 36.79
CA CYS A 234 32.30 -3.69 35.44
C CYS A 234 33.06 -4.75 34.65
N ILE A 235 32.72 -4.88 33.37
CA ILE A 235 33.38 -5.84 32.50
C ILE A 235 34.04 -5.12 31.34
N GLN A 236 35.32 -5.39 31.14
CA GLN A 236 36.02 -4.87 29.98
C GLN A 236 36.05 -5.96 28.92
N LEU A 237 35.27 -5.77 27.86
CA LEU A 237 35.09 -6.79 26.84
C LEU A 237 36.07 -6.61 25.69
N MET A 238 37.05 -7.51 25.60
CA MET A 238 38.03 -7.46 24.52
C MET A 238 37.58 -8.24 23.29
N ALA A 239 38.20 -7.95 22.15
CA ALA A 239 38.05 -8.76 20.95
C ALA A 239 36.60 -8.96 20.52
N ILE A 240 35.82 -7.88 20.56
CA ILE A 240 34.43 -7.95 20.13
C ILE A 240 34.29 -7.43 18.71
N MET A 241 34.95 -6.30 18.41
CA MET A 241 35.01 -5.80 17.05
C MET A 241 35.63 -6.85 16.14
N GLU A 242 35.01 -7.09 14.98
CA GLU A 242 35.37 -8.24 14.16
C GLU A 242 36.81 -8.19 13.67
N HIS A 243 37.49 -9.32 13.82
CA HIS A 243 38.88 -9.47 13.41
C HIS A 243 39.07 -10.85 12.80
N ALA A 244 39.61 -10.89 11.59
CA ALA A 244 39.77 -12.15 10.87
C ALA A 244 40.78 -13.09 11.53
N TYR A 245 41.84 -12.51 12.09
CA TYR A 245 42.91 -13.29 12.70
C TYR A 245 42.72 -13.43 14.20
N TYR A 246 42.21 -14.59 14.62
CA TYR A 246 41.87 -14.87 16.01
C TYR A 246 43.05 -14.69 16.95
N ALA A 247 44.26 -14.90 16.45
CA ALA A 247 45.45 -14.86 17.30
C ALA A 247 45.96 -13.44 17.52
N SER A 248 45.27 -12.46 16.93
CA SER A 248 45.64 -11.06 17.13
C SER A 248 45.04 -10.53 18.43
N PHE A 249 44.34 -11.40 19.14
CA PHE A 249 43.60 -11.09 20.35
C PHE A 249 42.77 -9.81 20.20
N GLY A 250 42.24 -9.58 19.00
CA GLY A 250 41.26 -8.54 18.75
C GLY A 250 41.82 -7.22 18.25
N TYR A 251 43.14 -7.17 18.04
CA TYR A 251 43.77 -5.90 17.66
C TYR A 251 43.86 -5.69 16.14
N GLN A 252 43.50 -6.70 15.37
CA GLN A 252 43.55 -6.61 13.91
C GLN A 252 42.15 -6.55 13.29
N ILE A 253 41.59 -5.34 13.22
CA ILE A 253 40.20 -5.17 12.80
C ILE A 253 39.99 -5.27 11.29
N THR A 254 38.99 -6.05 10.89
CA THR A 254 38.64 -6.20 9.48
C THR A 254 37.29 -5.55 9.17
N SER A 255 36.29 -5.81 10.03
CA SER A 255 34.98 -5.19 9.89
C SER A 255 34.62 -4.42 11.16
N PHE A 256 34.68 -3.10 11.08
CA PHE A 256 34.60 -2.24 12.26
C PHE A 256 33.21 -2.16 12.90
N PHE A 257 32.16 -2.38 12.12
CA PHE A 257 30.81 -2.31 12.66
C PHE A 257 30.25 -3.69 12.96
N ALA A 258 31.06 -4.71 12.68
CA ALA A 258 30.61 -6.09 12.87
C ALA A 258 31.04 -6.67 14.21
N ALA A 259 30.06 -7.15 14.96
CA ALA A 259 30.35 -7.94 16.16
C ALA A 259 30.88 -9.30 15.72
N SER A 260 31.98 -9.72 16.32
CA SER A 260 32.65 -10.95 15.89
C SER A 260 31.69 -12.14 15.87
N SER A 261 31.61 -12.79 14.72
CA SER A 261 30.68 -13.88 14.49
C SER A 261 31.13 -15.19 15.15
N ARG A 262 32.40 -15.22 15.52
CA ARG A 262 32.99 -16.34 16.26
C ARG A 262 32.14 -16.84 17.42
N TYR A 263 31.60 -15.89 18.17
CA TYR A 263 30.95 -16.21 19.44
C TYR A 263 29.45 -16.39 19.23
N GLY A 264 28.98 -16.00 18.04
CA GLY A 264 27.57 -16.10 17.72
C GLY A 264 27.03 -14.93 16.93
N SER A 265 25.71 -14.72 17.05
CA SER A 265 25.00 -13.71 16.27
C SER A 265 24.93 -12.37 17.00
N PRO A 266 24.66 -11.28 16.27
CA PRO A 266 24.49 -9.96 16.89
C PRO A 266 23.46 -9.93 18.03
N GLU A 267 22.37 -10.68 17.91
CA GLU A 267 21.37 -10.72 18.97
C GLU A 267 21.93 -11.34 20.24
N GLU A 268 22.80 -12.33 20.07
CA GLU A 268 23.36 -13.03 21.22
C GLU A 268 24.33 -12.11 21.97
N LEU A 269 24.92 -11.14 21.27
CA LEU A 269 25.76 -10.14 21.92
C LEU A 269 24.92 -9.11 22.68
N GLN A 270 23.81 -8.70 22.08
CA GLN A 270 22.89 -7.76 22.71
C GLN A 270 22.30 -8.34 23.99
N GLU A 271 21.97 -9.62 23.95
CA GLU A 271 21.43 -10.30 25.13
C GLU A 271 22.44 -10.38 26.26
N LEU A 272 23.72 -10.51 25.90
CA LEU A 272 24.79 -10.59 26.88
C LEU A 272 24.88 -9.28 27.66
N VAL A 273 24.90 -8.17 26.93
CA VAL A 273 24.98 -6.85 27.55
C VAL A 273 23.74 -6.57 28.39
N ASP A 274 22.58 -6.94 27.86
CA ASP A 274 21.31 -6.75 28.55
C ASP A 274 21.28 -7.56 29.85
N THR A 275 21.76 -8.80 29.78
CA THR A 275 21.78 -9.67 30.95
C THR A 275 22.75 -9.13 32.01
N ALA A 276 23.86 -8.56 31.55
CA ALA A 276 24.85 -7.97 32.45
C ALA A 276 24.25 -6.79 33.20
N HIS A 277 23.44 -6.00 32.52
CA HIS A 277 22.78 -4.85 33.12
C HIS A 277 21.79 -5.26 34.20
N SER A 278 21.07 -6.35 33.96
CA SER A 278 20.12 -6.88 34.94
C SER A 278 20.81 -7.31 36.23
N MET A 279 22.09 -7.63 36.13
CA MET A 279 22.86 -8.07 37.29
C MET A 279 23.56 -6.88 37.98
N GLY A 280 23.35 -5.69 37.43
CA GLY A 280 23.92 -4.48 38.02
C GLY A 280 25.33 -4.20 37.56
N ILE A 281 25.72 -4.79 36.43
CA ILE A 281 27.08 -4.67 35.92
C ILE A 281 27.12 -3.86 34.62
N ILE A 282 27.98 -2.86 34.56
CA ILE A 282 28.16 -2.10 33.33
C ILE A 282 29.20 -2.79 32.45
N VAL A 283 29.09 -2.59 31.13
CA VAL A 283 29.97 -3.27 30.18
C VAL A 283 30.71 -2.28 29.30
N LEU A 284 32.04 -2.37 29.29
CA LEU A 284 32.86 -1.53 28.44
C LEU A 284 33.40 -2.31 27.25
N LEU A 285 33.53 -1.64 26.12
CA LEU A 285 34.05 -2.26 24.91
C LEU A 285 35.47 -1.80 24.61
N ASP A 286 36.33 -2.72 24.17
CA ASP A 286 37.63 -2.30 23.68
C ASP A 286 37.49 -1.79 22.27
N VAL A 287 37.77 -0.51 22.08
CA VAL A 287 37.72 0.10 20.77
C VAL A 287 39.10 0.22 20.15
N VAL A 288 39.29 -0.45 19.01
CA VAL A 288 40.53 -0.33 18.27
C VAL A 288 40.31 0.57 17.07
N HIS A 289 40.72 1.83 17.19
CA HIS A 289 40.61 2.80 16.10
C HIS A 289 41.99 3.36 15.78
N SER A 290 43.02 2.62 16.19
CA SER A 290 44.40 3.07 16.03
C SER A 290 44.98 2.61 14.70
N HIS A 291 44.44 1.51 14.18
CA HIS A 291 44.91 0.92 12.94
C HIS A 291 43.91 -0.10 12.42
N ALA A 292 44.14 -0.60 11.20
CA ALA A 292 43.26 -1.58 10.59
C ALA A 292 44.07 -2.68 9.92
N SER A 293 43.49 -3.87 9.83
CA SER A 293 44.13 -5.00 9.17
C SER A 293 44.36 -4.68 7.69
N LYS A 294 45.41 -5.26 7.12
CA LYS A 294 45.76 -5.02 5.72
C LYS A 294 44.92 -5.82 4.74
N ASN A 295 44.06 -6.69 5.26
CA ASN A 295 43.14 -7.47 4.43
C ASN A 295 42.30 -6.56 3.53
N SER A 296 42.11 -6.98 2.28
CA SER A 296 41.35 -6.17 1.34
C SER A 296 40.09 -6.91 0.87
N ALA A 297 40.18 -8.23 0.81
CA ALA A 297 39.05 -9.04 0.39
C ALA A 297 37.94 -9.00 1.44
N ASP A 298 38.33 -9.07 2.71
CA ASP A 298 37.38 -8.99 3.80
C ASP A 298 37.85 -7.99 4.87
N GLY A 299 38.56 -6.97 4.44
CA GLY A 299 39.03 -5.93 5.34
C GLY A 299 38.81 -4.54 4.77
N LEU A 300 39.28 -3.53 5.48
CA LEU A 300 39.02 -2.14 5.09
C LEU A 300 40.10 -1.61 4.14
N ASN A 301 41.20 -2.34 4.02
CA ASN A 301 42.32 -1.93 3.18
C ASN A 301 41.97 -1.94 1.69
N MET A 302 42.41 -0.90 0.98
CA MET A 302 42.25 -0.80 -0.47
C MET A 302 40.80 -0.91 -0.91
N PHE A 303 39.90 -0.26 -0.18
CA PHE A 303 38.47 -0.38 -0.44
C PHE A 303 38.09 0.09 -1.85
N ASP A 304 38.48 1.32 -2.18
CA ASP A 304 38.17 1.86 -3.51
C ASP A 304 39.31 1.62 -4.50
N GLY A 305 40.08 0.56 -4.26
CA GLY A 305 41.19 0.19 -5.12
C GLY A 305 42.37 1.13 -5.01
N THR A 306 42.39 1.91 -3.94
CA THR A 306 43.40 2.95 -3.75
C THR A 306 44.06 2.77 -2.39
N ASP A 307 45.31 3.19 -2.26
CA ASP A 307 46.04 3.08 -0.99
C ASP A 307 45.71 4.23 -0.05
N SER A 308 44.70 5.03 -0.40
CA SER A 308 44.33 6.20 0.38
C SER A 308 42.84 6.48 0.34
N CYS A 309 42.06 5.65 1.02
CA CYS A 309 40.63 5.87 1.12
C CYS A 309 40.31 6.26 2.56
N TYR A 310 40.24 5.26 3.43
CA TYR A 310 40.09 5.48 4.86
C TYR A 310 41.46 5.71 5.48
N PHE A 311 42.51 5.49 4.70
CA PHE A 311 43.88 5.58 5.19
C PHE A 311 44.71 6.61 4.43
N HIS A 312 45.91 6.87 4.94
CA HIS A 312 46.84 7.79 4.29
C HIS A 312 47.56 7.13 3.11
N SER A 313 47.86 7.93 2.08
CA SER A 313 48.63 7.43 0.94
C SER A 313 50.12 7.37 1.30
N GLY A 314 50.80 6.35 0.79
CA GLY A 314 52.23 6.23 1.00
C GLY A 314 52.60 5.54 2.30
N PRO A 315 53.90 5.56 2.64
CA PRO A 315 54.45 4.90 3.83
C PRO A 315 53.87 5.46 5.14
N ARG A 316 53.47 6.72 5.10
CA ARG A 316 52.87 7.38 6.27
C ARG A 316 51.57 6.67 6.70
N GLY A 317 50.90 6.03 5.74
CA GLY A 317 49.67 5.33 6.04
C GLY A 317 49.87 3.87 6.39
N THR A 318 51.11 3.51 6.70
CA THR A 318 51.40 2.12 7.07
C THR A 318 52.20 2.03 8.36
N HIS A 319 51.77 1.15 9.25
CA HIS A 319 52.43 0.91 10.53
C HIS A 319 53.37 -0.27 10.29
N ASP A 320 54.66 0.02 10.19
CA ASP A 320 55.66 -1.02 9.92
C ASP A 320 55.73 -2.15 10.95
N LEU A 321 55.70 -1.81 12.23
CA LEU A 321 55.88 -2.84 13.25
C LEU A 321 54.66 -3.77 13.35
N TRP A 322 53.48 -3.22 13.12
CA TRP A 322 52.24 -3.99 13.20
C TRP A 322 51.77 -4.49 11.84
N ASP A 323 52.41 -4.00 10.78
CA ASP A 323 52.05 -4.33 9.40
C ASP A 323 50.56 -4.07 9.17
N SER A 324 50.15 -2.82 9.37
CA SER A 324 48.74 -2.45 9.31
C SER A 324 48.56 -1.10 8.63
N ARG A 325 47.32 -0.69 8.41
CA ARG A 325 47.06 0.58 7.75
C ARG A 325 46.70 1.65 8.77
N LEU A 326 46.97 2.91 8.44
CA LEU A 326 46.73 4.00 9.37
C LEU A 326 45.69 5.01 8.84
N PHE A 327 44.68 5.27 9.66
CA PHE A 327 43.58 6.16 9.28
C PHE A 327 44.04 7.58 8.99
N ALA A 328 43.36 8.23 8.04
CA ALA A 328 43.54 9.65 7.80
C ALA A 328 42.55 10.44 8.64
N TYR A 329 42.89 10.66 9.91
CA TYR A 329 41.97 11.31 10.85
C TYR A 329 41.60 12.73 10.43
N SER A 330 42.35 13.29 9.48
CA SER A 330 42.08 14.64 8.99
C SER A 330 40.95 14.64 7.98
N SER A 331 40.65 13.46 7.43
CA SER A 331 39.60 13.34 6.42
C SER A 331 38.20 13.37 7.03
N TRP A 332 37.35 14.23 6.47
CA TRP A 332 35.99 14.42 6.94
C TRP A 332 35.17 13.14 7.00
N GLU A 333 35.34 12.28 5.99
CA GLU A 333 34.56 11.05 5.91
C GLU A 333 35.11 9.98 6.86
N VAL A 334 36.38 10.12 7.22
CA VAL A 334 36.97 9.21 8.19
C VAL A 334 36.44 9.57 9.58
N LEU A 335 36.23 10.86 9.80
CA LEU A 335 35.62 11.31 11.04
C LEU A 335 34.19 10.79 11.14
N ARG A 336 33.44 10.87 10.05
CA ARG A 336 32.08 10.37 10.02
C ARG A 336 32.06 8.88 10.30
N PHE A 337 32.93 8.15 9.61
CA PHE A 337 33.05 6.71 9.77
C PHE A 337 33.32 6.31 11.22
N LEU A 338 34.36 6.88 11.82
CA LEU A 338 34.76 6.50 13.17
C LEU A 338 33.79 7.00 14.26
N LEU A 339 33.28 8.22 14.10
CA LEU A 339 32.34 8.75 15.07
C LEU A 339 31.00 8.00 15.02
N SER A 340 30.61 7.58 13.82
CA SER A 340 29.38 6.78 13.68
C SER A 340 29.59 5.39 14.26
N ASN A 341 30.83 4.93 14.23
CA ASN A 341 31.17 3.66 14.83
C ASN A 341 31.00 3.69 16.35
N ILE A 342 31.51 4.74 16.99
CA ILE A 342 31.35 4.93 18.42
C ILE A 342 29.87 4.97 18.81
N ARG A 343 29.11 5.77 18.07
CA ARG A 343 27.67 5.88 18.27
C ARG A 343 27.00 4.52 18.10
N TRP A 344 27.46 3.78 17.09
CA TRP A 344 26.94 2.46 16.78
C TRP A 344 27.03 1.51 17.97
N TRP A 345 28.19 1.49 18.63
CA TRP A 345 28.40 0.59 19.76
C TRP A 345 27.61 1.05 20.99
N LEU A 346 27.33 2.34 21.07
CA LEU A 346 26.51 2.87 22.16
C LEU A 346 25.02 2.58 21.96
N GLU A 347 24.52 2.79 20.75
CA GLU A 347 23.09 2.68 20.49
C GLU A 347 22.61 1.26 20.25
N GLU A 348 23.29 0.54 19.36
CA GLU A 348 22.83 -0.77 18.91
C GLU A 348 23.10 -1.86 19.95
N TYR A 349 24.22 -1.75 20.65
CA TYR A 349 24.62 -2.81 21.57
C TYR A 349 24.64 -2.33 23.02
N ARG A 350 24.42 -1.03 23.22
CA ARG A 350 24.23 -0.45 24.55
C ARG A 350 25.42 -0.60 25.50
N PHE A 351 26.63 -0.55 24.94
CA PHE A 351 27.82 -0.52 25.78
C PHE A 351 27.83 0.73 26.64
N ASP A 352 28.44 0.63 27.82
CA ASP A 352 28.43 1.74 28.77
C ASP A 352 29.67 2.62 28.66
N GLY A 353 30.55 2.29 27.74
CA GLY A 353 31.77 3.07 27.54
C GLY A 353 32.85 2.32 26.82
N PHE A 354 34.03 2.91 26.73
CA PHE A 354 35.08 2.38 25.88
C PHE A 354 36.47 2.49 26.46
N ARG A 355 37.31 1.49 26.17
CA ARG A 355 38.75 1.66 26.28
C ARG A 355 39.33 1.82 24.89
N PHE A 356 39.86 3.00 24.59
CA PHE A 356 40.50 3.24 23.30
C PHE A 356 41.91 2.65 23.32
N ASP A 357 42.10 1.55 22.60
CA ASP A 357 43.40 0.89 22.55
C ASP A 357 44.36 1.60 21.61
N GLY A 358 45.66 1.49 21.90
CA GLY A 358 46.70 2.01 21.02
C GLY A 358 46.73 3.52 20.87
N VAL A 359 46.38 4.25 21.92
CA VAL A 359 46.38 5.71 21.88
C VAL A 359 47.79 6.27 21.65
N THR A 360 48.79 5.65 22.28
CA THR A 360 50.17 6.08 22.14
C THR A 360 50.61 6.04 20.67
N SER A 361 50.26 4.96 19.99
CA SER A 361 50.57 4.80 18.58
C SER A 361 49.89 5.89 17.72
N MET A 362 48.65 6.22 18.07
CA MET A 362 47.89 7.25 17.33
C MET A 362 48.52 8.64 17.42
N LEU A 363 49.16 8.92 18.55
CA LEU A 363 49.65 10.26 18.85
C LEU A 363 51.02 10.54 18.24
N TYR A 364 51.82 9.51 18.03
CA TYR A 364 53.20 9.69 17.59
C TYR A 364 53.52 8.84 16.37
N HIS A 365 53.69 9.50 15.22
CA HIS A 365 54.01 8.84 13.96
C HIS A 365 55.27 8.00 14.06
N GLN A 384 56.97 14.47 17.23
CA GLN A 384 55.85 15.34 16.88
C GLN A 384 54.50 14.66 17.10
N VAL A 385 53.54 15.41 17.64
CA VAL A 385 52.23 14.88 17.95
C VAL A 385 51.29 14.91 16.74
N ASP A 386 50.61 13.81 16.48
CA ASP A 386 49.58 13.77 15.43
C ASP A 386 48.35 14.53 15.93
N GLU A 387 48.22 15.79 15.52
CA GLU A 387 47.16 16.65 16.04
C GLU A 387 45.80 16.26 15.48
N ASP A 388 45.82 15.54 14.36
CA ASP A 388 44.60 15.05 13.75
C ASP A 388 44.00 13.89 14.54
N ALA A 389 44.87 12.99 14.98
CA ALA A 389 44.44 11.83 15.78
C ALA A 389 43.88 12.25 17.14
N LEU A 390 44.53 13.23 17.77
CA LEU A 390 44.12 13.70 19.09
C LEU A 390 42.80 14.45 19.00
N THR A 391 42.60 15.16 17.89
CA THR A 391 41.36 15.89 17.67
C THR A 391 40.18 14.90 17.51
N TYR A 392 40.45 13.76 16.90
CA TYR A 392 39.42 12.73 16.81
C TYR A 392 39.08 12.17 18.19
N LEU A 393 40.11 11.88 18.98
CA LEU A 393 39.90 11.32 20.31
C LEU A 393 39.13 12.29 21.20
N MET A 394 39.40 13.58 21.06
CA MET A 394 38.64 14.59 21.78
C MET A 394 37.18 14.59 21.33
N LEU A 395 36.98 14.50 20.03
CA LEU A 395 35.63 14.46 19.46
C LEU A 395 34.90 13.19 19.89
N ALA A 396 35.64 12.08 19.96
CA ALA A 396 35.06 10.82 20.41
C ALA A 396 34.62 10.92 21.86
N ASN A 397 35.50 11.46 22.70
CA ASN A 397 35.18 11.65 24.12
C ASN A 397 34.02 12.62 24.30
N HIS A 398 34.02 13.70 23.52
CA HIS A 398 32.94 14.67 23.56
C HIS A 398 31.61 14.02 23.20
N LEU A 399 31.64 13.18 22.17
CA LEU A 399 30.45 12.47 21.72
C LEU A 399 29.85 11.60 22.82
N VAL A 400 30.68 10.74 23.39
CA VAL A 400 30.27 9.81 24.43
C VAL A 400 29.67 10.52 25.64
N HIS A 401 30.34 11.58 26.09
CA HIS A 401 29.93 12.27 27.31
C HIS A 401 28.75 13.22 27.10
N THR A 402 28.57 13.67 25.87
CA THR A 402 27.43 14.53 25.56
C THR A 402 26.12 13.74 25.48
N LEU A 403 26.18 12.53 24.94
CA LEU A 403 25.01 11.68 24.83
C LEU A 403 24.66 11.02 26.16
N CYS A 404 25.68 10.62 26.91
CA CYS A 404 25.48 10.23 28.30
C CYS A 404 26.70 10.57 29.15
N PRO A 405 26.55 11.54 30.06
CA PRO A 405 27.58 11.98 31.00
C PRO A 405 28.07 10.85 31.92
N ASP A 406 27.24 9.83 32.13
CA ASP A 406 27.58 8.73 33.01
C ASP A 406 28.45 7.67 32.34
N SER A 407 28.68 7.84 31.04
CA SER A 407 29.49 6.88 30.29
C SER A 407 30.98 7.09 30.57
N ILE A 408 31.75 6.03 30.39
CA ILE A 408 33.16 6.04 30.77
C ILE A 408 34.10 5.79 29.59
N THR A 409 35.17 6.58 29.50
CA THR A 409 36.19 6.32 28.49
C THR A 409 37.57 6.14 29.14
N ILE A 410 38.28 5.11 28.69
CA ILE A 410 39.61 4.80 29.22
C ILE A 410 40.64 4.86 28.10
N ALA A 411 41.77 5.52 28.36
CA ALA A 411 42.83 5.62 27.35
C ALA A 411 43.97 4.67 27.65
N GLU A 412 44.35 3.87 26.67
CA GLU A 412 45.55 3.06 26.79
C GLU A 412 46.72 3.85 26.23
N ASP A 413 47.46 4.52 27.12
CA ASP A 413 48.55 5.38 26.70
C ASP A 413 49.72 5.27 27.65
N VAL A 414 50.84 4.76 27.14
CA VAL A 414 52.02 4.56 27.96
C VAL A 414 52.87 5.82 28.01
N SER A 415 52.70 6.69 27.00
CA SER A 415 53.51 7.89 26.91
C SER A 415 53.22 8.87 28.04
N GLY A 416 52.00 8.85 28.56
CA GLY A 416 51.62 9.75 29.64
C GLY A 416 51.53 11.19 29.20
N MET A 417 51.05 11.40 27.98
CA MET A 417 50.89 12.73 27.40
C MET A 417 50.04 13.60 28.33
N PRO A 418 50.51 14.82 28.61
CA PRO A 418 49.83 15.67 29.59
C PRO A 418 48.38 16.01 29.24
N ALA A 419 47.56 16.12 30.28
CA ALA A 419 46.17 16.57 30.16
C ALA A 419 45.29 15.64 29.32
N LEU A 420 45.77 14.42 29.04
CA LEU A 420 44.96 13.49 28.26
C LEU A 420 43.70 13.05 28.99
N CYS A 421 43.78 12.92 30.31
CA CYS A 421 42.63 12.44 31.07
C CYS A 421 42.00 13.53 31.92
N SER A 422 42.13 14.78 31.49
CA SER A 422 41.48 15.91 32.13
C SER A 422 40.49 16.54 31.14
N PRO A 423 39.53 17.34 31.64
CA PRO A 423 38.46 17.88 30.78
C PRO A 423 38.93 18.64 29.54
N ILE A 424 38.14 18.54 28.48
CA ILE A 424 38.41 19.23 27.21
C ILE A 424 38.39 20.74 27.37
N SER A 425 37.46 21.24 28.20
CA SER A 425 37.33 22.67 28.44
C SER A 425 38.55 23.28 29.12
N GLN A 426 39.45 22.43 29.61
CA GLN A 426 40.71 22.89 30.19
C GLN A 426 41.87 22.57 29.24
N GLY A 427 41.54 22.24 28.00
CA GLY A 427 42.54 21.87 27.01
C GLY A 427 42.97 20.42 27.08
N GLY A 428 42.12 19.59 27.68
CA GLY A 428 42.43 18.19 27.86
C GLY A 428 41.92 17.26 26.77
N GLY A 429 42.28 15.98 26.87
CA GLY A 429 41.89 14.98 25.90
C GLY A 429 40.47 14.50 26.10
N GLY A 430 39.99 14.60 27.33
CA GLY A 430 38.61 14.27 27.67
C GLY A 430 38.39 12.86 28.16
N PHE A 431 39.46 12.09 28.31
CA PHE A 431 39.35 10.74 28.84
C PHE A 431 39.07 10.76 30.34
N ASP A 432 38.28 9.81 30.81
CA ASP A 432 38.00 9.71 32.23
C ASP A 432 39.15 9.05 32.98
N TYR A 433 39.72 8.01 32.39
CA TYR A 433 40.80 7.25 33.04
C TYR A 433 41.95 6.96 32.09
N ARG A 434 43.13 6.71 32.66
CA ARG A 434 44.23 6.11 31.93
C ARG A 434 44.65 4.84 32.66
N LEU A 435 45.31 3.93 31.96
CA LEU A 435 45.82 2.72 32.61
C LEU A 435 47.11 3.06 33.38
N ALA A 436 47.21 2.55 34.60
CA ALA A 436 48.42 2.73 35.40
C ALA A 436 49.44 1.67 35.03
N MET A 437 50.07 1.84 33.87
CA MET A 437 50.88 0.80 33.27
C MET A 437 52.23 0.62 33.95
N ALA A 438 52.58 1.55 34.83
CA ALA A 438 53.85 1.49 35.53
C ALA A 438 53.82 0.45 36.65
N ILE A 439 52.63 0.12 37.13
CA ILE A 439 52.49 -0.77 38.27
C ILE A 439 52.93 -2.22 37.97
N PRO A 440 52.46 -2.81 36.85
CA PRO A 440 52.93 -4.18 36.59
C PRO A 440 54.44 -4.25 36.35
N ASP A 441 54.99 -3.20 35.76
CA ASP A 441 56.44 -3.10 35.54
C ASP A 441 57.18 -3.24 36.86
N LYS A 442 56.66 -2.59 37.91
CA LYS A 442 57.31 -2.59 39.22
C LYS A 442 57.35 -3.98 39.85
N TRP A 443 56.24 -4.71 39.77
CA TRP A 443 56.19 -6.05 40.36
C TRP A 443 57.08 -7.03 39.61
N ILE A 444 57.16 -6.87 38.29
CA ILE A 444 58.03 -7.70 37.48
C ILE A 444 59.50 -7.47 37.86
N GLN A 445 59.90 -6.19 37.94
CA GLN A 445 61.26 -5.84 38.31
C GLN A 445 61.66 -6.45 39.66
N LEU A 446 60.83 -6.23 40.67
CA LEU A 446 61.10 -6.75 42.02
C LEU A 446 61.25 -8.27 42.02
N LEU A 447 60.35 -8.96 41.33
CA LEU A 447 60.34 -10.41 41.33
C LEU A 447 61.46 -10.97 40.46
N LYS A 448 61.91 -10.20 39.48
CA LYS A 448 62.95 -10.68 38.56
C LYS A 448 64.36 -10.40 39.06
N GLU A 449 64.56 -9.23 39.66
CA GLU A 449 65.91 -8.76 39.92
C GLU A 449 66.29 -8.60 41.39
N PHE A 450 65.33 -8.78 42.29
CA PHE A 450 65.62 -8.53 43.70
C PHE A 450 65.15 -9.65 44.62
N LYS A 451 66.05 -10.08 45.50
CA LYS A 451 65.69 -10.99 46.57
C LYS A 451 64.73 -10.26 47.51
N ASP A 452 63.89 -11.00 48.22
CA ASP A 452 62.86 -10.40 49.08
C ASP A 452 63.45 -9.43 50.11
N GLU A 453 64.62 -9.76 50.63
CA GLU A 453 65.31 -8.92 51.59
C GLU A 453 65.68 -7.54 51.06
N ASP A 454 65.70 -7.40 49.74
CA ASP A 454 66.20 -6.19 49.11
C ASP A 454 65.11 -5.30 48.52
N TRP A 455 63.85 -5.66 48.75
CA TRP A 455 62.73 -4.85 48.24
C TRP A 455 62.66 -3.48 48.89
N ASN A 456 62.65 -2.44 48.06
CA ASN A 456 62.53 -1.07 48.56
C ASN A 456 61.08 -0.66 48.75
N MET A 457 60.66 -0.52 50.02
CA MET A 457 59.28 -0.17 50.33
C MET A 457 58.92 1.22 49.81
N GLY A 458 59.87 2.15 49.94
CA GLY A 458 59.67 3.50 49.44
C GLY A 458 59.44 3.54 47.94
N ASP A 459 60.11 2.63 47.23
CA ASP A 459 59.94 2.53 45.78
C ASP A 459 58.57 1.98 45.41
N ILE A 460 58.10 1.00 46.20
CA ILE A 460 56.79 0.44 45.98
C ILE A 460 55.72 1.50 46.18
N VAL A 461 55.86 2.28 47.25
CA VAL A 461 54.87 3.31 47.57
C VAL A 461 54.88 4.44 46.54
N TYR A 462 56.07 4.80 46.05
CA TYR A 462 56.18 5.84 45.03
C TYR A 462 55.46 5.44 43.75
N THR A 463 55.68 4.20 43.32
CA THR A 463 55.09 3.72 42.08
C THR A 463 53.56 3.69 42.16
N LEU A 464 53.06 3.29 43.33
CA LEU A 464 51.62 3.15 43.55
C LEU A 464 50.90 4.49 43.77
N THR A 465 51.63 5.50 44.23
CA THR A 465 51.01 6.77 44.59
C THR A 465 51.28 7.87 43.56
N ASN A 466 52.08 7.54 42.55
CA ASN A 466 52.50 8.52 41.54
C ASN A 466 51.41 8.90 40.53
N ARG A 467 50.72 9.98 40.80
CA ARG A 467 49.62 10.45 39.95
C ARG A 467 49.61 11.96 39.79
N GLU A 471 44.88 13.41 37.38
CA GLU A 471 44.42 12.45 36.39
C GLU A 471 44.17 11.09 37.03
N LYS A 472 42.97 10.56 36.79
CA LYS A 472 42.56 9.29 37.37
C LYS A 472 43.08 8.11 36.56
N CYS A 473 43.64 7.13 37.25
CA CYS A 473 44.18 5.94 36.60
C CYS A 473 43.47 4.67 37.06
N ILE A 474 43.43 3.67 36.18
CA ILE A 474 42.97 2.33 36.53
C ILE A 474 44.16 1.46 36.92
N ALA A 475 44.19 1.02 38.17
CA ALA A 475 45.30 0.22 38.67
C ALA A 475 45.07 -1.28 38.45
N TYR A 476 46.15 -1.99 38.14
CA TYR A 476 46.11 -3.44 38.00
C TYR A 476 47.49 -4.05 38.28
N ALA A 477 47.50 -5.27 38.79
CA ALA A 477 48.76 -5.91 39.20
C ALA A 477 49.51 -6.51 38.02
N GLU A 478 48.78 -7.18 37.12
CA GLU A 478 49.38 -7.74 35.91
C GLU A 478 48.49 -7.52 34.70
N SER A 479 49.10 -7.51 33.51
CA SER A 479 48.39 -7.22 32.28
C SER A 479 47.97 -8.50 31.56
N HIS A 480 47.16 -8.35 30.52
CA HIS A 480 46.74 -9.50 29.71
C HIS A 480 47.92 -9.97 28.86
N ASP A 481 48.85 -9.07 28.56
CA ASP A 481 50.07 -9.44 27.85
C ASP A 481 50.91 -10.41 28.67
N GLN A 482 50.80 -10.34 29.98
CA GLN A 482 51.61 -11.18 30.87
C GLN A 482 51.01 -12.58 31.02
N ALA A 483 49.82 -12.78 30.49
CA ALA A 483 49.15 -14.07 30.59
C ALA A 483 49.47 -14.93 29.38
N LEU A 484 50.15 -14.32 28.40
CA LEU A 484 50.41 -14.97 27.13
C LEU A 484 51.61 -15.92 27.19
N VAL A 485 51.75 -16.75 26.16
CA VAL A 485 52.83 -17.71 26.07
C VAL A 485 54.18 -17.01 25.89
N GLY A 486 55.20 -17.51 26.60
CA GLY A 486 56.53 -16.96 26.51
C GLY A 486 56.79 -15.96 27.61
N ASP A 487 55.71 -15.48 28.22
CA ASP A 487 55.79 -14.49 29.28
C ASP A 487 55.51 -15.15 30.63
N LYS A 488 55.47 -14.35 31.68
CA LYS A 488 55.22 -14.89 33.03
C LYS A 488 54.13 -14.13 33.76
N SER A 489 53.19 -14.88 34.34
CA SER A 489 52.17 -14.32 35.22
C SER A 489 52.72 -14.12 36.63
N LEU A 490 51.98 -13.38 37.46
CA LEU A 490 52.34 -13.23 38.86
C LEU A 490 52.42 -14.60 39.55
N ALA A 491 51.46 -15.46 39.24
CA ALA A 491 51.39 -16.78 39.86
C ALA A 491 52.62 -17.61 39.50
N PHE A 492 53.11 -17.44 38.27
CA PHE A 492 54.28 -18.21 37.82
C PHE A 492 55.59 -17.58 38.33
N TRP A 493 55.63 -16.26 38.41
CA TRP A 493 56.76 -15.57 39.01
C TRP A 493 56.97 -16.00 40.47
N LEU A 494 55.87 -16.30 41.15
CA LEU A 494 55.90 -16.55 42.59
C LEU A 494 56.10 -18.02 42.93
N MET A 495 55.54 -18.91 42.12
CA MET A 495 55.53 -20.34 42.45
C MET A 495 56.38 -21.16 41.49
N ASP A 496 56.61 -20.61 40.30
CA ASP A 496 57.39 -21.28 39.25
C ASP A 496 56.93 -22.72 39.02
N ALA A 497 57.85 -23.67 39.17
CA ALA A 497 57.57 -25.06 38.83
C ALA A 497 56.67 -25.75 39.85
N GLU A 498 56.63 -25.22 41.08
CA GLU A 498 55.82 -25.84 42.13
C GLU A 498 54.33 -25.59 41.90
N MET A 499 54.04 -24.75 40.92
CA MET A 499 52.67 -24.52 40.45
C MET A 499 51.99 -25.84 40.04
N TYR A 500 52.79 -26.79 39.56
CA TYR A 500 52.25 -28.04 39.02
C TYR A 500 52.51 -29.24 39.93
N THR A 501 53.15 -29.02 41.07
CA THR A 501 53.47 -30.12 41.97
C THR A 501 52.83 -29.99 43.34
N ASN A 502 52.60 -28.75 43.79
CA ASN A 502 52.12 -28.54 45.15
C ASN A 502 50.91 -27.60 45.25
N MET A 503 50.06 -27.62 44.22
CA MET A 503 48.81 -26.88 44.25
C MET A 503 47.67 -27.77 44.70
N SER A 504 48.02 -29.01 45.05
CA SER A 504 47.05 -29.93 45.64
C SER A 504 47.18 -29.89 47.15
N VAL A 505 46.04 -29.87 47.84
CA VAL A 505 46.05 -29.83 49.30
C VAL A 505 46.53 -31.15 49.90
N LEU A 506 46.69 -32.16 49.05
CA LEU A 506 47.18 -33.47 49.47
C LEU A 506 48.70 -33.53 49.43
N THR A 507 49.32 -32.43 49.02
CA THR A 507 50.77 -32.34 48.92
C THR A 507 51.30 -31.41 50.02
N PRO A 508 52.61 -31.45 50.31
CA PRO A 508 53.17 -30.58 51.34
C PRO A 508 53.01 -29.09 51.05
N PHE A 509 52.64 -28.33 52.08
CA PHE A 509 52.57 -26.87 51.98
C PHE A 509 53.98 -26.28 52.08
N THR A 510 54.75 -26.43 51.01
CA THR A 510 56.16 -26.03 50.98
C THR A 510 56.34 -24.53 51.18
N PRO A 511 57.54 -24.11 51.62
CA PRO A 511 57.85 -22.69 51.77
C PRO A 511 57.78 -21.91 50.46
N VAL A 512 57.86 -22.60 49.33
CA VAL A 512 57.75 -21.95 48.02
C VAL A 512 56.29 -21.62 47.72
N ILE A 513 55.42 -22.61 47.86
CA ILE A 513 53.98 -22.41 47.66
C ILE A 513 53.39 -21.44 48.68
N ASP A 514 53.85 -21.54 49.92
CA ASP A 514 53.39 -20.66 50.98
C ASP A 514 53.72 -19.21 50.65
N ARG A 515 54.97 -18.95 50.32
CA ARG A 515 55.41 -17.60 49.97
C ARG A 515 54.63 -17.06 48.78
N GLY A 516 54.41 -17.92 47.79
CA GLY A 516 53.68 -17.55 46.59
C GLY A 516 52.23 -17.15 46.87
N ILE A 517 51.51 -17.99 47.59
CA ILE A 517 50.12 -17.72 47.93
C ILE A 517 49.96 -16.43 48.73
N GLN A 518 50.88 -16.17 49.65
CA GLN A 518 50.78 -14.98 50.49
C GLN A 518 51.07 -13.71 49.71
N LEU A 519 52.13 -13.72 48.91
CA LEU A 519 52.53 -12.53 48.17
C LEU A 519 51.54 -12.21 47.05
N HIS A 520 50.89 -13.25 46.52
CA HIS A 520 49.88 -13.07 45.49
C HIS A 520 48.72 -12.24 46.04
N LYS A 521 48.30 -12.55 47.27
CA LYS A 521 47.24 -11.81 47.94
C LYS A 521 47.69 -10.40 48.29
N MET A 522 48.91 -10.28 48.81
CA MET A 522 49.42 -8.99 49.28
C MET A 522 49.65 -8.02 48.13
N ILE A 523 50.22 -8.51 47.03
CA ILE A 523 50.51 -7.68 45.87
C ILE A 523 49.22 -7.11 45.29
N ARG A 524 48.20 -7.95 45.21
CA ARG A 524 46.89 -7.53 44.72
C ARG A 524 46.24 -6.50 45.64
N LEU A 525 46.27 -6.76 46.94
CA LEU A 525 45.60 -5.88 47.91
C LEU A 525 46.22 -4.49 48.01
N ILE A 526 47.55 -4.41 47.97
CA ILE A 526 48.21 -3.11 48.08
C ILE A 526 48.00 -2.32 46.79
N THR A 527 47.93 -3.02 45.68
CA THR A 527 47.64 -2.38 44.39
C THR A 527 46.20 -1.90 44.39
N HIS A 528 45.31 -2.74 44.92
CA HIS A 528 43.89 -2.46 44.97
C HIS A 528 43.61 -1.23 45.83
N GLY A 529 44.28 -1.14 46.97
CA GLY A 529 44.02 -0.09 47.94
C GLY A 529 44.79 1.19 47.75
N LEU A 530 45.96 1.11 47.12
CA LEU A 530 46.85 2.27 47.04
C LEU A 530 47.03 2.79 45.61
N GLY A 531 46.88 1.90 44.62
CA GLY A 531 47.37 2.17 43.28
C GLY A 531 46.60 3.09 42.36
N GLY A 532 45.29 3.23 42.56
CA GLY A 532 44.52 4.05 41.65
C GLY A 532 43.11 4.40 42.09
N GLU A 533 42.31 4.86 41.13
CA GLU A 533 40.93 5.25 41.38
C GLU A 533 39.99 4.24 40.76
N GLY A 534 40.58 3.16 40.26
CA GLY A 534 39.85 2.05 39.71
C GLY A 534 40.75 0.83 39.69
N TYR A 535 40.16 -0.34 39.62
CA TYR A 535 40.91 -1.59 39.64
C TYR A 535 40.56 -2.47 38.46
N LEU A 536 41.56 -3.15 37.90
CA LEU A 536 41.33 -4.07 36.80
C LEU A 536 41.99 -5.43 37.09
N ASN A 537 41.33 -6.48 36.62
CA ASN A 537 41.81 -7.84 36.80
C ASN A 537 41.52 -8.64 35.54
N PHE A 538 42.55 -9.25 34.96
CA PHE A 538 42.34 -10.03 33.75
C PHE A 538 41.85 -11.42 34.10
N MET A 539 40.94 -11.92 33.28
CA MET A 539 40.23 -13.17 33.53
C MET A 539 41.16 -14.33 33.84
N GLY A 540 40.92 -14.98 34.98
CA GLY A 540 41.75 -16.09 35.41
C GLY A 540 42.71 -15.76 36.54
N ASN A 541 43.30 -14.56 36.47
CA ASN A 541 44.33 -14.16 37.43
C ASN A 541 43.81 -13.94 38.86
N GLU A 542 42.50 -13.86 39.03
CA GLU A 542 41.95 -13.62 40.37
C GLU A 542 42.15 -14.84 41.27
N PHE A 543 42.48 -15.98 40.68
CA PHE A 543 42.79 -17.17 41.47
C PHE A 543 44.14 -17.77 41.11
N GLY A 544 44.98 -17.00 40.44
CA GLY A 544 46.31 -17.44 40.07
C GLY A 544 46.29 -18.58 39.05
N HIS A 545 45.57 -18.37 37.96
CA HIS A 545 45.46 -19.34 36.87
C HIS A 545 46.82 -19.81 36.40
N PRO A 546 47.02 -21.14 36.35
CA PRO A 546 48.30 -21.76 35.99
C PRO A 546 48.55 -21.72 34.48
N GLU A 547 49.68 -22.29 34.06
CA GLU A 547 50.02 -22.40 32.65
C GLU A 547 50.03 -21.05 31.96
N TRP A 548 49.55 -20.99 30.73
CA TRP A 548 49.55 -19.74 29.98
C TRP A 548 48.43 -19.66 28.94
N LEU A 549 48.36 -18.53 28.26
CA LEU A 549 47.33 -18.31 27.24
C LEU A 549 47.95 -18.23 25.85
N ASP A 550 47.37 -18.94 24.90
CA ASP A 550 47.86 -18.96 23.53
C ASP A 550 46.71 -19.20 22.55
N PHE A 551 46.78 -18.56 21.40
CA PHE A 551 45.74 -18.71 20.37
C PHE A 551 46.23 -19.57 19.22
N PRO A 552 45.31 -20.24 18.51
CA PRO A 552 45.65 -21.02 17.31
C PRO A 552 46.36 -20.17 16.27
N ARG A 553 47.50 -20.64 15.80
CA ARG A 553 48.31 -19.91 14.83
C ARG A 553 49.31 -20.84 14.15
N LYS A 554 50.14 -20.28 13.29
CA LYS A 554 51.16 -21.05 12.58
C LYS A 554 52.14 -21.69 13.57
N GLY A 555 52.59 -20.89 14.54
CA GLY A 555 53.62 -21.31 15.48
C GLY A 555 53.27 -22.44 16.44
N ASN A 556 52.02 -22.89 16.43
CA ASN A 556 51.63 -24.05 17.23
C ASN A 556 50.71 -24.98 16.47
N ASN A 557 50.68 -24.83 15.15
CA ASN A 557 49.89 -25.68 14.27
C ASN A 557 48.38 -25.60 14.57
N GLU A 558 47.88 -24.37 14.69
CA GLU A 558 46.46 -24.10 14.93
C GLU A 558 45.92 -24.79 16.18
N SER A 559 46.70 -24.75 17.26
CA SER A 559 46.30 -25.42 18.50
C SER A 559 45.42 -24.54 19.39
N TYR A 560 44.36 -25.16 19.92
CA TYR A 560 43.45 -24.49 20.87
C TYR A 560 43.65 -24.94 22.32
N HIS A 561 44.72 -25.69 22.59
CA HIS A 561 44.86 -26.32 23.90
C HIS A 561 45.02 -25.30 25.03
N TYR A 562 45.62 -24.16 24.74
CA TYR A 562 45.81 -23.11 25.73
C TYR A 562 44.93 -21.88 25.50
N ALA A 563 43.98 -22.01 24.57
CA ALA A 563 43.05 -20.94 24.29
C ALA A 563 41.77 -21.11 25.09
N ARG A 564 41.93 -21.23 26.41
CA ARG A 564 40.82 -21.55 27.30
C ARG A 564 41.08 -21.02 28.70
N ARG A 565 40.11 -21.20 29.59
CA ARG A 565 40.26 -20.82 30.99
C ARG A 565 39.71 -21.92 31.89
N GLN A 566 40.52 -22.38 32.83
CA GLN A 566 40.13 -23.48 33.71
C GLN A 566 39.42 -23.00 34.97
N PHE A 567 38.25 -22.41 34.80
CA PHE A 567 37.49 -21.89 35.93
C PHE A 567 37.14 -22.95 36.97
N HIS A 568 37.13 -24.22 36.54
CA HIS A 568 36.75 -25.32 37.42
C HIS A 568 37.79 -25.57 38.52
N LEU A 569 39.00 -25.06 38.33
CA LEU A 569 40.07 -25.21 39.31
C LEU A 569 39.70 -24.61 40.66
N THR A 570 38.87 -23.57 40.64
CA THR A 570 38.46 -22.91 41.88
C THR A 570 37.38 -23.71 42.60
N ASP A 571 36.69 -24.56 41.86
CA ASP A 571 35.61 -25.38 42.43
C ASP A 571 36.13 -26.68 43.04
N ASP A 572 37.38 -27.01 42.73
CA ASP A 572 38.00 -28.23 43.25
C ASP A 572 38.46 -28.00 44.69
N ASP A 573 37.84 -28.72 45.62
CA ASP A 573 38.13 -28.55 47.04
C ASP A 573 39.50 -29.10 47.40
N LEU A 574 40.05 -29.95 46.54
CA LEU A 574 41.34 -30.59 46.79
C LEU A 574 42.52 -29.78 46.25
N LEU A 575 42.22 -28.63 45.65
CA LEU A 575 43.27 -27.77 45.12
C LEU A 575 43.34 -26.45 45.90
N ARG A 576 44.43 -25.72 45.75
CA ARG A 576 44.67 -24.53 46.56
C ARG A 576 44.34 -23.23 45.83
N TYR A 577 43.88 -23.33 44.59
CA TYR A 577 43.45 -22.16 43.84
C TYR A 577 42.24 -21.47 44.47
N LYS A 578 41.45 -22.23 45.22
CA LYS A 578 40.28 -21.67 45.91
C LYS A 578 40.67 -20.59 46.91
N PHE A 579 41.89 -20.68 47.44
CA PHE A 579 42.36 -19.73 48.45
C PHE A 579 42.54 -18.34 47.84
N LEU A 580 43.15 -18.29 46.66
CA LEU A 580 43.38 -17.03 45.97
C LEU A 580 42.05 -16.44 45.48
N ASN A 581 41.16 -17.33 45.05
CA ASN A 581 39.85 -16.91 44.58
C ASN A 581 39.00 -16.35 45.71
N ASN A 582 39.05 -17.00 46.87
CA ASN A 582 38.30 -16.53 48.04
C ASN A 582 38.76 -15.15 48.47
N PHE A 583 40.06 -14.89 48.37
CA PHE A 583 40.61 -13.61 48.77
C PHE A 583 40.15 -12.49 47.85
N ASP A 584 40.10 -12.79 46.55
CA ASP A 584 39.69 -11.80 45.57
C ASP A 584 38.24 -11.38 45.78
N ARG A 585 37.38 -12.35 46.06
CA ARG A 585 35.97 -12.07 46.29
C ARG A 585 35.76 -11.18 47.51
N ASP A 586 36.47 -11.46 48.60
CA ASP A 586 36.28 -10.68 49.83
C ASP A 586 36.96 -9.31 49.74
N MET A 587 38.00 -9.21 48.92
CA MET A 587 38.68 -7.94 48.72
C MET A 587 37.77 -6.92 48.03
N ASN A 588 37.12 -7.36 46.95
CA ASN A 588 36.23 -6.48 46.20
C ASN A 588 34.92 -6.18 46.93
N ARG A 589 34.45 -7.13 47.73
CA ARG A 589 33.24 -6.90 48.51
C ARG A 589 33.52 -5.91 49.62
N LEU A 590 34.76 -5.90 50.09
CA LEU A 590 35.18 -4.97 51.13
C LEU A 590 35.27 -3.55 50.58
N GLU A 591 35.77 -3.42 49.35
CA GLU A 591 35.88 -2.12 48.70
C GLU A 591 34.48 -1.55 48.44
N GLU A 592 33.56 -2.41 48.04
CA GLU A 592 32.17 -1.99 47.84
C GLU A 592 31.58 -1.40 49.12
N ARG A 593 31.97 -1.93 50.28
CA ARG A 593 31.45 -1.43 51.54
C ARG A 593 32.12 -0.13 52.00
N TYR A 594 33.42 0.01 51.75
CA TYR A 594 34.15 1.16 52.29
C TYR A 594 34.53 2.20 51.22
N GLY A 595 34.62 1.76 49.97
CA GLY A 595 34.82 2.68 48.86
C GLY A 595 36.15 3.41 48.90
N TRP A 596 37.24 2.67 49.05
CA TRP A 596 38.55 3.32 49.17
C TRP A 596 39.07 3.77 47.81
N LEU A 597 38.55 3.21 46.73
CA LEU A 597 38.99 3.61 45.39
C LEU A 597 38.55 5.03 45.04
N ALA A 598 37.41 5.46 45.59
CA ALA A 598 36.90 6.80 45.31
C ALA A 598 37.28 7.78 46.42
N ALA A 599 37.93 7.27 47.46
CA ALA A 599 38.35 8.10 48.57
C ALA A 599 39.55 8.92 48.14
N PRO A 600 39.87 10.01 48.88
CA PRO A 600 41.09 10.75 48.56
C PRO A 600 42.33 9.87 48.66
N GLN A 601 43.45 10.34 48.10
CA GLN A 601 44.68 9.53 48.11
C GLN A 601 45.12 9.28 49.55
N ALA A 602 45.61 8.07 49.79
CA ALA A 602 45.95 7.61 51.14
C ALA A 602 47.05 8.42 51.83
N TYR A 603 47.02 8.41 53.16
CA TYR A 603 48.10 8.97 53.95
C TYR A 603 49.03 7.85 54.41
N VAL A 604 50.23 7.79 53.81
CA VAL A 604 51.21 6.77 54.16
C VAL A 604 52.02 7.21 55.38
N SER A 605 51.89 6.47 56.48
CA SER A 605 52.57 6.84 57.71
C SER A 605 53.89 6.11 57.91
N GLU A 606 54.08 4.99 57.21
CA GLU A 606 55.29 4.20 57.36
C GLU A 606 55.66 3.40 56.12
N LYS A 607 56.89 3.59 55.67
CA LYS A 607 57.48 2.74 54.64
C LYS A 607 58.87 2.33 55.12
N HIS A 608 58.90 1.46 56.12
CA HIS A 608 60.15 1.10 56.80
C HIS A 608 60.95 0.08 56.01
N GLU A 609 62.17 0.46 55.63
CA GLU A 609 63.01 -0.39 54.81
C GLU A 609 63.57 -1.56 55.62
N GLY A 610 63.90 -1.30 56.87
CA GLY A 610 64.46 -2.33 57.73
C GLY A 610 63.45 -3.40 58.11
N ASN A 611 62.28 -2.97 58.58
CA ASN A 611 61.24 -3.89 59.01
C ASN A 611 60.39 -4.41 57.86
N LYS A 612 60.50 -3.77 56.70
CA LYS A 612 59.71 -4.09 55.52
C LYS A 612 58.21 -3.96 55.80
N ILE A 613 57.84 -2.85 56.43
CA ILE A 613 56.44 -2.59 56.75
C ILE A 613 55.92 -1.39 55.97
N ILE A 614 54.76 -1.55 55.34
CA ILE A 614 54.05 -0.42 54.74
C ILE A 614 52.71 -0.22 55.42
N ALA A 615 52.48 0.98 55.93
CA ALA A 615 51.24 1.31 56.62
C ALA A 615 50.64 2.62 56.09
N PHE A 616 49.35 2.60 55.80
CA PHE A 616 48.68 3.81 55.33
C PHE A 616 47.20 3.80 55.70
N GLU A 617 46.56 4.96 55.61
CA GLU A 617 45.14 5.10 55.87
C GLU A 617 44.39 5.57 54.63
N ARG A 618 43.27 4.92 54.32
CA ARG A 618 42.42 5.38 53.24
C ARG A 618 40.96 5.04 53.51
N ALA A 619 40.08 6.01 53.30
CA ALA A 619 38.65 5.87 53.55
C ALA A 619 38.36 5.43 54.99
N GLY A 620 39.18 5.92 55.92
CA GLY A 620 39.01 5.63 57.33
C GLY A 620 39.61 4.30 57.77
N LEU A 621 39.90 3.44 56.80
CA LEU A 621 40.47 2.13 57.08
C LEU A 621 41.98 2.22 57.32
N LEU A 622 42.50 1.26 58.08
CA LEU A 622 43.93 1.18 58.34
C LEU A 622 44.56 -0.03 57.66
N PHE A 623 45.48 0.23 56.71
CA PHE A 623 46.15 -0.83 55.98
C PHE A 623 47.54 -1.06 56.54
N ILE A 624 47.85 -2.32 56.88
CA ILE A 624 49.18 -2.67 57.37
C ILE A 624 49.75 -3.84 56.56
N PHE A 625 50.92 -3.63 55.96
CA PHE A 625 51.58 -4.68 55.20
C PHE A 625 52.92 -5.07 55.81
N ASN A 626 53.14 -6.36 56.00
CA ASN A 626 54.45 -6.86 56.43
C ASN A 626 55.12 -7.67 55.33
N PHE A 627 56.01 -7.02 54.57
CA PHE A 627 56.66 -7.68 53.45
C PHE A 627 57.97 -8.35 53.84
N HIS A 628 58.29 -8.37 55.13
CA HIS A 628 59.51 -9.00 55.58
C HIS A 628 59.42 -10.51 55.40
N PRO A 629 60.44 -11.12 54.81
CA PRO A 629 60.46 -12.54 54.46
C PRO A 629 60.62 -13.49 55.64
N SER A 630 60.87 -12.99 56.85
CA SER A 630 61.04 -13.89 57.99
C SER A 630 60.56 -13.33 59.34
N LYS A 631 60.67 -12.03 59.54
CA LYS A 631 60.38 -11.46 60.86
C LYS A 631 58.88 -11.20 61.08
N SER A 632 58.42 -11.52 62.29
CA SER A 632 57.07 -11.17 62.71
C SER A 632 57.14 -10.25 63.91
N TYR A 633 56.15 -9.38 64.05
CA TYR A 633 56.19 -8.36 65.10
C TYR A 633 54.99 -8.51 66.04
N THR A 634 55.23 -8.44 67.34
CA THR A 634 54.18 -8.77 68.31
C THR A 634 53.60 -7.53 68.97
N ASP A 635 54.44 -6.52 69.20
CA ASP A 635 53.95 -5.26 69.77
C ASP A 635 54.34 -4.09 68.88
N TYR A 636 53.95 -4.17 67.62
CA TYR A 636 54.35 -3.18 66.62
C TYR A 636 53.42 -1.97 66.62
N ARG A 637 54.03 -0.78 66.69
CA ARG A 637 53.27 0.46 66.79
C ARG A 637 52.95 1.03 65.40
N VAL A 638 51.69 1.37 65.19
CA VAL A 638 51.24 1.93 63.93
C VAL A 638 50.43 3.18 64.21
N GLY A 639 50.77 4.28 63.53
CA GLY A 639 50.08 5.54 63.75
C GLY A 639 48.71 5.56 63.10
N THR A 640 47.76 6.24 63.74
CA THR A 640 46.43 6.41 63.17
C THR A 640 45.92 7.84 63.32
N ALA A 641 44.86 8.13 62.59
CA ALA A 641 44.26 9.47 62.55
C ALA A 641 43.13 9.59 63.57
N LEU A 642 42.56 8.46 63.97
CA LEU A 642 41.37 8.49 64.80
C LEU A 642 41.58 7.76 66.13
N PRO A 643 40.89 8.23 67.19
CA PRO A 643 40.93 7.54 68.48
C PRO A 643 39.80 6.52 68.56
N GLY A 644 39.91 5.55 69.46
CA GLY A 644 38.81 4.63 69.63
C GLY A 644 39.20 3.17 69.54
N LYS A 645 38.19 2.34 69.30
CA LYS A 645 38.38 0.89 69.16
C LYS A 645 38.51 0.51 67.69
N PHE A 646 39.47 -0.37 67.39
CA PHE A 646 39.68 -0.85 66.03
C PHE A 646 39.44 -2.36 65.94
N LYS A 647 38.79 -2.78 64.87
CA LYS A 647 38.58 -4.21 64.63
C LYS A 647 39.14 -4.62 63.27
N ILE A 648 39.65 -5.84 63.19
CA ILE A 648 40.15 -6.39 61.92
C ILE A 648 38.99 -6.71 60.99
N VAL A 649 39.00 -6.12 59.79
CA VAL A 649 37.95 -6.40 58.82
C VAL A 649 38.46 -7.24 57.65
N LEU A 650 39.76 -7.38 57.52
CA LEU A 650 40.34 -8.28 56.53
C LEU A 650 41.74 -8.71 56.95
N ASP A 651 41.99 -10.01 56.88
CA ASP A 651 43.26 -10.59 57.30
C ASP A 651 43.68 -11.70 56.36
N SER A 652 44.75 -11.46 55.60
CA SER A 652 45.21 -12.42 54.59
C SER A 652 45.71 -13.73 55.20
N ASP A 653 45.85 -13.77 56.52
CA ASP A 653 46.33 -14.97 57.21
C ASP A 653 45.18 -15.90 57.59
N ALA A 654 43.96 -15.53 57.21
CA ALA A 654 42.81 -16.38 57.48
C ALA A 654 42.95 -17.73 56.80
N ALA A 655 42.32 -18.75 57.39
CA ALA A 655 42.41 -20.11 56.85
C ALA A 655 41.72 -20.17 55.49
N GLU A 656 40.71 -19.34 55.32
CA GLU A 656 39.94 -19.28 54.08
C GLU A 656 40.76 -18.75 52.92
N TYR A 657 41.85 -18.04 53.23
CA TYR A 657 42.71 -17.45 52.21
C TYR A 657 44.00 -18.25 52.00
N GLY A 658 44.15 -19.34 52.75
CA GLY A 658 45.36 -20.14 52.69
C GLY A 658 46.43 -19.63 53.64
N GLY A 659 45.98 -19.06 54.75
CA GLY A 659 46.88 -18.56 55.78
C GLY A 659 47.09 -19.58 56.88
N HIS A 660 47.63 -19.13 58.01
CA HIS A 660 47.94 -20.03 59.12
C HIS A 660 47.05 -19.77 60.33
N GLN A 661 46.04 -18.93 60.15
CA GLN A 661 45.06 -18.59 61.20
C GLN A 661 45.71 -18.27 62.54
N ARG A 662 46.68 -17.35 62.53
CA ARG A 662 47.40 -16.98 63.74
C ARG A 662 46.75 -15.83 64.49
N LEU A 663 45.94 -15.04 63.78
CA LEU A 663 45.33 -13.86 64.39
C LEU A 663 43.97 -14.17 64.99
N ASP A 664 43.66 -13.51 66.10
CA ASP A 664 42.36 -13.64 66.74
C ASP A 664 41.52 -12.43 66.34
N HIS A 665 40.52 -12.65 65.49
CA HIS A 665 39.74 -11.56 64.92
C HIS A 665 38.77 -10.92 65.92
N SER A 666 38.67 -11.50 67.10
CA SER A 666 37.77 -10.97 68.12
C SER A 666 38.53 -9.96 68.98
N THR A 667 39.82 -9.80 68.69
CA THR A 667 40.68 -8.92 69.47
C THR A 667 40.32 -7.44 69.27
N ASP A 668 40.10 -6.75 70.38
CA ASP A 668 39.90 -5.32 70.38
C ASP A 668 41.21 -4.56 70.29
N PHE A 669 41.30 -3.63 69.32
CA PHE A 669 42.46 -2.76 69.22
C PHE A 669 42.11 -1.33 69.65
N PHE A 670 42.77 -0.85 70.69
CA PHE A 670 42.46 0.46 71.23
C PHE A 670 43.53 1.48 70.89
N SER A 671 43.07 2.64 70.44
CA SER A 671 43.92 3.74 70.03
C SER A 671 44.21 4.69 71.19
N GLU A 672 45.49 4.87 71.50
CA GLU A 672 45.87 5.73 72.62
C GLU A 672 46.48 7.05 72.11
N ALA A 673 46.42 8.07 72.95
CA ALA A 673 47.03 9.36 72.64
C ALA A 673 48.55 9.25 72.74
N PHE A 674 49.21 8.98 71.62
CA PHE A 674 50.66 8.87 71.62
C PHE A 674 51.16 9.09 70.21
N GLU A 675 51.74 10.26 69.96
CA GLU A 675 52.20 10.63 68.62
C GLU A 675 53.20 9.63 68.07
N HIS A 676 53.03 9.27 66.80
CA HIS A 676 53.92 8.32 66.15
C HIS A 676 53.81 8.41 64.63
N ASN A 677 54.96 8.59 63.97
CA ASN A 677 55.03 8.68 62.51
C ASN A 677 54.17 9.79 61.93
N GLY A 678 54.05 10.89 62.66
CA GLY A 678 53.29 12.03 62.19
C GLY A 678 51.80 11.87 62.36
N ARG A 679 51.39 10.90 63.18
CA ARG A 679 49.98 10.72 63.50
C ARG A 679 49.73 11.05 64.97
N PRO A 680 48.58 11.66 65.27
CA PRO A 680 48.26 12.05 66.64
C PRO A 680 47.98 10.86 67.55
N TYR A 681 47.58 9.72 66.99
CA TYR A 681 47.30 8.53 67.80
C TYR A 681 48.02 7.32 67.24
N SER A 682 48.07 6.24 68.02
CA SER A 682 48.77 5.04 67.62
C SER A 682 48.20 3.83 68.37
N LEU A 683 48.31 2.66 67.75
CA LEU A 683 47.90 1.41 68.38
C LEU A 683 48.96 0.34 68.21
N LEU A 684 48.86 -0.75 68.98
CA LEU A 684 49.81 -1.85 68.89
C LEU A 684 49.20 -3.07 68.21
N VAL A 685 49.93 -3.66 67.28
CA VAL A 685 49.42 -4.76 66.48
C VAL A 685 50.39 -5.93 66.38
N TYR A 686 49.86 -7.13 66.19
CA TYR A 686 50.66 -8.31 65.88
C TYR A 686 50.53 -8.63 64.40
N ILE A 687 51.64 -8.51 63.68
CA ILE A 687 51.61 -8.67 62.22
C ILE A 687 52.71 -9.63 61.74
N PRO A 688 52.32 -10.88 61.46
CA PRO A 688 53.25 -11.93 61.02
C PRO A 688 53.91 -11.64 59.67
N SER A 689 54.96 -12.37 59.36
CA SER A 689 55.67 -12.23 58.09
C SER A 689 54.75 -12.57 56.91
N ARG A 690 54.74 -11.69 55.91
CA ARG A 690 53.94 -11.86 54.71
C ARG A 690 52.45 -11.95 55.02
N VAL A 691 51.96 -10.97 55.78
CA VAL A 691 50.54 -10.85 56.11
C VAL A 691 50.08 -9.41 55.90
N ALA A 692 48.88 -9.24 55.34
CA ALA A 692 48.29 -7.93 55.21
C ALA A 692 47.06 -7.78 56.11
N LEU A 693 46.91 -6.61 56.72
CA LEU A 693 45.78 -6.35 57.61
C LEU A 693 45.05 -5.06 57.25
N ILE A 694 43.72 -5.14 57.26
CA ILE A 694 42.88 -3.95 57.19
C ILE A 694 42.04 -3.84 58.46
N LEU A 695 42.08 -2.66 59.08
CA LEU A 695 41.35 -2.44 60.33
C LEU A 695 40.35 -1.30 60.18
N GLN A 696 39.18 -1.48 60.78
CA GLN A 696 38.13 -0.46 60.75
C GLN A 696 37.92 0.11 62.14
N ASN A 697 37.72 1.42 62.21
CA ASN A 697 37.34 2.06 63.46
C ASN A 697 35.85 1.90 63.73
N VAL A 698 35.52 1.18 64.81
CA VAL A 698 34.13 0.95 65.19
C VAL A 698 33.73 1.87 66.33
N ASP A 699 32.50 1.73 66.82
CA ASP A 699 32.04 2.59 67.91
C ASP A 699 32.11 1.88 69.25
N LEU A 700 32.53 2.62 70.28
CA LEU A 700 32.73 2.09 71.61
C LEU A 700 31.41 1.62 72.25
N ASP B 44 -26.72 15.64 -16.34
CA ASP B 44 -27.91 15.56 -15.50
C ASP B 44 -28.92 14.57 -16.05
N PHE B 45 -29.20 13.52 -15.27
CA PHE B 45 -30.11 12.46 -15.71
C PHE B 45 -31.57 12.87 -15.58
N GLN B 46 -31.87 13.71 -14.59
CA GLN B 46 -33.22 14.21 -14.42
C GLN B 46 -33.56 15.10 -15.61
N ARG B 47 -32.53 15.70 -16.19
CA ARG B 47 -32.70 16.55 -17.37
C ARG B 47 -33.08 15.75 -18.62
N ARG B 48 -32.34 14.68 -18.90
CA ARG B 48 -32.59 13.89 -20.11
C ARG B 48 -33.97 13.26 -20.16
N TYR B 49 -34.46 12.78 -19.03
CA TYR B 49 -35.76 12.11 -19.04
C TYR B 49 -36.88 13.13 -19.21
N LYS B 50 -36.69 14.32 -18.65
CA LYS B 50 -37.67 15.39 -18.78
C LYS B 50 -37.69 15.87 -20.24
N GLN B 51 -36.51 15.89 -20.85
CA GLN B 51 -36.39 16.29 -22.24
C GLN B 51 -37.02 15.24 -23.15
N PHE B 52 -36.75 13.98 -22.85
CA PHE B 52 -37.30 12.86 -23.60
C PHE B 52 -38.82 12.85 -23.50
N SER B 53 -39.33 12.95 -22.28
CA SER B 53 -40.77 12.91 -22.03
C SER B 53 -41.53 14.02 -22.76
N GLN B 54 -40.89 15.17 -22.91
CA GLN B 54 -41.53 16.31 -23.55
C GLN B 54 -41.72 16.00 -25.03
N ILE B 55 -40.67 15.51 -25.67
CA ILE B 55 -40.72 15.15 -27.09
C ILE B 55 -41.71 14.01 -27.36
N LEU B 56 -41.69 12.99 -26.52
CA LEU B 56 -42.61 11.86 -26.68
C LEU B 56 -44.06 12.28 -26.53
N LYS B 57 -44.29 13.28 -25.68
CA LYS B 57 -45.62 13.80 -25.44
C LYS B 57 -46.09 14.60 -26.66
N ASN B 58 -45.15 15.30 -27.28
CA ASN B 58 -45.45 16.04 -28.50
C ASN B 58 -45.82 15.09 -29.64
N ILE B 59 -45.11 13.96 -29.70
CA ILE B 59 -45.40 12.92 -30.68
C ILE B 59 -46.83 12.42 -30.53
N GLY B 60 -47.31 12.38 -29.29
CA GLY B 60 -48.67 11.96 -29.02
C GLY B 60 -49.73 13.00 -29.35
N GLU B 61 -49.37 14.27 -29.23
CA GLU B 61 -50.32 15.36 -29.47
C GLU B 61 -50.39 15.79 -30.93
N ASN B 62 -49.29 15.62 -31.66
CA ASN B 62 -49.20 16.14 -33.02
C ASN B 62 -49.19 15.02 -34.06
N GLU B 63 -48.66 13.87 -33.65
CA GLU B 63 -48.85 12.64 -34.40
C GLU B 63 -49.76 11.77 -33.52
N GLY B 64 -50.02 10.54 -33.88
CA GLY B 64 -50.97 9.77 -33.09
C GLY B 64 -50.34 8.87 -32.06
N GLY B 65 -49.21 9.30 -31.49
CA GLY B 65 -48.40 8.44 -30.65
C GLY B 65 -47.28 7.86 -31.49
N ILE B 66 -46.34 7.16 -30.85
CA ILE B 66 -45.12 6.75 -31.55
C ILE B 66 -45.39 5.55 -32.47
N ASP B 67 -46.47 4.82 -32.23
CA ASP B 67 -46.85 3.75 -33.14
C ASP B 67 -47.23 4.34 -34.49
N LYS B 68 -48.15 5.30 -34.50
CA LYS B 68 -48.59 5.91 -35.74
C LYS B 68 -47.47 6.73 -36.38
N PHE B 69 -46.66 7.37 -35.56
CA PHE B 69 -45.54 8.19 -36.05
C PHE B 69 -44.52 7.38 -36.84
N SER B 70 -44.23 6.17 -36.37
CA SER B 70 -43.20 5.34 -36.99
C SER B 70 -43.73 4.52 -38.18
N ARG B 71 -44.94 4.82 -38.63
CA ARG B 71 -45.49 4.12 -39.77
C ARG B 71 -45.50 5.00 -41.01
N GLY B 72 -44.51 5.88 -41.11
CA GLY B 72 -44.37 6.77 -42.23
C GLY B 72 -44.18 6.09 -43.57
N TYR B 73 -43.64 4.88 -43.56
CA TYR B 73 -43.36 4.16 -44.80
C TYR B 73 -44.65 3.74 -45.51
N GLU B 74 -45.79 3.89 -44.84
CA GLU B 74 -47.06 3.49 -45.42
C GLU B 74 -47.60 4.52 -46.44
N SER B 75 -47.11 5.75 -46.35
CA SER B 75 -47.59 6.81 -47.24
C SER B 75 -46.47 7.52 -48.00
N PHE B 76 -45.30 7.62 -47.38
CA PHE B 76 -44.13 8.22 -48.04
C PHE B 76 -43.55 7.28 -49.09
N GLY B 77 -43.00 7.86 -50.14
CA GLY B 77 -42.41 7.08 -51.22
C GLY B 77 -43.36 6.91 -52.39
N VAL B 78 -43.45 5.69 -52.90
CA VAL B 78 -44.32 5.38 -54.03
C VAL B 78 -45.15 4.13 -53.72
N HIS B 79 -46.47 4.26 -53.86
CA HIS B 79 -47.38 3.16 -53.55
C HIS B 79 -48.46 2.96 -54.60
N ARG B 80 -48.53 1.77 -55.18
CA ARG B 80 -49.68 1.43 -56.01
C ARG B 80 -50.87 1.23 -55.08
N CYS B 81 -51.95 1.97 -55.34
CA CYS B 81 -53.14 1.86 -54.50
C CYS B 81 -54.05 0.73 -54.99
N ALA B 82 -55.02 0.37 -54.16
CA ALA B 82 -55.93 -0.72 -54.49
C ALA B 82 -56.90 -0.34 -55.59
N ASP B 83 -56.94 0.93 -55.96
CA ASP B 83 -57.82 1.39 -57.03
C ASP B 83 -57.12 1.51 -58.37
N GLY B 84 -55.86 1.06 -58.43
CA GLY B 84 -55.10 1.09 -59.66
C GLY B 84 -54.26 2.34 -59.85
N GLY B 85 -54.49 3.35 -59.01
CA GLY B 85 -53.73 4.58 -59.07
C GLY B 85 -52.40 4.50 -58.33
N LEU B 86 -51.66 5.61 -58.35
CA LEU B 86 -50.36 5.67 -57.68
C LEU B 86 -50.28 6.87 -56.76
N TYR B 87 -50.06 6.64 -55.46
CA TYR B 87 -49.88 7.73 -54.53
C TYR B 87 -48.40 7.88 -54.15
N CYS B 88 -47.93 9.12 -54.18
CA CYS B 88 -46.52 9.40 -53.92
C CYS B 88 -46.38 10.55 -52.95
N LYS B 89 -45.35 10.50 -52.11
CA LYS B 89 -45.10 11.60 -51.17
C LYS B 89 -43.62 11.69 -50.77
N GLU B 90 -43.09 12.91 -50.77
CA GLU B 90 -41.71 13.14 -50.38
C GLU B 90 -41.60 14.35 -49.47
N TRP B 91 -40.53 14.38 -48.67
CA TRP B 91 -40.18 15.55 -47.89
C TRP B 91 -38.97 16.22 -48.55
N ALA B 92 -39.18 17.44 -49.03
CA ALA B 92 -38.13 18.18 -49.74
C ALA B 92 -38.33 19.67 -49.56
N PRO B 93 -37.96 20.20 -48.39
CA PRO B 93 -38.27 21.59 -47.99
C PRO B 93 -37.61 22.64 -48.88
N GLY B 94 -36.50 22.29 -49.51
CA GLY B 94 -35.76 23.26 -50.30
C GLY B 94 -35.91 23.08 -51.79
N ALA B 95 -36.93 22.33 -52.20
CA ALA B 95 -37.18 22.13 -53.61
C ALA B 95 -38.10 23.22 -54.16
N GLU B 96 -37.89 23.57 -55.43
CA GLU B 96 -38.78 24.51 -56.10
C GLU B 96 -39.96 23.75 -56.68
N GLY B 97 -39.69 22.56 -57.20
CA GLY B 97 -40.72 21.65 -57.67
C GLY B 97 -40.29 20.20 -57.54
N VAL B 98 -41.26 19.29 -57.42
CA VAL B 98 -40.99 17.86 -57.34
C VAL B 98 -41.82 17.10 -58.37
N PHE B 99 -41.19 16.14 -59.04
CA PHE B 99 -41.80 15.43 -60.15
C PHE B 99 -41.45 13.94 -60.13
N LEU B 100 -42.31 13.11 -60.71
CA LEU B 100 -42.01 11.69 -60.87
C LEU B 100 -41.82 11.35 -62.35
N THR B 101 -40.84 10.50 -62.63
CA THR B 101 -40.53 10.12 -63.99
C THR B 101 -39.90 8.73 -64.01
N GLY B 102 -39.74 8.16 -65.19
CA GLY B 102 -39.17 6.83 -65.32
C GLY B 102 -39.61 6.15 -66.61
N ASP B 103 -39.39 4.84 -66.68
CA ASP B 103 -39.81 4.05 -67.84
C ASP B 103 -41.31 4.21 -68.14
N PHE B 104 -42.11 4.32 -67.08
CA PHE B 104 -43.56 4.27 -67.22
C PHE B 104 -44.13 5.46 -67.97
N ASN B 105 -43.38 6.57 -68.04
CA ASN B 105 -43.86 7.74 -68.77
C ASN B 105 -42.87 8.24 -69.82
N GLY B 106 -41.99 7.35 -70.26
CA GLY B 106 -41.02 7.69 -71.30
C GLY B 106 -40.00 8.72 -70.85
N TRP B 107 -39.72 8.72 -69.54
CA TRP B 107 -38.74 9.62 -68.95
C TRP B 107 -39.01 11.09 -69.26
N ASN B 108 -40.28 11.43 -69.43
CA ASN B 108 -40.72 12.81 -69.45
C ASN B 108 -40.50 13.41 -68.05
N PRO B 109 -39.64 14.43 -67.96
CA PRO B 109 -39.24 14.95 -66.65
C PRO B 109 -40.35 15.67 -65.88
N PHE B 110 -41.23 16.40 -66.54
CA PHE B 110 -42.15 17.28 -65.82
C PHE B 110 -43.63 17.00 -66.02
N SER B 111 -43.97 15.87 -66.65
CA SER B 111 -45.37 15.56 -66.96
C SER B 111 -46.19 15.19 -65.72
N TYR B 112 -45.52 14.84 -64.62
CA TYR B 112 -46.21 14.48 -63.38
C TYR B 112 -45.72 15.26 -62.15
N PRO B 113 -46.20 16.50 -61.97
CA PRO B 113 -45.79 17.34 -60.85
C PRO B 113 -46.47 17.00 -59.53
N TYR B 114 -45.69 17.00 -58.44
CA TYR B 114 -46.24 16.85 -57.11
C TYR B 114 -46.93 18.14 -56.70
N LYS B 115 -47.89 18.02 -55.80
CA LYS B 115 -48.60 19.16 -55.26
C LYS B 115 -47.91 19.63 -53.98
N LYS B 116 -47.75 20.95 -53.83
CA LYS B 116 -46.95 21.47 -52.72
C LYS B 116 -47.81 21.53 -51.46
N LEU B 117 -47.31 20.90 -50.40
CA LEU B 117 -48.01 20.83 -49.12
C LEU B 117 -47.31 21.69 -48.06
N ASP B 118 -47.94 21.83 -46.90
CA ASP B 118 -47.30 22.50 -45.76
C ASP B 118 -46.08 21.70 -45.28
N TYR B 119 -45.17 22.39 -44.59
CA TYR B 119 -44.00 21.77 -43.98
C TYR B 119 -43.11 21.06 -44.98
N GLY B 120 -42.94 21.64 -46.16
CA GLY B 120 -41.97 21.15 -47.11
C GLY B 120 -42.30 19.82 -47.76
N LYS B 121 -43.53 19.34 -47.58
CA LYS B 121 -43.87 18.03 -48.13
C LYS B 121 -44.51 18.17 -49.50
N TRP B 122 -44.49 17.09 -50.25
CA TRP B 122 -45.02 17.05 -51.61
C TRP B 122 -45.78 15.75 -51.81
N GLU B 123 -46.93 15.80 -52.48
CA GLU B 123 -47.66 14.58 -52.78
C GLU B 123 -48.18 14.54 -54.21
N LEU B 124 -48.34 13.33 -54.72
CA LEU B 124 -48.75 13.10 -56.09
C LEU B 124 -49.70 11.92 -56.17
N TYR B 125 -50.81 12.09 -56.86
CA TYR B 125 -51.68 10.96 -57.17
C TYR B 125 -51.93 10.84 -58.66
N ILE B 126 -51.44 9.75 -59.25
CA ILE B 126 -51.71 9.47 -60.64
C ILE B 126 -52.94 8.55 -60.72
N PRO B 127 -53.99 9.00 -61.42
CA PRO B 127 -55.22 8.20 -61.53
C PRO B 127 -54.99 6.89 -62.28
N PRO B 128 -55.82 5.88 -62.03
CA PRO B 128 -55.69 4.59 -62.71
C PRO B 128 -55.94 4.70 -64.21
N LYS B 129 -55.28 3.85 -64.99
CA LYS B 129 -55.46 3.84 -66.44
C LYS B 129 -56.84 3.32 -66.81
N GLN B 130 -57.41 3.89 -67.87
CA GLN B 130 -58.75 3.52 -68.32
C GLN B 130 -58.84 2.05 -68.73
N ASN B 131 -57.77 1.54 -69.34
CA ASN B 131 -57.75 0.16 -69.81
C ASN B 131 -57.32 -0.82 -68.72
N LYS B 132 -57.26 -0.33 -67.49
CA LYS B 132 -57.06 -1.15 -66.29
C LYS B 132 -55.72 -1.90 -66.27
N SER B 133 -54.70 -1.34 -66.90
CA SER B 133 -53.36 -1.94 -66.79
C SER B 133 -52.56 -1.20 -65.73
N VAL B 134 -51.47 -1.80 -65.28
CA VAL B 134 -50.68 -1.22 -64.20
C VAL B 134 -49.96 0.05 -64.68
N LEU B 135 -49.92 1.06 -63.82
CA LEU B 135 -49.24 2.31 -64.14
C LEU B 135 -47.72 2.14 -64.19
N VAL B 136 -47.16 1.64 -63.10
CA VAL B 136 -45.72 1.43 -63.00
C VAL B 136 -45.42 -0.06 -62.85
N PRO B 137 -44.94 -0.68 -63.94
CA PRO B 137 -44.68 -2.11 -64.01
C PRO B 137 -43.60 -2.59 -63.04
N HIS B 138 -43.83 -3.75 -62.44
CA HIS B 138 -42.83 -4.41 -61.60
C HIS B 138 -41.50 -4.53 -62.33
N GLY B 139 -40.43 -4.02 -61.71
CA GLY B 139 -39.11 -4.14 -62.28
C GLY B 139 -38.66 -2.92 -63.09
N SER B 140 -39.56 -1.99 -63.36
CA SER B 140 -39.20 -0.82 -64.16
C SER B 140 -38.54 0.25 -63.29
N LYS B 141 -37.92 1.23 -63.94
CA LYS B 141 -37.12 2.21 -63.22
C LYS B 141 -37.86 3.53 -62.97
N LEU B 142 -37.62 4.11 -61.80
CA LEU B 142 -38.25 5.36 -61.41
C LEU B 142 -37.19 6.36 -60.98
N LYS B 143 -37.56 7.64 -60.98
CA LYS B 143 -36.73 8.66 -60.37
C LYS B 143 -37.55 9.87 -59.98
N VAL B 144 -37.21 10.45 -58.85
CA VAL B 144 -37.81 11.70 -58.43
C VAL B 144 -37.03 12.83 -59.06
N VAL B 145 -37.74 13.79 -59.66
CA VAL B 145 -37.06 14.94 -60.23
C VAL B 145 -37.23 16.12 -59.28
N ILE B 146 -36.11 16.74 -58.93
CA ILE B 146 -36.11 17.88 -58.03
C ILE B 146 -35.60 19.09 -58.79
N THR B 147 -36.34 20.20 -58.74
CA THR B 147 -35.88 21.43 -59.36
C THR B 147 -35.52 22.44 -58.28
N SER B 148 -34.33 23.01 -58.39
CA SER B 148 -33.81 23.98 -57.41
C SER B 148 -34.21 25.41 -57.75
N LYS B 149 -33.93 26.32 -56.83
CA LYS B 149 -34.15 27.75 -57.08
C LYS B 149 -33.10 28.31 -58.04
N SER B 150 -32.09 27.50 -58.37
CA SER B 150 -31.03 27.90 -59.29
C SER B 150 -31.36 27.50 -60.72
N GLY B 151 -32.37 26.65 -60.88
CA GLY B 151 -32.73 26.16 -62.18
C GLY B 151 -32.06 24.85 -62.52
N GLU B 152 -31.55 24.17 -61.50
CA GLU B 152 -30.95 22.86 -61.68
C GLU B 152 -32.03 21.80 -61.75
N ILE B 153 -31.83 20.80 -62.61
CA ILE B 153 -32.75 19.69 -62.68
C ILE B 153 -32.06 18.47 -62.08
N LEU B 154 -32.49 18.09 -60.89
CA LEU B 154 -31.85 17.01 -60.16
C LEU B 154 -32.65 15.71 -60.21
N TYR B 155 -31.96 14.60 -60.39
CA TYR B 155 -32.60 13.29 -60.37
C TYR B 155 -32.22 12.56 -59.09
N ARG B 156 -33.22 12.06 -58.38
CA ARG B 156 -33.00 11.45 -57.07
C ARG B 156 -33.75 10.14 -56.94
N ILE B 157 -33.16 9.19 -56.22
CA ILE B 157 -33.87 8.01 -55.76
C ILE B 157 -34.61 8.41 -54.50
N SER B 158 -35.83 7.92 -54.32
CA SER B 158 -36.59 8.21 -53.12
C SER B 158 -35.86 7.72 -51.88
N PRO B 159 -35.82 8.56 -50.84
CA PRO B 159 -35.27 8.15 -49.54
C PRO B 159 -36.00 6.92 -48.98
N TRP B 160 -37.21 6.67 -49.47
CA TRP B 160 -38.05 5.59 -48.95
C TRP B 160 -38.04 4.38 -49.89
N ALA B 161 -37.11 4.37 -50.85
CA ALA B 161 -37.07 3.33 -51.87
C ALA B 161 -36.94 1.94 -51.27
N LYS B 162 -37.68 1.00 -51.85
CA LYS B 162 -37.72 -0.38 -51.38
C LYS B 162 -36.60 -1.25 -51.94
N TYR B 163 -36.12 -0.89 -53.12
CA TYR B 163 -35.28 -1.78 -53.90
C TYR B 163 -34.48 -1.02 -54.95
N VAL B 164 -33.16 -1.18 -54.92
CA VAL B 164 -32.30 -0.50 -55.88
C VAL B 164 -31.25 -1.46 -56.41
N VAL B 165 -30.96 -1.36 -57.71
CA VAL B 165 -30.06 -2.29 -58.38
C VAL B 165 -29.03 -1.56 -59.24
N ARG B 166 -27.78 -2.00 -59.18
CA ARG B 166 -26.78 -1.50 -60.12
C ARG B 166 -26.62 -2.48 -61.29
N GLU B 167 -26.83 -1.97 -62.49
CA GLU B 167 -26.80 -2.78 -63.70
C GLU B 167 -25.43 -2.78 -64.38
N GLY B 168 -24.89 -3.97 -64.58
CA GLY B 168 -23.59 -4.16 -65.23
C GLY B 168 -22.48 -3.36 -64.58
N ASP B 169 -21.85 -2.50 -65.38
CA ASP B 169 -20.72 -1.70 -64.90
C ASP B 169 -21.10 -0.24 -64.75
N ASN B 170 -22.39 0.02 -64.59
CA ASN B 170 -22.88 1.39 -64.39
C ASN B 170 -22.30 2.01 -63.14
N VAL B 171 -22.21 3.34 -63.14
CA VAL B 171 -21.66 4.05 -62.00
C VAL B 171 -22.68 4.13 -60.88
N ASN B 172 -23.92 4.47 -61.23
CA ASN B 172 -24.97 4.68 -60.23
C ASN B 172 -25.98 3.55 -60.14
N TYR B 173 -26.73 3.52 -59.05
CA TYR B 173 -27.79 2.56 -58.85
C TYR B 173 -29.07 3.07 -59.51
N ASP B 174 -29.91 2.15 -59.98
CA ASP B 174 -31.23 2.50 -60.47
C ASP B 174 -32.28 2.20 -59.40
N TRP B 175 -33.33 3.01 -59.38
CA TRP B 175 -34.44 2.77 -58.47
C TRP B 175 -35.46 1.85 -59.15
N ILE B 176 -35.53 0.61 -58.67
CA ILE B 176 -36.43 -0.39 -59.25
C ILE B 176 -37.74 -0.48 -58.50
N HIS B 177 -38.85 -0.27 -59.20
CA HIS B 177 -40.16 -0.38 -58.58
C HIS B 177 -40.44 -1.83 -58.22
N TRP B 178 -40.76 -2.08 -56.96
CA TRP B 178 -40.96 -3.44 -56.50
C TRP B 178 -42.43 -3.71 -56.23
N ASP B 179 -43.04 -4.45 -57.14
CA ASP B 179 -44.45 -4.79 -57.04
C ASP B 179 -44.66 -6.22 -57.54
N PRO B 180 -44.08 -7.19 -56.82
CA PRO B 180 -44.11 -8.58 -57.30
C PRO B 180 -45.51 -9.18 -57.28
N GLU B 181 -45.69 -10.22 -58.08
CA GLU B 181 -46.98 -10.89 -58.22
C GLU B 181 -47.43 -11.54 -56.91
N HIS B 182 -46.51 -12.22 -56.23
CA HIS B 182 -46.81 -12.88 -54.97
C HIS B 182 -45.93 -12.33 -53.84
N SER B 183 -46.57 -11.85 -52.78
CA SER B 183 -45.84 -11.47 -51.58
C SER B 183 -45.35 -12.72 -50.86
N TYR B 184 -44.35 -12.55 -50.00
CA TYR B 184 -43.90 -13.65 -49.16
C TYR B 184 -44.76 -13.71 -47.90
N GLU B 185 -45.22 -14.90 -47.56
CA GLU B 185 -45.99 -15.05 -46.33
C GLU B 185 -45.17 -15.77 -45.26
N PHE B 186 -44.99 -15.11 -44.12
CA PHE B 186 -44.24 -15.68 -43.01
C PHE B 186 -45.00 -16.84 -42.39
N LYS B 187 -44.33 -17.98 -42.26
CA LYS B 187 -44.98 -19.20 -41.81
C LYS B 187 -44.61 -19.60 -40.38
N HIS B 188 -43.62 -18.92 -39.80
CA HIS B 188 -43.15 -19.31 -38.47
C HIS B 188 -43.16 -18.17 -37.46
N SER B 189 -43.44 -18.51 -36.21
CA SER B 189 -43.53 -17.52 -35.14
C SER B 189 -42.15 -17.25 -34.54
N ARG B 190 -42.03 -16.12 -33.85
CA ARG B 190 -40.79 -15.80 -33.15
C ARG B 190 -40.45 -16.87 -32.13
N PRO B 191 -39.16 -17.24 -32.07
CA PRO B 191 -38.68 -18.15 -31.01
C PRO B 191 -38.87 -17.50 -29.66
N LYS B 192 -38.97 -18.32 -28.60
CA LYS B 192 -39.02 -17.79 -27.25
C LYS B 192 -37.77 -16.95 -27.02
N LYS B 193 -37.90 -15.88 -26.23
CA LYS B 193 -36.74 -15.07 -25.91
C LYS B 193 -35.71 -15.94 -25.21
N PRO B 194 -34.48 -15.95 -25.72
CA PRO B 194 -33.43 -16.81 -25.16
C PRO B 194 -32.98 -16.31 -23.80
N ARG B 195 -32.62 -17.25 -22.92
CA ARG B 195 -32.13 -16.91 -21.59
C ARG B 195 -30.80 -16.17 -21.71
N SER B 196 -29.96 -16.59 -22.66
CA SER B 196 -28.69 -15.94 -22.92
C SER B 196 -28.41 -15.83 -24.41
N LEU B 197 -27.76 -14.74 -24.83
CA LEU B 197 -27.42 -14.57 -26.24
C LEU B 197 -26.08 -15.17 -26.61
N ARG B 198 -26.10 -16.11 -27.55
CA ARG B 198 -24.89 -16.60 -28.19
C ARG B 198 -24.92 -16.23 -29.67
N ILE B 199 -24.26 -15.13 -30.01
CA ILE B 199 -24.44 -14.48 -31.31
C ILE B 199 -23.41 -14.88 -32.37
N TYR B 200 -23.90 -15.24 -33.55
CA TYR B 200 -23.06 -15.54 -34.69
C TYR B 200 -23.08 -14.36 -35.66
N GLU B 201 -22.02 -13.55 -35.62
CA GLU B 201 -21.95 -12.37 -36.47
C GLU B 201 -21.70 -12.79 -37.92
N SER B 202 -22.60 -12.40 -38.83
CA SER B 202 -22.57 -12.94 -40.17
C SER B 202 -22.67 -11.86 -41.25
N HIS B 203 -22.16 -12.18 -42.43
CA HIS B 203 -22.23 -11.33 -43.60
C HIS B 203 -22.64 -12.21 -44.77
N VAL B 204 -23.73 -11.85 -45.43
CA VAL B 204 -24.35 -12.75 -46.39
C VAL B 204 -23.50 -12.93 -47.65
N GLY B 205 -22.90 -11.85 -48.12
CA GLY B 205 -22.15 -11.88 -49.37
C GLY B 205 -20.91 -12.77 -49.38
N ILE B 206 -20.24 -12.84 -48.23
CA ILE B 206 -18.98 -13.56 -48.13
C ILE B 206 -19.13 -14.97 -47.57
N SER B 207 -20.36 -15.46 -47.49
CA SER B 207 -20.65 -16.69 -46.74
C SER B 207 -20.51 -17.98 -47.55
N SER B 208 -19.84 -17.90 -48.70
CA SER B 208 -19.55 -19.11 -49.49
C SER B 208 -18.06 -19.18 -49.77
N HIS B 209 -17.63 -20.28 -50.39
CA HIS B 209 -16.21 -20.48 -50.69
C HIS B 209 -15.82 -19.82 -52.02
N GLU B 210 -16.81 -19.29 -52.72
CA GLU B 210 -16.57 -18.69 -54.02
C GLU B 210 -16.18 -17.21 -53.94
N GLY B 211 -15.42 -16.75 -54.93
CA GLY B 211 -15.02 -15.36 -55.01
C GLY B 211 -16.11 -14.55 -55.70
N LYS B 212 -17.27 -14.46 -55.07
CA LYS B 212 -18.38 -13.70 -55.59
C LYS B 212 -19.30 -13.30 -54.43
N VAL B 213 -20.28 -12.46 -54.72
CA VAL B 213 -21.30 -12.12 -53.73
C VAL B 213 -22.26 -13.29 -53.54
N ALA B 214 -22.22 -13.92 -52.37
CA ALA B 214 -23.11 -15.04 -52.08
C ALA B 214 -24.52 -14.54 -51.84
N SER B 215 -25.50 -15.43 -51.99
CA SER B 215 -26.90 -15.04 -52.01
C SER B 215 -27.66 -15.30 -50.71
N TYR B 216 -28.77 -14.61 -50.55
CA TYR B 216 -29.72 -14.86 -49.46
C TYR B 216 -30.07 -16.35 -49.39
N LYS B 217 -30.32 -16.94 -50.56
CA LYS B 217 -30.69 -18.35 -50.65
C LYS B 217 -29.57 -19.28 -50.20
N HIS B 218 -28.33 -18.95 -50.58
CA HIS B 218 -27.19 -19.74 -50.15
C HIS B 218 -27.07 -19.74 -48.64
N PHE B 219 -27.19 -18.56 -48.04
CA PHE B 219 -27.12 -18.41 -46.59
C PHE B 219 -28.20 -19.24 -45.91
N THR B 220 -29.42 -19.15 -46.43
CA THR B 220 -30.58 -19.84 -45.87
C THR B 220 -30.43 -21.36 -45.89
N CYS B 221 -29.91 -21.87 -47.00
CA CYS B 221 -29.84 -23.32 -47.20
C CYS B 221 -28.57 -23.93 -46.61
N ASN B 222 -27.44 -23.25 -46.77
CA ASN B 222 -26.16 -23.86 -46.47
C ASN B 222 -25.48 -23.34 -45.20
N VAL B 223 -25.75 -22.09 -44.83
CA VAL B 223 -25.08 -21.48 -43.68
C VAL B 223 -25.91 -21.57 -42.39
N LEU B 224 -27.22 -21.37 -42.50
CA LEU B 224 -28.10 -21.41 -41.33
C LEU B 224 -28.02 -22.72 -40.52
N PRO B 225 -28.02 -23.89 -41.19
CA PRO B 225 -27.97 -25.10 -40.35
C PRO B 225 -26.60 -25.33 -39.70
N ARG B 226 -25.55 -24.76 -40.28
CA ARG B 226 -24.23 -24.81 -39.67
C ARG B 226 -24.22 -24.00 -38.37
N ILE B 227 -24.79 -22.81 -38.43
CA ILE B 227 -24.89 -21.93 -37.26
C ILE B 227 -25.68 -22.61 -36.15
N LYS B 228 -26.78 -23.26 -36.51
CA LYS B 228 -27.61 -23.96 -35.53
C LYS B 228 -26.82 -25.10 -34.88
N GLY B 229 -26.11 -25.86 -35.72
CA GLY B 229 -25.33 -26.99 -35.25
C GLY B 229 -24.17 -26.62 -34.34
N LEU B 230 -23.70 -25.38 -34.47
CA LEU B 230 -22.63 -24.89 -33.63
C LEU B 230 -23.13 -24.55 -32.22
N GLY B 231 -24.44 -24.38 -32.09
CA GLY B 231 -25.04 -24.07 -30.81
C GLY B 231 -25.32 -22.60 -30.60
N TYR B 232 -25.27 -21.83 -31.67
CA TYR B 232 -25.61 -20.41 -31.60
C TYR B 232 -27.11 -20.23 -31.74
N ASN B 233 -27.69 -19.32 -30.96
CA ASN B 233 -29.13 -19.12 -30.97
C ASN B 233 -29.53 -17.73 -31.46
N CYS B 234 -28.56 -17.00 -31.99
CA CYS B 234 -28.80 -15.64 -32.47
C CYS B 234 -27.83 -15.27 -33.58
N ILE B 235 -28.32 -14.53 -34.56
CA ILE B 235 -27.50 -14.09 -35.68
C ILE B 235 -27.46 -12.57 -35.78
N GLN B 236 -26.26 -12.01 -35.86
CA GLN B 236 -26.10 -10.59 -36.11
C GLN B 236 -25.82 -10.37 -37.59
N LEU B 237 -26.80 -9.83 -38.31
CA LEU B 237 -26.69 -9.70 -39.76
C LEU B 237 -26.13 -8.34 -40.14
N MET B 238 -24.90 -8.34 -40.64
CA MET B 238 -24.25 -7.12 -41.06
C MET B 238 -24.58 -6.85 -42.52
N ALA B 239 -24.39 -5.61 -42.96
CA ALA B 239 -24.44 -5.25 -44.37
C ALA B 239 -25.75 -5.64 -45.07
N ILE B 240 -26.87 -5.41 -44.41
CA ILE B 240 -28.17 -5.69 -45.03
C ILE B 240 -28.78 -4.40 -45.57
N MET B 241 -28.72 -3.34 -44.78
CA MET B 241 -29.13 -2.02 -45.24
C MET B 241 -28.30 -1.67 -46.47
N GLU B 242 -28.97 -1.20 -47.52
CA GLU B 242 -28.32 -1.07 -48.83
C GLU B 242 -27.14 -0.10 -48.83
N HIS B 243 -26.05 -0.54 -49.44
CA HIS B 243 -24.84 0.26 -49.55
C HIS B 243 -24.18 0.06 -50.91
N ALA B 244 -23.93 1.14 -51.62
CA ALA B 244 -23.37 1.06 -52.97
C ALA B 244 -21.92 0.56 -52.97
N TYR B 245 -21.17 0.93 -51.93
CA TYR B 245 -19.76 0.57 -51.85
C TYR B 245 -19.59 -0.70 -51.01
N TYR B 246 -19.44 -1.83 -51.69
CA TYR B 246 -19.38 -3.14 -51.05
C TYR B 246 -18.23 -3.24 -50.05
N ALA B 247 -17.17 -2.48 -50.29
CA ALA B 247 -15.96 -2.58 -49.47
C ALA B 247 -16.08 -1.81 -48.17
N SER B 248 -17.24 -1.21 -47.94
CA SER B 248 -17.51 -0.49 -46.70
C SER B 248 -17.98 -1.44 -45.61
N PHE B 249 -18.08 -2.72 -45.98
CA PHE B 249 -18.67 -3.78 -45.15
C PHE B 249 -20.00 -3.24 -44.60
N GLY B 250 -20.72 -2.49 -45.41
CA GLY B 250 -22.09 -2.16 -45.07
C GLY B 250 -22.26 -0.89 -44.27
N TYR B 251 -21.17 -0.16 -44.04
CA TYR B 251 -21.23 1.02 -43.19
C TYR B 251 -21.55 2.31 -43.95
N GLN B 252 -21.55 2.24 -45.27
CA GLN B 252 -21.83 3.43 -46.08
C GLN B 252 -23.19 3.35 -46.74
N ILE B 253 -24.22 3.74 -46.01
CA ILE B 253 -25.61 3.53 -46.44
C ILE B 253 -26.04 4.53 -47.51
N THR B 254 -26.66 4.01 -48.57
CA THR B 254 -27.18 4.85 -49.65
C THR B 254 -28.71 4.85 -49.67
N SER B 255 -29.32 3.67 -49.52
CA SER B 255 -30.78 3.57 -49.44
C SER B 255 -31.22 2.90 -48.14
N PHE B 256 -31.76 3.70 -47.23
CA PHE B 256 -31.98 3.24 -45.86
C PHE B 256 -33.11 2.22 -45.69
N PHE B 257 -34.07 2.21 -46.60
CA PHE B 257 -35.20 1.29 -46.50
C PHE B 257 -35.05 0.07 -47.41
N ALA B 258 -33.94 0.01 -48.15
CA ALA B 258 -33.74 -1.06 -49.11
C ALA B 258 -32.91 -2.22 -48.56
N ALA B 259 -33.46 -3.42 -48.67
CA ALA B 259 -32.67 -4.61 -48.43
C ALA B 259 -31.69 -4.75 -49.59
N SER B 260 -30.41 -4.93 -49.28
CA SER B 260 -29.37 -4.94 -50.31
C SER B 260 -29.67 -5.94 -51.42
N SER B 261 -29.66 -5.46 -52.65
CA SER B 261 -29.99 -6.28 -53.82
C SER B 261 -28.86 -7.21 -54.25
N ARG B 262 -27.65 -6.95 -53.76
CA ARG B 262 -26.50 -7.84 -54.01
C ARG B 262 -26.81 -9.31 -53.79
N TYR B 263 -27.54 -9.59 -52.71
CA TYR B 263 -27.71 -10.95 -52.25
C TYR B 263 -28.98 -11.57 -52.82
N GLY B 264 -29.82 -10.73 -53.43
CA GLY B 264 -31.07 -11.20 -54.00
C GLY B 264 -32.23 -10.25 -53.78
N SER B 265 -33.44 -10.80 -53.79
CA SER B 265 -34.65 -10.00 -53.70
C SER B 265 -35.10 -9.84 -52.25
N PRO B 266 -35.94 -8.83 -51.98
CA PRO B 266 -36.51 -8.63 -50.65
C PRO B 266 -37.23 -9.87 -50.09
N GLU B 267 -37.90 -10.63 -50.96
CA GLU B 267 -38.60 -11.83 -50.53
C GLU B 267 -37.64 -12.89 -50.01
N GLU B 268 -36.47 -12.98 -50.63
CA GLU B 268 -35.49 -13.97 -50.25
C GLU B 268 -34.87 -13.66 -48.89
N LEU B 269 -34.84 -12.38 -48.52
CA LEU B 269 -34.40 -11.99 -47.18
C LEU B 269 -35.46 -12.34 -46.14
N GLN B 270 -36.73 -12.13 -46.51
CA GLN B 270 -37.83 -12.50 -45.64
C GLN B 270 -37.83 -14.00 -45.38
N GLU B 271 -37.54 -14.78 -46.41
CA GLU B 271 -37.45 -16.23 -46.25
C GLU B 271 -36.28 -16.61 -45.35
N LEU B 272 -35.21 -15.82 -45.42
CA LEU B 272 -34.03 -16.06 -44.59
C LEU B 272 -34.38 -15.90 -43.11
N VAL B 273 -35.03 -14.78 -42.78
CA VAL B 273 -35.41 -14.54 -41.39
C VAL B 273 -36.46 -15.55 -40.93
N ASP B 274 -37.41 -15.85 -41.80
CA ASP B 274 -38.45 -16.82 -41.49
C ASP B 274 -37.87 -18.21 -41.25
N THR B 275 -36.92 -18.62 -42.09
CA THR B 275 -36.29 -19.92 -41.97
C THR B 275 -35.43 -20.01 -40.70
N ALA B 276 -34.78 -18.91 -40.34
CA ALA B 276 -33.99 -18.87 -39.12
C ALA B 276 -34.90 -19.05 -37.90
N HIS B 277 -36.08 -18.44 -37.97
CA HIS B 277 -37.05 -18.55 -36.88
C HIS B 277 -37.54 -19.99 -36.73
N SER B 278 -37.76 -20.68 -37.85
CA SER B 278 -38.19 -22.07 -37.81
C SER B 278 -37.17 -22.96 -37.11
N MET B 279 -35.91 -22.53 -37.11
CA MET B 279 -34.84 -23.28 -36.48
C MET B 279 -34.61 -22.86 -35.02
N GLY B 280 -35.41 -21.90 -34.55
CA GLY B 280 -35.32 -21.44 -33.18
C GLY B 280 -34.27 -20.36 -32.97
N ILE B 281 -33.88 -19.69 -34.04
CA ILE B 281 -32.84 -18.67 -33.98
C ILE B 281 -33.39 -17.27 -34.23
N ILE B 282 -33.07 -16.34 -33.34
CA ILE B 282 -33.47 -14.95 -33.52
C ILE B 282 -32.45 -14.22 -34.37
N VAL B 283 -32.90 -13.20 -35.11
CA VAL B 283 -32.03 -12.49 -36.04
C VAL B 283 -31.99 -11.00 -35.73
N LEU B 284 -30.78 -10.49 -35.51
CA LEU B 284 -30.60 -9.06 -35.26
C LEU B 284 -30.03 -8.39 -36.50
N LEU B 285 -30.43 -7.15 -36.72
CA LEU B 285 -29.96 -6.39 -37.88
C LEU B 285 -28.96 -5.31 -37.44
N ASP B 286 -27.91 -5.10 -38.22
CA ASP B 286 -27.05 -3.95 -37.98
C ASP B 286 -27.71 -2.71 -38.54
N VAL B 287 -28.05 -1.79 -37.65
CA VAL B 287 -28.64 -0.52 -38.04
C VAL B 287 -27.58 0.55 -38.05
N VAL B 288 -27.36 1.14 -39.22
CA VAL B 288 -26.46 2.26 -39.33
C VAL B 288 -27.26 3.53 -39.45
N HIS B 289 -27.39 4.24 -38.33
CA HIS B 289 -28.10 5.51 -38.27
C HIS B 289 -27.17 6.59 -37.76
N SER B 290 -25.87 6.30 -37.86
CA SER B 290 -24.83 7.18 -37.33
C SER B 290 -24.37 8.19 -38.37
N HIS B 291 -24.51 7.82 -39.64
CA HIS B 291 -24.08 8.64 -40.76
C HIS B 291 -24.63 8.09 -42.06
N ALA B 292 -24.45 8.84 -43.15
CA ALA B 292 -24.93 8.42 -44.47
C ALA B 292 -23.90 8.69 -45.55
N SER B 293 -23.95 7.91 -46.62
CA SER B 293 -23.05 8.10 -47.76
C SER B 293 -23.25 9.48 -48.38
N LYS B 294 -22.19 10.03 -48.96
CA LYS B 294 -22.25 11.35 -49.60
C LYS B 294 -22.87 11.27 -50.99
N ASN B 295 -23.16 10.06 -51.45
CA ASN B 295 -23.81 9.88 -52.75
C ASN B 295 -25.09 10.68 -52.86
N SER B 296 -25.28 11.31 -54.01
CA SER B 296 -26.46 12.13 -54.25
C SER B 296 -27.29 11.58 -55.41
N ALA B 297 -26.62 10.95 -56.37
CA ALA B 297 -27.31 10.36 -57.51
C ALA B 297 -28.12 9.14 -57.06
N ASP B 298 -27.52 8.32 -56.21
CA ASP B 298 -28.21 7.16 -55.67
C ASP B 298 -28.05 7.06 -54.15
N GLY B 299 -27.95 8.21 -53.51
CA GLY B 299 -27.83 8.26 -52.06
C GLY B 299 -28.75 9.30 -51.45
N LEU B 300 -28.63 9.49 -50.13
CA LEU B 300 -29.54 10.38 -49.41
C LEU B 300 -29.04 11.82 -49.37
N ASN B 301 -27.77 12.01 -49.71
CA ASN B 301 -27.16 13.34 -49.67
C ASN B 301 -27.77 14.31 -50.69
N MET B 302 -28.05 15.53 -50.25
CA MET B 302 -28.49 16.60 -51.14
C MET B 302 -29.77 16.26 -51.89
N PHE B 303 -30.73 15.67 -51.18
CA PHE B 303 -31.97 15.21 -51.80
C PHE B 303 -32.75 16.36 -52.45
N ASP B 304 -32.99 17.42 -51.69
CA ASP B 304 -33.70 18.59 -52.21
C ASP B 304 -32.73 19.65 -52.73
N GLY B 305 -31.54 19.23 -53.13
CA GLY B 305 -30.53 20.14 -53.66
C GLY B 305 -29.89 21.02 -52.60
N THR B 306 -30.04 20.63 -51.34
CA THR B 306 -29.60 21.43 -50.21
C THR B 306 -28.67 20.58 -49.33
N ASP B 307 -27.73 21.21 -48.63
CA ASP B 307 -26.83 20.46 -47.75
C ASP B 307 -27.46 20.21 -46.39
N SER B 308 -28.75 20.49 -46.27
CA SER B 308 -29.45 20.34 -45.00
C SER B 308 -30.88 19.90 -45.17
N CYS B 309 -31.08 18.65 -45.54
CA CYS B 309 -32.41 18.13 -45.64
C CYS B 309 -32.58 17.12 -44.50
N TYR B 310 -32.04 15.93 -44.71
CA TYR B 310 -31.98 14.92 -43.66
C TYR B 310 -30.77 15.14 -42.76
N PHE B 311 -29.88 16.04 -43.17
CA PHE B 311 -28.63 16.27 -42.45
C PHE B 311 -28.47 17.72 -41.99
N HIS B 312 -27.47 17.97 -41.14
CA HIS B 312 -27.15 19.34 -40.72
C HIS B 312 -26.38 20.10 -41.78
N SER B 313 -26.66 21.40 -41.86
CA SER B 313 -25.94 22.30 -42.75
C SER B 313 -24.60 22.71 -42.15
N GLY B 314 -23.61 22.92 -43.00
CA GLY B 314 -22.30 23.37 -42.57
C GLY B 314 -21.37 22.25 -42.17
N PRO B 315 -20.19 22.60 -41.63
CA PRO B 315 -19.14 21.63 -41.29
C PRO B 315 -19.61 20.63 -40.23
N ARG B 316 -20.53 21.07 -39.39
CA ARG B 316 -21.11 20.23 -38.35
C ARG B 316 -21.84 19.01 -38.92
N GLY B 317 -22.35 19.14 -40.14
CA GLY B 317 -23.09 18.06 -40.77
C GLY B 317 -22.25 17.12 -41.62
N THR B 318 -20.94 17.19 -41.47
CA THR B 318 -20.07 16.30 -42.21
C THR B 318 -19.03 15.63 -41.31
N HIS B 319 -18.89 14.32 -41.49
CA HIS B 319 -17.89 13.54 -40.76
C HIS B 319 -16.68 13.47 -41.68
N ASP B 320 -15.65 14.23 -41.34
CA ASP B 320 -14.43 14.30 -42.15
C ASP B 320 -13.70 12.97 -42.33
N LEU B 321 -13.54 12.19 -41.26
CA LEU B 321 -12.74 10.98 -41.35
C LEU B 321 -13.44 9.89 -42.17
N TRP B 322 -14.77 9.86 -42.10
CA TRP B 322 -15.56 8.87 -42.82
C TRP B 322 -16.04 9.40 -44.16
N ASP B 323 -15.85 10.70 -44.37
CA ASP B 323 -16.31 11.38 -45.58
C ASP B 323 -17.80 11.12 -45.77
N SER B 324 -18.59 11.48 -44.76
CA SER B 324 -20.01 11.16 -44.76
C SER B 324 -20.85 12.30 -44.21
N ARG B 325 -22.17 12.14 -44.31
CA ARG B 325 -23.09 13.15 -43.81
C ARG B 325 -23.63 12.73 -42.46
N LEU B 326 -24.00 13.71 -41.64
CA LEU B 326 -24.52 13.43 -40.31
C LEU B 326 -25.95 13.94 -40.18
N PHE B 327 -26.85 13.06 -39.74
CA PHE B 327 -28.27 13.38 -39.64
C PHE B 327 -28.58 14.54 -38.71
N ALA B 328 -29.62 15.30 -39.04
CA ALA B 328 -30.14 16.32 -38.17
C ALA B 328 -31.18 15.71 -37.25
N TYR B 329 -30.71 15.08 -36.17
CA TYR B 329 -31.58 14.36 -35.25
C TYR B 329 -32.61 15.26 -34.56
N SER B 330 -32.39 16.57 -34.59
CA SER B 330 -33.32 17.51 -33.94
C SER B 330 -34.53 17.80 -34.82
N SER B 331 -34.40 17.53 -36.12
CA SER B 331 -35.46 17.82 -37.08
C SER B 331 -36.57 16.78 -36.99
N TRP B 332 -37.81 17.27 -36.88
CA TRP B 332 -38.99 16.44 -36.72
C TRP B 332 -39.14 15.39 -37.82
N GLU B 333 -38.83 15.77 -39.07
CA GLU B 333 -38.99 14.86 -40.18
C GLU B 333 -37.86 13.82 -40.26
N VAL B 334 -36.73 14.13 -39.65
CA VAL B 334 -35.65 13.15 -39.59
C VAL B 334 -35.98 12.08 -38.54
N LEU B 335 -36.65 12.49 -37.47
CA LEU B 335 -37.14 11.56 -36.47
C LEU B 335 -38.18 10.62 -37.08
N ARG B 336 -39.07 11.18 -37.90
CA ARG B 336 -40.07 10.36 -38.58
C ARG B 336 -39.37 9.36 -39.48
N PHE B 337 -38.42 9.84 -40.26
CA PHE B 337 -37.65 9.00 -41.18
C PHE B 337 -36.94 7.83 -40.47
N LEU B 338 -36.15 8.14 -39.45
CA LEU B 338 -35.34 7.13 -38.78
C LEU B 338 -36.17 6.17 -37.94
N LEU B 339 -37.17 6.67 -37.24
CA LEU B 339 -38.03 5.82 -36.42
C LEU B 339 -38.88 4.91 -37.31
N SER B 340 -39.28 5.44 -38.46
CA SER B 340 -40.03 4.63 -39.41
C SER B 340 -39.13 3.58 -40.02
N ASN B 341 -37.85 3.88 -40.11
CA ASN B 341 -36.89 2.89 -40.62
C ASN B 341 -36.80 1.71 -39.66
N ILE B 342 -36.72 2.01 -38.37
CA ILE B 342 -36.70 0.97 -37.34
C ILE B 342 -37.95 0.10 -37.40
N ARG B 343 -39.10 0.75 -37.46
CA ARG B 343 -40.38 0.05 -37.58
C ARG B 343 -40.42 -0.80 -38.84
N TRP B 344 -39.89 -0.25 -39.93
CA TRP B 344 -39.85 -0.92 -41.21
C TRP B 344 -39.15 -2.28 -41.10
N TRP B 345 -38.00 -2.30 -40.44
CA TRP B 345 -37.22 -3.53 -40.32
C TRP B 345 -37.87 -4.53 -39.36
N LEU B 346 -38.66 -4.02 -38.41
CA LEU B 346 -39.36 -4.90 -37.49
C LEU B 346 -40.56 -5.58 -38.13
N GLU B 347 -41.36 -4.80 -38.88
CA GLU B 347 -42.62 -5.30 -39.43
C GLU B 347 -42.45 -6.05 -40.75
N GLU B 348 -41.69 -5.46 -41.67
CA GLU B 348 -41.57 -5.99 -43.01
C GLU B 348 -40.66 -7.21 -43.10
N TYR B 349 -39.59 -7.22 -42.32
CA TYR B 349 -38.60 -8.29 -42.42
C TYR B 349 -38.52 -9.12 -41.13
N ARG B 350 -39.27 -8.70 -40.13
CA ARG B 350 -39.47 -9.48 -38.90
C ARG B 350 -38.18 -9.75 -38.13
N PHE B 351 -37.24 -8.81 -38.16
CA PHE B 351 -36.06 -8.88 -37.33
C PHE B 351 -36.43 -8.86 -35.84
N ASP B 352 -35.61 -9.50 -35.01
CA ASP B 352 -35.91 -9.64 -33.59
C ASP B 352 -35.23 -8.54 -32.79
N GLY B 353 -34.51 -7.68 -33.48
CA GLY B 353 -33.81 -6.59 -32.81
C GLY B 353 -32.68 -6.00 -33.63
N PHE B 354 -31.89 -5.14 -33.00
CA PHE B 354 -30.90 -4.34 -33.72
C PHE B 354 -29.61 -4.16 -32.95
N ARG B 355 -28.51 -4.09 -33.68
CA ARG B 355 -27.28 -3.51 -33.16
C ARG B 355 -27.10 -2.14 -33.79
N PHE B 356 -27.17 -1.10 -32.97
CA PHE B 356 -26.95 0.25 -33.45
C PHE B 356 -25.47 0.55 -33.58
N ASP B 357 -24.99 0.64 -34.82
CA ASP B 357 -23.58 0.91 -35.07
C ASP B 357 -23.23 2.39 -34.91
N GLY B 358 -21.97 2.65 -34.53
CA GLY B 358 -21.45 4.01 -34.48
C GLY B 358 -22.07 4.91 -33.43
N VAL B 359 -22.49 4.34 -32.31
CA VAL B 359 -23.11 5.11 -31.23
C VAL B 359 -22.17 6.15 -30.64
N THR B 360 -20.89 5.81 -30.51
CA THR B 360 -19.90 6.74 -29.98
C THR B 360 -19.83 8.01 -30.82
N SER B 361 -19.82 7.85 -32.15
CA SER B 361 -19.81 8.99 -33.05
C SER B 361 -21.06 9.84 -32.90
N MET B 362 -22.21 9.19 -32.73
CA MET B 362 -23.46 9.91 -32.59
C MET B 362 -23.41 10.80 -31.34
N LEU B 363 -22.71 10.33 -30.32
CA LEU B 363 -22.67 11.05 -29.05
C LEU B 363 -21.56 12.09 -28.98
N TYR B 364 -20.45 11.85 -29.68
CA TYR B 364 -19.27 12.73 -29.54
C TYR B 364 -18.62 13.23 -30.83
N HIS B 365 -19.35 13.22 -31.94
CA HIS B 365 -18.81 13.67 -33.23
C HIS B 365 -18.22 15.09 -33.19
N HIS B 366 -18.80 15.94 -32.35
CA HIS B 366 -18.35 17.32 -32.20
CA HIS B 366 -18.34 17.32 -32.23
C HIS B 366 -16.91 17.42 -31.71
N HIS B 367 -16.46 16.40 -30.98
CA HIS B 367 -15.13 16.40 -30.37
C HIS B 367 -14.06 15.80 -31.28
N TYR B 380 -13.30 10.69 -21.86
CA TYR B 380 -14.68 10.73 -22.33
C TYR B 380 -15.65 11.25 -21.26
N PHE B 381 -15.26 11.13 -19.99
CA PHE B 381 -16.12 11.50 -18.87
C PHE B 381 -16.50 12.98 -18.88
N GLY B 382 -15.55 13.83 -19.23
CA GLY B 382 -15.76 15.26 -19.17
C GLY B 382 -16.50 15.86 -20.35
N LEU B 383 -16.44 15.19 -21.50
CA LEU B 383 -16.96 15.76 -22.74
C LEU B 383 -18.47 16.00 -22.70
N GLN B 384 -18.99 16.71 -23.69
CA GLN B 384 -20.42 16.99 -23.73
C GLN B 384 -21.10 16.14 -24.80
N VAL B 385 -22.26 15.60 -24.44
CA VAL B 385 -23.04 14.72 -25.29
C VAL B 385 -23.97 15.46 -26.25
N ASP B 386 -24.02 15.00 -27.49
CA ASP B 386 -25.02 15.50 -28.43
C ASP B 386 -26.39 14.97 -27.99
N GLU B 387 -27.14 15.82 -27.30
CA GLU B 387 -28.39 15.40 -26.67
C GLU B 387 -29.47 15.10 -27.70
N ASP B 388 -29.32 15.60 -28.91
CA ASP B 388 -30.30 15.31 -29.95
C ASP B 388 -30.14 13.86 -30.41
N ALA B 389 -28.90 13.44 -30.61
CA ALA B 389 -28.64 12.07 -31.03
C ALA B 389 -29.06 11.10 -29.95
N LEU B 390 -28.78 11.45 -28.70
CA LEU B 390 -29.10 10.57 -27.59
C LEU B 390 -30.62 10.49 -27.39
N THR B 391 -31.31 11.59 -27.63
CA THR B 391 -32.76 11.60 -27.53
C THR B 391 -33.39 10.72 -28.62
N TYR B 392 -32.76 10.69 -29.79
CA TYR B 392 -33.24 9.78 -30.83
C TYR B 392 -33.06 8.34 -30.41
N LEU B 393 -31.87 8.00 -29.89
CA LEU B 393 -31.59 6.64 -29.48
C LEU B 393 -32.55 6.20 -28.39
N MET B 394 -32.87 7.13 -27.50
CA MET B 394 -33.83 6.88 -26.44
C MET B 394 -35.19 6.58 -27.06
N LEU B 395 -35.57 7.37 -28.06
CA LEU B 395 -36.85 7.18 -28.73
C LEU B 395 -36.89 5.85 -29.48
N ALA B 396 -35.77 5.50 -30.12
CA ALA B 396 -35.69 4.26 -30.87
C ALA B 396 -35.83 3.06 -29.96
N ASN B 397 -35.11 3.08 -28.84
CA ASN B 397 -35.19 2.00 -27.87
C ASN B 397 -36.58 1.90 -27.27
N HIS B 398 -37.20 3.05 -26.98
CA HIS B 398 -38.56 3.07 -26.47
C HIS B 398 -39.53 2.44 -27.46
N LEU B 399 -39.38 2.79 -28.72
CA LEU B 399 -40.21 2.24 -29.79
C LEU B 399 -40.10 0.73 -29.87
N VAL B 400 -38.86 0.24 -29.99
CA VAL B 400 -38.59 -1.19 -30.12
C VAL B 400 -39.17 -2.00 -28.97
N HIS B 401 -38.98 -1.52 -27.74
CA HIS B 401 -39.39 -2.28 -26.55
C HIS B 401 -40.88 -2.14 -26.22
N THR B 402 -41.50 -1.06 -26.66
CA THR B 402 -42.94 -0.89 -26.47
C THR B 402 -43.74 -1.79 -27.42
N LEU B 403 -43.24 -1.97 -28.63
CA LEU B 403 -43.91 -2.83 -29.60
C LEU B 403 -43.70 -4.32 -29.28
N CYS B 404 -42.50 -4.67 -28.83
CA CYS B 404 -42.26 -5.99 -28.25
C CYS B 404 -41.19 -5.97 -27.16
N PRO B 405 -41.61 -6.21 -25.91
CA PRO B 405 -40.70 -6.27 -24.75
C PRO B 405 -39.58 -7.30 -24.92
N ASP B 406 -39.80 -8.31 -25.76
CA ASP B 406 -38.82 -9.38 -25.94
C ASP B 406 -37.72 -9.01 -26.95
N SER B 407 -37.84 -7.84 -27.57
CA SER B 407 -36.88 -7.41 -28.57
C SER B 407 -35.57 -6.97 -27.93
N ILE B 408 -34.49 -7.06 -28.69
N ILE B 408 -34.48 -7.06 -28.69
CA ILE B 408 -33.15 -6.80 -28.18
CA ILE B 408 -33.15 -6.79 -28.16
C ILE B 408 -32.49 -5.65 -28.93
C ILE B 408 -32.46 -5.67 -28.93
N THR B 409 -31.88 -4.72 -28.20
CA THR B 409 -31.08 -3.68 -28.82
C THR B 409 -29.67 -3.71 -28.24
N ILE B 410 -28.68 -3.63 -29.12
CA ILE B 410 -27.28 -3.66 -28.72
C ILE B 410 -26.58 -2.38 -29.18
N ALA B 411 -25.80 -1.77 -28.30
CA ALA B 411 -25.06 -0.56 -28.65
C ALA B 411 -23.58 -0.83 -28.93
N GLU B 412 -23.11 -0.38 -30.07
CA GLU B 412 -21.68 -0.41 -30.39
C GLU B 412 -21.05 0.89 -29.93
N ASP B 413 -20.45 0.88 -28.74
CA ASP B 413 -19.91 2.10 -28.16
C ASP B 413 -18.58 1.87 -27.44
N VAL B 414 -17.54 2.55 -27.93
CA VAL B 414 -16.19 2.39 -27.37
C VAL B 414 -15.95 3.30 -26.16
N SER B 415 -16.74 4.36 -26.04
CA SER B 415 -16.55 5.35 -24.98
C SER B 415 -16.82 4.76 -23.60
N GLY B 416 -17.71 3.78 -23.56
CA GLY B 416 -18.10 3.17 -22.31
C GLY B 416 -18.90 4.16 -21.49
N MET B 417 -19.67 5.00 -22.18
CA MET B 417 -20.51 5.98 -21.50
C MET B 417 -21.48 5.32 -20.53
N PRO B 418 -21.46 5.78 -19.27
CA PRO B 418 -22.39 5.24 -18.29
C PRO B 418 -23.83 5.55 -18.72
N ALA B 419 -24.74 4.69 -18.30
CA ALA B 419 -26.17 4.89 -18.51
C ALA B 419 -26.62 4.80 -19.98
N LEU B 420 -25.75 4.33 -20.86
CA LEU B 420 -26.17 4.06 -22.23
C LEU B 420 -27.11 2.83 -22.18
N CYS B 421 -26.80 1.92 -21.26
CA CYS B 421 -27.55 0.66 -21.13
C CYS B 421 -28.43 0.62 -19.88
N SER B 422 -28.87 1.77 -19.40
CA SER B 422 -29.77 1.79 -18.25
C SER B 422 -31.13 2.34 -18.66
N PRO B 423 -32.17 2.13 -17.83
CA PRO B 423 -33.53 2.51 -18.23
C PRO B 423 -33.71 3.96 -18.67
N ILE B 424 -34.65 4.16 -19.59
CA ILE B 424 -34.98 5.49 -20.09
C ILE B 424 -35.50 6.36 -18.94
N SER B 425 -36.26 5.75 -18.05
CA SER B 425 -36.80 6.45 -16.88
C SER B 425 -35.71 6.92 -15.92
N GLN B 426 -34.49 6.47 -16.12
CA GLN B 426 -33.36 6.93 -15.31
C GLN B 426 -32.45 7.87 -16.08
N GLY B 427 -32.93 8.34 -17.23
CA GLY B 427 -32.13 9.22 -18.07
C GLY B 427 -31.14 8.42 -18.90
N GLY B 428 -31.43 7.13 -19.05
CA GLY B 428 -30.53 6.24 -19.78
C GLY B 428 -30.87 6.13 -21.26
N GLY B 429 -30.01 5.42 -21.99
CA GLY B 429 -30.20 5.25 -23.42
C GLY B 429 -31.22 4.19 -23.79
N GLY B 430 -31.42 3.22 -22.90
CA GLY B 430 -32.43 2.21 -23.13
C GLY B 430 -31.94 0.94 -23.80
N PHE B 431 -30.63 0.84 -24.00
CA PHE B 431 -30.05 -0.37 -24.60
C PHE B 431 -30.05 -1.57 -23.64
N ASP B 432 -30.29 -2.75 -24.19
CA ASP B 432 -30.24 -3.99 -23.43
C ASP B 432 -28.79 -4.41 -23.22
N TYR B 433 -27.99 -4.24 -24.27
CA TYR B 433 -26.59 -4.64 -24.23
C TYR B 433 -25.66 -3.61 -24.84
N ARG B 434 -24.41 -3.65 -24.40
CA ARG B 434 -23.31 -2.99 -25.09
C ARG B 434 -22.25 -4.05 -25.38
N LEU B 435 -21.42 -3.80 -26.39
CA LEU B 435 -20.32 -4.70 -26.70
C LEU B 435 -19.17 -4.47 -25.71
N ALA B 436 -18.58 -5.55 -25.21
CA ALA B 436 -17.44 -5.45 -24.32
C ALA B 436 -16.15 -5.33 -25.12
N MET B 437 -15.92 -4.14 -25.67
CA MET B 437 -14.88 -3.92 -26.67
C MET B 437 -13.46 -3.86 -26.12
N ALA B 438 -13.34 -3.82 -24.79
CA ALA B 438 -12.01 -3.77 -24.17
C ALA B 438 -11.32 -5.12 -24.23
N ILE B 439 -12.11 -6.18 -24.34
CA ILE B 439 -11.59 -7.55 -24.28
C ILE B 439 -10.68 -7.94 -25.47
N PRO B 440 -11.10 -7.67 -26.72
CA PRO B 440 -10.19 -8.06 -27.80
C PRO B 440 -8.87 -7.30 -27.76
N ASP B 441 -8.92 -6.05 -27.32
CA ASP B 441 -7.72 -5.22 -27.15
C ASP B 441 -6.73 -5.90 -26.20
N LYS B 442 -7.26 -6.49 -25.14
CA LYS B 442 -6.44 -7.14 -24.12
C LYS B 442 -5.67 -8.34 -24.68
N TRP B 443 -6.33 -9.18 -25.47
CA TRP B 443 -5.65 -10.33 -26.04
C TRP B 443 -4.62 -9.92 -27.08
N ILE B 444 -4.90 -8.84 -27.81
CA ILE B 444 -3.96 -8.30 -28.78
C ILE B 444 -2.69 -7.85 -28.05
N GLN B 445 -2.88 -7.10 -26.97
CA GLN B 445 -1.76 -6.62 -26.16
C GLN B 445 -0.88 -7.78 -25.67
N LEU B 446 -1.51 -8.77 -25.04
CA LEU B 446 -0.79 -9.92 -24.50
C LEU B 446 0.02 -10.68 -25.56
N LEU B 447 -0.60 -10.92 -26.70
CA LEU B 447 0.02 -11.71 -27.77
C LEU B 447 1.12 -10.94 -28.50
N LYS B 448 1.00 -9.62 -28.52
CA LYS B 448 1.92 -8.78 -29.27
C LYS B 448 3.15 -8.38 -28.45
N GLU B 449 2.94 -8.10 -27.17
CA GLU B 449 3.97 -7.44 -26.37
C GLU B 449 4.52 -8.27 -25.19
N PHE B 450 3.91 -9.42 -24.92
CA PHE B 450 4.33 -10.20 -23.74
C PHE B 450 4.57 -11.67 -24.04
N LYS B 451 5.72 -12.17 -23.60
CA LYS B 451 5.98 -13.59 -23.63
C LYS B 451 5.03 -14.28 -22.67
N ASP B 452 4.72 -15.55 -22.94
CA ASP B 452 3.77 -16.30 -22.15
C ASP B 452 4.12 -16.34 -20.67
N GLU B 453 5.41 -16.41 -20.36
CA GLU B 453 5.88 -16.43 -18.98
C GLU B 453 5.51 -15.14 -18.24
N ASP B 454 5.17 -14.08 -18.97
CA ASP B 454 4.95 -12.77 -18.36
C ASP B 454 3.49 -12.32 -18.32
N TRP B 455 2.57 -13.19 -18.71
CA TRP B 455 1.15 -12.86 -18.68
C TRP B 455 0.67 -12.66 -17.24
N ASN B 456 0.07 -11.51 -16.99
CA ASN B 456 -0.49 -11.20 -15.67
C ASN B 456 -1.92 -11.73 -15.56
N MET B 457 -2.11 -12.72 -14.70
CA MET B 457 -3.43 -13.33 -14.52
C MET B 457 -4.41 -12.31 -13.98
N GLY B 458 -3.93 -11.46 -13.06
CA GLY B 458 -4.75 -10.42 -12.48
C GLY B 458 -5.28 -9.41 -13.50
N ASP B 459 -4.47 -9.11 -14.51
CA ASP B 459 -4.88 -8.18 -15.54
C ASP B 459 -5.97 -8.80 -16.41
N ILE B 460 -5.83 -10.08 -16.69
CA ILE B 460 -6.81 -10.81 -17.49
C ILE B 460 -8.16 -10.86 -16.79
N VAL B 461 -8.16 -11.17 -15.50
CA VAL B 461 -9.39 -11.28 -14.74
C VAL B 461 -10.05 -9.91 -14.57
N TYR B 462 -9.23 -8.88 -14.35
CA TYR B 462 -9.75 -7.53 -14.20
C TYR B 462 -10.45 -7.04 -15.46
N THR B 463 -9.81 -7.22 -16.61
CA THR B 463 -10.37 -6.73 -17.87
C THR B 463 -11.68 -7.43 -18.21
N LEU B 464 -11.76 -8.71 -17.90
CA LEU B 464 -12.95 -9.50 -18.25
C LEU B 464 -14.10 -9.25 -17.29
N THR B 465 -13.79 -8.85 -16.06
CA THR B 465 -14.82 -8.72 -15.03
C THR B 465 -15.17 -7.29 -14.66
N ASN B 466 -14.44 -6.32 -15.20
CA ASN B 466 -14.68 -4.92 -14.86
C ASN B 466 -15.94 -4.41 -15.55
N ARG B 467 -17.08 -4.53 -14.87
CA ARG B 467 -18.36 -4.19 -15.47
C ARG B 467 -19.26 -3.47 -14.47
N ARG B 468 -20.23 -2.72 -15.00
CA ARG B 468 -21.29 -2.17 -14.15
C ARG B 468 -22.30 -3.28 -13.90
N TYR B 469 -22.76 -3.38 -12.65
CA TYR B 469 -23.62 -4.48 -12.24
C TYR B 469 -24.96 -4.56 -12.99
N LEU B 470 -25.55 -3.41 -13.29
CA LEU B 470 -26.86 -3.38 -13.94
C LEU B 470 -26.73 -3.27 -15.46
N GLU B 471 -25.53 -3.48 -15.97
CA GLU B 471 -25.28 -3.32 -17.40
C GLU B 471 -24.83 -4.64 -18.01
N LYS B 472 -25.56 -5.10 -19.02
CA LYS B 472 -25.22 -6.35 -19.70
C LYS B 472 -24.25 -6.14 -20.85
N CYS B 473 -23.22 -6.98 -20.93
CA CYS B 473 -22.23 -6.87 -22.00
C CYS B 473 -22.19 -8.10 -22.89
N ILE B 474 -21.86 -7.88 -24.16
CA ILE B 474 -21.58 -8.98 -25.08
C ILE B 474 -20.07 -9.20 -25.17
N ALA B 475 -19.60 -10.34 -24.68
CA ALA B 475 -18.18 -10.63 -24.69
C ALA B 475 -17.76 -11.34 -25.97
N TYR B 476 -16.58 -10.99 -26.49
CA TYR B 476 -16.02 -11.68 -27.65
C TYR B 476 -14.50 -11.58 -27.67
N ALA B 477 -13.84 -12.60 -28.22
CA ALA B 477 -12.39 -12.68 -28.18
C ALA B 477 -11.73 -11.83 -29.28
N GLU B 478 -12.31 -11.85 -30.47
CA GLU B 478 -11.84 -11.00 -31.56
C GLU B 478 -13.00 -10.41 -32.35
N SER B 479 -12.74 -9.27 -32.99
CA SER B 479 -13.78 -8.55 -33.72
C SER B 479 -13.72 -8.88 -35.21
N HIS B 480 -14.71 -8.40 -35.95
CA HIS B 480 -14.70 -8.59 -37.40
C HIS B 480 -13.63 -7.70 -38.05
N ASP B 481 -13.30 -6.61 -37.37
CA ASP B 481 -12.22 -5.73 -37.83
C ASP B 481 -10.86 -6.44 -37.85
N GLN B 482 -10.69 -7.41 -36.97
CA GLN B 482 -9.41 -8.13 -36.87
C GLN B 482 -9.30 -9.20 -37.94
N ALA B 483 -10.38 -9.42 -38.67
CA ALA B 483 -10.41 -10.43 -39.71
C ALA B 483 -10.04 -9.83 -41.05
N LEU B 484 -9.91 -8.51 -41.09
CA LEU B 484 -9.66 -7.80 -42.35
C LEU B 484 -8.19 -7.81 -42.75
N VAL B 485 -7.93 -7.43 -44.00
CA VAL B 485 -6.57 -7.36 -44.51
C VAL B 485 -5.80 -6.25 -43.79
N GLY B 486 -4.55 -6.54 -43.45
CA GLY B 486 -3.71 -5.57 -42.78
C GLY B 486 -3.69 -5.79 -41.27
N ASP B 487 -4.69 -6.51 -40.77
CA ASP B 487 -4.81 -6.79 -39.35
C ASP B 487 -4.47 -8.26 -39.09
N LYS B 488 -4.62 -8.70 -37.85
CA LYS B 488 -4.34 -10.09 -37.48
C LYS B 488 -5.47 -10.73 -36.69
N SER B 489 -5.85 -11.95 -37.09
CA SER B 489 -6.80 -12.74 -36.32
C SER B 489 -6.09 -13.40 -35.15
N LEU B 490 -6.86 -13.94 -34.21
CA LEU B 490 -6.27 -14.68 -33.10
C LEU B 490 -5.45 -15.87 -33.61
N ALA B 491 -5.98 -16.55 -34.60
CA ALA B 491 -5.31 -17.74 -35.15
C ALA B 491 -3.95 -17.39 -35.74
N PHE B 492 -3.85 -16.22 -36.36
CA PHE B 492 -2.60 -15.82 -36.97
C PHE B 492 -1.62 -15.26 -35.94
N TRP B 493 -2.14 -14.59 -34.91
CA TRP B 493 -1.32 -14.15 -33.79
C TRP B 493 -0.64 -15.35 -33.13
N LEU B 494 -1.34 -16.48 -33.12
CA LEU B 494 -0.92 -17.65 -32.38
C LEU B 494 -0.05 -18.60 -33.20
N MET B 495 -0.32 -18.71 -34.49
CA MET B 495 0.35 -19.72 -35.31
C MET B 495 1.26 -19.13 -36.38
N ASP B 496 1.02 -17.88 -36.76
CA ASP B 496 1.79 -17.19 -37.78
C ASP B 496 1.92 -18.02 -39.06
N ALA B 497 3.16 -18.26 -39.49
CA ALA B 497 3.39 -18.90 -40.79
C ALA B 497 3.06 -20.39 -40.80
N GLU B 498 3.05 -21.02 -39.62
CA GLU B 498 2.77 -22.45 -39.51
C GLU B 498 1.29 -22.75 -39.77
N MET B 499 0.50 -21.68 -39.84
CA MET B 499 -0.90 -21.77 -40.25
C MET B 499 -1.04 -22.45 -41.62
N TYR B 500 -0.04 -22.27 -42.48
CA TYR B 500 -0.13 -22.76 -43.85
C TYR B 500 0.75 -23.98 -44.13
N THR B 501 1.45 -24.47 -43.12
CA THR B 501 2.32 -25.62 -43.30
C THR B 501 1.91 -26.79 -42.40
N ASN B 502 1.30 -26.48 -41.27
CA ASN B 502 1.04 -27.52 -40.27
C ASN B 502 -0.38 -27.57 -39.71
N MET B 503 -1.38 -27.20 -40.50
CA MET B 503 -2.76 -27.36 -40.06
C MET B 503 -3.36 -28.64 -40.64
N SER B 504 -2.50 -29.41 -41.32
CA SER B 504 -2.87 -30.72 -41.84
C SER B 504 -2.44 -31.83 -40.87
N VAL B 505 -3.31 -32.84 -40.70
CA VAL B 505 -2.99 -33.95 -39.82
C VAL B 505 -1.89 -34.83 -40.37
N LEU B 506 -1.47 -34.58 -41.61
CA LEU B 506 -0.40 -35.35 -42.23
C LEU B 506 0.97 -34.75 -41.92
N THR B 507 0.98 -33.63 -41.21
CA THR B 507 2.22 -32.95 -40.87
C THR B 507 2.48 -33.07 -39.36
N PRO B 508 3.71 -32.81 -38.93
CA PRO B 508 3.99 -32.90 -37.50
C PRO B 508 3.16 -31.93 -36.66
N PHE B 509 2.68 -32.40 -35.52
CA PHE B 509 2.01 -31.56 -34.55
C PHE B 509 3.07 -30.75 -33.81
N THR B 510 3.63 -29.74 -34.49
CA THR B 510 4.74 -28.96 -33.97
C THR B 510 4.34 -28.20 -32.71
N PRO B 511 5.32 -27.83 -31.88
CA PRO B 511 5.02 -27.06 -30.67
C PRO B 511 4.38 -25.69 -30.93
N VAL B 512 4.54 -25.16 -32.15
CA VAL B 512 3.92 -23.87 -32.48
C VAL B 512 2.42 -24.07 -32.70
N ILE B 513 2.06 -25.06 -33.53
CA ILE B 513 0.67 -25.42 -33.76
C ILE B 513 0.02 -25.89 -32.47
N ASP B 514 0.78 -26.62 -31.66
CA ASP B 514 0.28 -27.11 -30.38
C ASP B 514 -0.15 -25.96 -29.49
N ARG B 515 0.76 -25.02 -29.27
CA ARG B 515 0.48 -23.85 -28.44
C ARG B 515 -0.68 -23.04 -28.99
N GLY B 516 -0.69 -22.84 -30.31
CA GLY B 516 -1.72 -22.06 -30.94
C GLY B 516 -3.10 -22.66 -30.74
N ILE B 517 -3.25 -23.95 -31.04
CA ILE B 517 -4.53 -24.63 -30.87
C ILE B 517 -5.02 -24.59 -29.43
N GLN B 518 -4.11 -24.73 -28.47
CA GLN B 518 -4.54 -24.76 -27.06
C GLN B 518 -4.96 -23.37 -26.58
N LEU B 519 -4.18 -22.36 -26.92
CA LEU B 519 -4.49 -21.00 -26.46
C LEU B 519 -5.74 -20.45 -27.15
N HIS B 520 -5.97 -20.88 -28.39
CA HIS B 520 -7.15 -20.46 -29.13
C HIS B 520 -8.42 -20.88 -28.40
N LYS B 521 -8.44 -22.11 -27.91
CA LYS B 521 -9.58 -22.63 -27.17
C LYS B 521 -9.72 -21.94 -25.82
N MET B 522 -8.60 -21.79 -25.12
CA MET B 522 -8.62 -21.24 -23.77
C MET B 522 -9.03 -19.77 -23.76
N ILE B 523 -8.54 -19.00 -24.73
CA ILE B 523 -8.86 -17.58 -24.82
C ILE B 523 -10.36 -17.39 -25.04
N ARG B 524 -10.93 -18.20 -25.92
CA ARG B 524 -12.36 -18.15 -26.18
C ARG B 524 -13.18 -18.56 -24.94
N LEU B 525 -12.78 -19.66 -24.30
CA LEU B 525 -13.53 -20.17 -23.15
C LEU B 525 -13.50 -19.23 -21.93
N ILE B 526 -12.35 -18.60 -21.68
CA ILE B 526 -12.24 -17.70 -20.54
C ILE B 526 -13.05 -16.43 -20.82
N THR B 527 -13.12 -16.06 -22.09
CA THR B 527 -13.95 -14.94 -22.52
C THR B 527 -15.42 -15.30 -22.40
N HIS B 528 -15.75 -16.52 -22.83
CA HIS B 528 -17.11 -17.04 -22.82
C HIS B 528 -17.68 -17.19 -21.42
N GLY B 529 -16.87 -17.70 -20.49
CA GLY B 529 -17.35 -18.00 -19.15
C GLY B 529 -17.25 -16.87 -18.15
N LEU B 530 -16.31 -15.95 -18.37
CA LEU B 530 -16.02 -14.91 -17.38
C LEU B 530 -16.38 -13.50 -17.85
N GLY B 531 -16.35 -13.28 -19.16
CA GLY B 531 -16.34 -11.93 -19.69
C GLY B 531 -17.63 -11.13 -19.73
N GLY B 532 -18.78 -11.79 -19.80
CA GLY B 532 -20.03 -11.05 -19.95
C GLY B 532 -21.33 -11.78 -19.74
N GLU B 533 -22.41 -11.18 -20.22
CA GLU B 533 -23.75 -11.72 -20.10
C GLU B 533 -24.25 -12.22 -21.45
N GLY B 534 -23.35 -12.20 -22.44
CA GLY B 534 -23.64 -12.72 -23.76
C GLY B 534 -22.34 -12.95 -24.52
N TYR B 535 -22.38 -13.80 -25.54
CA TYR B 535 -21.19 -14.10 -26.30
C TYR B 535 -21.41 -13.88 -27.79
N LEU B 536 -20.39 -13.37 -28.47
CA LEU B 536 -20.46 -13.14 -29.90
C LEU B 536 -19.25 -13.74 -30.61
N ASN B 537 -19.47 -14.21 -31.83
CA ASN B 537 -18.41 -14.80 -32.64
C ASN B 537 -18.58 -14.43 -34.11
N PHE B 538 -17.54 -13.89 -34.74
CA PHE B 538 -17.60 -13.54 -36.14
C PHE B 538 -17.30 -14.76 -37.02
N MET B 539 -18.06 -14.91 -38.10
CA MET B 539 -18.03 -16.13 -38.92
C MET B 539 -16.62 -16.51 -39.40
N GLY B 540 -16.25 -17.76 -39.13
CA GLY B 540 -14.94 -18.26 -39.48
C GLY B 540 -14.02 -18.41 -38.28
N ASN B 541 -14.09 -17.47 -37.35
CA ASN B 541 -13.16 -17.46 -36.23
C ASN B 541 -13.41 -18.62 -35.27
N GLU B 542 -14.59 -19.24 -35.37
CA GLU B 542 -14.93 -20.34 -34.48
C GLU B 542 -14.08 -21.58 -34.77
N PHE B 543 -13.45 -21.62 -35.93
CA PHE B 543 -12.53 -22.70 -36.25
C PHE B 543 -11.14 -22.20 -36.67
N GLY B 544 -10.85 -20.94 -36.37
CA GLY B 544 -9.54 -20.38 -36.67
C GLY B 544 -9.29 -20.25 -38.15
N HIS B 545 -10.24 -19.63 -38.84
CA HIS B 545 -10.17 -19.41 -40.29
C HIS B 545 -8.85 -18.78 -40.70
N PRO B 546 -8.16 -19.37 -41.70
CA PRO B 546 -6.86 -18.87 -42.13
C PRO B 546 -6.97 -17.62 -42.99
N GLU B 547 -5.83 -17.11 -43.45
CA GLU B 547 -5.76 -15.95 -44.33
C GLU B 547 -6.46 -14.73 -43.73
N TRP B 548 -7.15 -13.98 -44.57
CA TRP B 548 -7.82 -12.76 -44.14
C TRP B 548 -9.02 -12.43 -45.01
N LEU B 549 -9.73 -11.37 -44.63
CA LEU B 549 -10.93 -10.95 -45.36
C LEU B 549 -10.67 -9.62 -46.05
N ASP B 550 -11.05 -9.53 -47.31
CA ASP B 550 -10.86 -8.33 -48.10
C ASP B 550 -11.96 -8.20 -49.13
N PHE B 551 -12.41 -6.98 -49.36
CA PHE B 551 -13.47 -6.73 -50.34
C PHE B 551 -12.91 -6.13 -51.61
N PRO B 552 -13.61 -6.34 -52.74
CA PRO B 552 -13.21 -5.73 -54.01
C PRO B 552 -13.13 -4.22 -53.90
N ARG B 553 -12.02 -3.65 -54.34
CA ARG B 553 -11.78 -2.21 -54.25
C ARG B 553 -10.64 -1.84 -55.20
N LYS B 554 -10.28 -0.55 -55.21
CA LYS B 554 -9.22 -0.07 -56.08
C LYS B 554 -7.90 -0.73 -55.73
N GLY B 555 -7.59 -0.81 -54.43
CA GLY B 555 -6.32 -1.31 -53.96
C GLY B 555 -6.02 -2.78 -54.23
N ASN B 556 -6.98 -3.52 -54.79
CA ASN B 556 -6.73 -4.91 -55.17
C ASN B 556 -7.35 -5.26 -56.52
N ASN B 557 -7.67 -4.23 -57.29
CA ASN B 557 -8.20 -4.39 -58.65
C ASN B 557 -9.51 -5.18 -58.68
N GLU B 558 -10.44 -4.81 -57.80
CA GLU B 558 -11.77 -5.42 -57.73
C GLU B 558 -11.72 -6.93 -57.56
N SER B 559 -10.83 -7.40 -56.70
CA SER B 559 -10.67 -8.83 -56.46
C SER B 559 -11.66 -9.33 -55.41
N TYR B 560 -12.28 -10.48 -55.69
CA TYR B 560 -13.16 -11.12 -54.74
C TYR B 560 -12.49 -12.32 -54.09
N HIS B 561 -11.18 -12.47 -54.32
CA HIS B 561 -10.47 -13.68 -53.92
C HIS B 561 -10.46 -13.90 -52.42
N TYR B 562 -10.48 -12.81 -51.65
CA TYR B 562 -10.51 -12.90 -50.19
C TYR B 562 -11.86 -12.46 -49.63
N ALA B 563 -12.84 -12.26 -50.51
CA ALA B 563 -14.18 -11.86 -50.08
C ALA B 563 -15.08 -13.09 -49.94
N ARG B 564 -14.60 -14.06 -49.16
CA ARG B 564 -15.27 -15.35 -49.08
C ARG B 564 -14.99 -16.03 -47.74
N ARG B 565 -15.61 -17.19 -47.55
CA ARG B 565 -15.39 -17.99 -46.34
C ARG B 565 -15.17 -19.46 -46.71
N GLN B 566 -14.06 -20.02 -46.24
CA GLN B 566 -13.72 -21.41 -46.55
C GLN B 566 -14.30 -22.37 -45.52
N PHE B 567 -15.63 -22.43 -45.43
CA PHE B 567 -16.31 -23.29 -44.46
C PHE B 567 -15.98 -24.77 -44.65
N HIS B 568 -15.51 -25.15 -45.84
CA HIS B 568 -15.25 -26.56 -46.13
C HIS B 568 -14.07 -27.09 -45.33
N LEU B 569 -13.24 -26.18 -44.80
CA LEU B 569 -12.07 -26.57 -44.01
C LEU B 569 -12.43 -27.41 -42.78
N THR B 570 -13.60 -27.17 -42.20
CA THR B 570 -14.03 -27.91 -41.02
C THR B 570 -14.56 -29.30 -41.38
N ASP B 571 -14.95 -29.48 -42.63
CA ASP B 571 -15.51 -30.75 -43.07
C ASP B 571 -14.40 -31.70 -43.47
N ASP B 572 -13.19 -31.16 -43.64
CA ASP B 572 -12.03 -31.95 -44.00
C ASP B 572 -11.42 -32.65 -42.79
N ASP B 573 -11.50 -33.98 -42.76
CA ASP B 573 -10.95 -34.76 -41.64
C ASP B 573 -9.43 -34.78 -41.64
N LEU B 574 -8.84 -34.43 -42.78
CA LEU B 574 -7.40 -34.48 -42.93
C LEU B 574 -6.78 -33.15 -42.47
N LEU B 575 -7.63 -32.22 -42.04
CA LEU B 575 -7.16 -30.93 -41.54
C LEU B 575 -7.46 -30.78 -40.05
N ARG B 576 -6.83 -29.80 -39.42
CA ARG B 576 -6.92 -29.62 -37.98
C ARG B 576 -7.90 -28.54 -37.52
N TYR B 577 -8.54 -27.85 -38.48
CA TYR B 577 -9.53 -26.84 -38.15
C TYR B 577 -10.75 -27.43 -37.43
N LYS B 578 -11.01 -28.72 -37.67
CA LYS B 578 -12.12 -29.40 -37.03
C LYS B 578 -11.94 -29.43 -35.51
N PHE B 579 -10.70 -29.34 -35.05
CA PHE B 579 -10.41 -29.40 -33.61
C PHE B 579 -10.93 -28.14 -32.92
N LEU B 580 -10.66 -27.00 -33.53
CA LEU B 580 -11.10 -25.71 -32.98
C LEU B 580 -12.61 -25.59 -33.10
N ASN B 581 -13.14 -26.09 -34.21
CA ASN B 581 -14.58 -26.06 -34.47
C ASN B 581 -15.36 -26.94 -33.48
N ASN B 582 -14.85 -28.13 -33.22
CA ASN B 582 -15.50 -29.06 -32.30
C ASN B 582 -15.60 -28.47 -30.90
N PHE B 583 -14.58 -27.72 -30.51
CA PHE B 583 -14.54 -27.09 -29.20
C PHE B 583 -15.60 -26.00 -29.09
N ASP B 584 -15.78 -25.23 -30.16
CA ASP B 584 -16.75 -24.15 -30.15
C ASP B 584 -18.17 -24.68 -29.99
N ARG B 585 -18.47 -25.77 -30.70
CA ARG B 585 -19.79 -26.38 -30.61
C ARG B 585 -20.07 -26.91 -29.21
N ASP B 586 -19.10 -27.56 -28.59
CA ASP B 586 -19.32 -28.13 -27.27
C ASP B 586 -19.33 -27.04 -26.21
N MET B 587 -18.63 -25.94 -26.47
CA MET B 587 -18.64 -24.80 -25.57
C MET B 587 -20.03 -24.17 -25.50
N ASN B 588 -20.65 -23.97 -26.66
CA ASN B 588 -21.97 -23.36 -26.71
C ASN B 588 -23.08 -24.30 -26.24
N ARG B 589 -22.93 -25.59 -26.48
CA ARG B 589 -23.93 -26.56 -26.05
C ARG B 589 -23.87 -26.76 -24.54
N LEU B 590 -22.68 -26.58 -23.96
CA LEU B 590 -22.51 -26.67 -22.52
C LEU B 590 -23.15 -25.47 -21.82
N GLU B 591 -23.01 -24.29 -22.43
CA GLU B 591 -23.61 -23.08 -21.89
C GLU B 591 -25.15 -23.18 -21.96
N GLU B 592 -25.67 -23.73 -23.04
CA GLU B 592 -27.11 -23.93 -23.20
C GLU B 592 -27.69 -24.79 -22.08
N ARG B 593 -26.91 -25.77 -21.60
CA ARG B 593 -27.38 -26.64 -20.53
C ARG B 593 -27.24 -26.01 -19.15
N TYR B 594 -26.18 -25.24 -18.93
CA TYR B 594 -25.90 -24.71 -17.58
C TYR B 594 -26.18 -23.21 -17.42
N GLY B 595 -26.14 -22.47 -18.52
CA GLY B 595 -26.54 -21.07 -18.52
C GLY B 595 -25.69 -20.13 -17.70
N TRP B 596 -24.39 -20.15 -17.90
CA TRP B 596 -23.50 -19.32 -17.11
C TRP B 596 -23.51 -17.86 -17.59
N LEU B 597 -23.94 -17.64 -18.83
CA LEU B 597 -24.03 -16.28 -19.36
C LEU B 597 -25.11 -15.47 -18.66
N ALA B 598 -26.14 -16.14 -18.15
CA ALA B 598 -27.24 -15.46 -17.48
C ALA B 598 -27.04 -15.48 -15.96
N ALA B 599 -25.99 -16.15 -15.52
CA ALA B 599 -25.67 -16.24 -14.10
C ALA B 599 -25.05 -14.94 -13.59
N PRO B 600 -25.08 -14.73 -12.27
CA PRO B 600 -24.36 -13.59 -11.69
C PRO B 600 -22.86 -13.68 -12.01
N GLN B 601 -22.14 -12.59 -11.79
CA GLN B 601 -20.72 -12.57 -12.10
C GLN B 601 -19.97 -13.62 -11.28
N ALA B 602 -18.98 -14.25 -11.91
CA ALA B 602 -18.27 -15.38 -11.32
C ALA B 602 -17.54 -15.04 -10.03
N TYR B 603 -17.36 -16.05 -9.19
CA TYR B 603 -16.53 -15.93 -8.00
C TYR B 603 -15.12 -16.44 -8.30
N VAL B 604 -14.19 -15.52 -8.44
CA VAL B 604 -12.81 -15.88 -8.74
C VAL B 604 -12.07 -16.24 -7.46
N SER B 605 -11.64 -17.49 -7.35
CA SER B 605 -10.97 -17.96 -6.15
C SER B 605 -9.46 -17.90 -6.28
N GLU B 606 -8.95 -17.84 -7.51
CA GLU B 606 -7.51 -17.79 -7.72
C GLU B 606 -7.06 -17.16 -9.03
N LYS B 607 -6.18 -16.17 -8.90
CA LYS B 607 -5.45 -15.61 -10.02
C LYS B 607 -3.97 -15.56 -9.66
N HIS B 608 -3.37 -16.75 -9.62
CA HIS B 608 -2.01 -16.96 -9.13
C HIS B 608 -0.97 -16.58 -10.19
N GLU B 609 -0.12 -15.61 -9.87
CA GLU B 609 0.87 -15.11 -10.84
C GLU B 609 2.02 -16.09 -11.06
N GLY B 610 2.44 -16.77 -10.00
CA GLY B 610 3.53 -17.71 -10.11
C GLY B 610 3.14 -18.94 -10.91
N ASN B 611 2.00 -19.52 -10.56
CA ASN B 611 1.53 -20.74 -11.21
C ASN B 611 0.78 -20.50 -12.52
N LYS B 612 0.40 -19.25 -12.76
CA LYS B 612 -0.38 -18.87 -13.94
C LYS B 612 -1.71 -19.65 -13.98
N ILE B 613 -2.38 -19.71 -12.85
CA ILE B 613 -3.66 -20.41 -12.74
C ILE B 613 -4.79 -19.43 -12.47
N ILE B 614 -5.86 -19.54 -13.23
CA ILE B 614 -7.08 -18.80 -12.96
C ILE B 614 -8.20 -19.78 -12.66
N ALA B 615 -8.84 -19.61 -11.51
CA ALA B 615 -9.92 -20.49 -11.09
C ALA B 615 -11.13 -19.69 -10.64
N PHE B 616 -12.30 -20.04 -11.15
CA PHE B 616 -13.52 -19.36 -10.73
C PHE B 616 -14.76 -20.25 -10.86
N GLU B 617 -15.83 -19.82 -10.19
CA GLU B 617 -17.12 -20.50 -10.24
C GLU B 617 -18.20 -19.62 -10.83
N ARG B 618 -19.01 -20.18 -11.72
CA ARG B 618 -20.16 -19.46 -12.23
C ARG B 618 -21.26 -20.46 -12.55
N ALA B 619 -22.48 -20.16 -12.10
CA ALA B 619 -23.65 -21.03 -12.26
C ALA B 619 -23.38 -22.43 -11.68
N GLY B 620 -22.61 -22.48 -10.61
CA GLY B 620 -22.32 -23.75 -9.96
C GLY B 620 -21.16 -24.54 -10.53
N LEU B 621 -20.75 -24.22 -11.76
CA LEU B 621 -19.64 -24.92 -12.40
C LEU B 621 -18.29 -24.41 -11.89
N LEU B 622 -17.28 -25.27 -11.97
CA LEU B 622 -15.93 -24.90 -11.56
C LEU B 622 -15.03 -24.78 -12.78
N PHE B 623 -14.52 -23.58 -13.03
CA PHE B 623 -13.65 -23.31 -14.17
C PHE B 623 -12.19 -23.27 -13.74
N ILE B 624 -11.33 -24.05 -14.41
CA ILE B 624 -9.91 -24.04 -14.12
C ILE B 624 -9.07 -23.84 -15.38
N PHE B 625 -8.25 -22.79 -15.38
CA PHE B 625 -7.36 -22.49 -16.48
C PHE B 625 -5.89 -22.57 -16.05
N ASN B 626 -5.09 -23.32 -16.80
CA ASN B 626 -3.65 -23.35 -16.59
C ASN B 626 -2.94 -22.67 -17.75
N PHE B 627 -2.61 -21.40 -17.58
CA PHE B 627 -1.99 -20.63 -18.66
C PHE B 627 -0.46 -20.71 -18.61
N HIS B 628 0.08 -21.56 -17.74
CA HIS B 628 1.52 -21.71 -17.62
C HIS B 628 2.07 -22.37 -18.89
N PRO B 629 3.15 -21.80 -19.44
CA PRO B 629 3.68 -22.30 -20.72
C PRO B 629 4.43 -23.64 -20.65
N SER B 630 4.68 -24.18 -19.45
CA SER B 630 5.41 -25.45 -19.37
C SER B 630 5.02 -26.36 -18.21
N LYS B 631 4.64 -25.79 -17.08
CA LYS B 631 4.41 -26.59 -15.87
C LYS B 631 3.03 -27.22 -15.81
N SER B 632 2.97 -28.45 -15.31
CA SER B 632 1.73 -29.14 -15.02
C SER B 632 1.62 -29.43 -13.53
N TYR B 633 0.40 -29.46 -13.01
CA TYR B 633 0.20 -29.61 -11.56
C TYR B 633 -0.63 -30.86 -11.28
N THR B 634 -0.18 -31.66 -10.30
CA THR B 634 -0.74 -33.00 -10.11
C THR B 634 -1.72 -33.09 -8.95
N ASP B 635 -1.43 -32.38 -7.86
CA ASP B 635 -2.34 -32.36 -6.73
C ASP B 635 -2.66 -30.92 -6.36
N TYR B 636 -3.18 -30.17 -7.33
CA TYR B 636 -3.42 -28.75 -7.18
C TYR B 636 -4.76 -28.55 -6.49
N ARG B 637 -4.76 -27.76 -5.43
CA ARG B 637 -5.96 -27.56 -4.62
C ARG B 637 -6.79 -26.39 -5.15
N VAL B 638 -8.08 -26.61 -5.34
CA VAL B 638 -8.97 -25.59 -5.87
C VAL B 638 -10.21 -25.45 -4.99
N GLY B 639 -10.52 -24.23 -4.59
CA GLY B 639 -11.67 -23.99 -3.74
C GLY B 639 -13.00 -24.07 -4.46
N THR B 640 -14.02 -24.57 -3.75
CA THR B 640 -15.37 -24.64 -4.28
C THR B 640 -16.34 -24.13 -3.21
N ALA B 641 -17.60 -23.92 -3.60
CA ALA B 641 -18.58 -23.37 -2.66
C ALA B 641 -19.30 -24.49 -1.92
N LEU B 642 -19.41 -25.64 -2.58
CA LEU B 642 -20.12 -26.79 -2.04
C LEU B 642 -19.24 -28.03 -2.08
N PRO B 643 -19.46 -28.98 -1.15
CA PRO B 643 -18.73 -30.25 -1.13
C PRO B 643 -19.44 -31.32 -1.96
N GLY B 644 -18.73 -32.41 -2.25
CA GLY B 644 -19.33 -33.53 -2.97
C GLY B 644 -18.47 -34.02 -4.11
N LYS B 645 -19.09 -34.75 -5.03
CA LYS B 645 -18.35 -35.34 -6.14
C LYS B 645 -18.37 -34.40 -7.34
N PHE B 646 -17.20 -34.22 -7.95
CA PHE B 646 -17.08 -33.36 -9.12
C PHE B 646 -16.64 -34.18 -10.32
N LYS B 647 -17.28 -33.94 -11.46
CA LYS B 647 -16.92 -34.62 -12.69
C LYS B 647 -16.61 -33.62 -13.80
N ILE B 648 -15.68 -33.99 -14.68
CA ILE B 648 -15.32 -33.16 -15.82
C ILE B 648 -16.44 -33.15 -16.85
N VAL B 649 -16.94 -31.96 -17.18
CA VAL B 649 -17.98 -31.82 -18.19
C VAL B 649 -17.44 -31.18 -19.47
N LEU B 650 -16.23 -30.63 -19.37
CA LEU B 650 -15.51 -30.12 -20.53
C LEU B 650 -14.01 -30.13 -20.25
N ASP B 651 -13.25 -30.62 -21.23
CA ASP B 651 -11.81 -30.74 -21.10
C ASP B 651 -11.13 -30.38 -22.41
N SER B 652 -10.43 -29.25 -22.43
CA SER B 652 -9.80 -28.77 -23.65
C SER B 652 -8.66 -29.68 -24.10
N ASP B 653 -8.29 -30.63 -23.26
CA ASP B 653 -7.21 -31.56 -23.58
C ASP B 653 -7.75 -32.80 -24.28
N ALA B 654 -9.06 -32.85 -24.50
CA ALA B 654 -9.68 -33.96 -25.19
C ALA B 654 -9.16 -34.10 -26.62
N ALA B 655 -9.16 -35.32 -27.15
CA ALA B 655 -8.63 -35.58 -28.48
C ALA B 655 -9.46 -34.92 -29.57
N GLU B 656 -10.77 -34.84 -29.37
CA GLU B 656 -11.64 -34.25 -30.38
C GLU B 656 -11.41 -32.74 -30.49
N TYR B 657 -10.77 -32.15 -29.50
CA TYR B 657 -10.48 -30.71 -29.51
C TYR B 657 -9.04 -30.44 -29.93
N GLY B 658 -8.29 -31.48 -30.21
CA GLY B 658 -6.89 -31.32 -30.57
C GLY B 658 -5.99 -31.23 -29.35
N GLY B 659 -6.40 -31.93 -28.28
CA GLY B 659 -5.62 -31.95 -27.06
C GLY B 659 -4.68 -33.15 -27.01
N HIS B 660 -4.16 -33.46 -25.83
CA HIS B 660 -3.20 -34.55 -25.70
C HIS B 660 -3.78 -35.71 -24.90
N GLN B 661 -5.07 -35.59 -24.60
CA GLN B 661 -5.87 -36.62 -23.90
C GLN B 661 -5.15 -37.32 -22.76
N ARG B 662 -4.65 -36.53 -21.81
CA ARG B 662 -3.94 -37.08 -20.65
C ARG B 662 -4.91 -37.38 -19.50
N LEU B 663 -6.07 -36.73 -19.51
CA LEU B 663 -7.01 -36.84 -18.39
C LEU B 663 -8.01 -37.97 -18.54
N ASP B 664 -8.36 -38.58 -17.42
CA ASP B 664 -9.37 -39.63 -17.35
C ASP B 664 -10.70 -39.08 -16.85
N HIS B 665 -11.69 -39.03 -17.74
CA HIS B 665 -12.98 -38.43 -17.41
C HIS B 665 -13.81 -39.27 -16.46
N SER B 666 -13.33 -40.47 -16.13
CA SER B 666 -14.07 -41.33 -15.22
C SER B 666 -13.62 -41.08 -13.78
N THR B 667 -12.61 -40.22 -13.63
CA THR B 667 -12.06 -39.93 -12.31
C THR B 667 -13.05 -39.11 -11.48
N ASP B 668 -13.37 -39.60 -10.29
CA ASP B 668 -14.17 -38.84 -9.34
C ASP B 668 -13.31 -37.82 -8.62
N PHE B 669 -13.73 -36.55 -8.62
CA PHE B 669 -13.03 -35.53 -7.85
C PHE B 669 -13.89 -35.12 -6.65
N PHE B 670 -13.38 -35.33 -5.44
CA PHE B 670 -14.17 -35.05 -4.25
C PHE B 670 -13.75 -33.78 -3.54
N SER B 671 -14.71 -32.92 -3.26
CA SER B 671 -14.46 -31.71 -2.51
C SER B 671 -14.78 -31.94 -1.04
N GLU B 672 -13.76 -31.82 -0.20
CA GLU B 672 -13.92 -32.04 1.24
C GLU B 672 -13.80 -30.73 2.02
N ALA B 673 -14.27 -30.75 3.26
CA ALA B 673 -14.18 -29.57 4.12
C ALA B 673 -12.74 -29.27 4.47
N PHE B 674 -12.13 -28.36 3.71
CA PHE B 674 -10.76 -27.95 3.92
C PHE B 674 -10.62 -26.57 3.28
N GLU B 675 -10.56 -25.53 4.12
CA GLU B 675 -10.51 -24.15 3.65
C GLU B 675 -9.32 -23.89 2.72
N HIS B 676 -9.57 -23.16 1.64
CA HIS B 676 -8.54 -22.80 0.68
C HIS B 676 -8.96 -21.61 -0.19
N ASN B 677 -8.13 -20.58 -0.20
CA ASN B 677 -8.34 -19.38 -1.01
C ASN B 677 -9.69 -18.73 -0.75
N GLY B 678 -10.13 -18.76 0.50
CA GLY B 678 -11.38 -18.14 0.90
C GLY B 678 -12.61 -18.99 0.59
N ARG B 679 -12.40 -20.27 0.32
CA ARG B 679 -13.51 -21.20 0.12
C ARG B 679 -13.55 -22.20 1.26
N PRO B 680 -14.76 -22.54 1.73
CA PRO B 680 -14.93 -23.48 2.84
C PRO B 680 -14.58 -24.93 2.48
N TYR B 681 -14.62 -25.28 1.19
CA TYR B 681 -14.30 -26.63 0.77
C TYR B 681 -13.30 -26.62 -0.39
N SER B 682 -12.72 -27.79 -0.68
CA SER B 682 -11.66 -27.88 -1.68
C SER B 682 -11.53 -29.27 -2.28
N LEU B 683 -11.02 -29.32 -3.51
CA LEU B 683 -10.72 -30.59 -4.15
C LEU B 683 -9.32 -30.55 -4.76
N LEU B 684 -8.81 -31.72 -5.10
CA LEU B 684 -7.50 -31.83 -5.74
C LEU B 684 -7.67 -32.19 -7.19
N VAL B 685 -6.93 -31.51 -8.06
CA VAL B 685 -7.11 -31.71 -9.50
C VAL B 685 -5.75 -31.88 -10.19
N TYR B 686 -5.74 -32.62 -11.29
CA TYR B 686 -4.57 -32.70 -12.15
C TYR B 686 -4.83 -31.85 -13.39
N ILE B 687 -4.06 -30.78 -13.54
CA ILE B 687 -4.30 -29.82 -14.60
C ILE B 687 -3.02 -29.49 -15.37
N PRO B 688 -2.86 -30.09 -16.56
CA PRO B 688 -1.68 -29.91 -17.41
C PRO B 688 -1.50 -28.49 -17.93
N SER B 689 -0.30 -28.21 -18.43
CA SER B 689 0.02 -26.91 -19.03
C SER B 689 -0.86 -26.63 -20.25
N ARG B 690 -1.42 -25.42 -20.29
CA ARG B 690 -2.28 -24.98 -21.38
C ARG B 690 -3.50 -25.87 -21.58
N VAL B 691 -4.22 -26.11 -20.48
CA VAL B 691 -5.45 -26.89 -20.50
C VAL B 691 -6.52 -26.17 -19.70
N ALA B 692 -7.75 -26.16 -20.20
CA ALA B 692 -8.88 -25.60 -19.46
C ALA B 692 -9.86 -26.69 -19.06
N LEU B 693 -10.36 -26.60 -17.84
CA LEU B 693 -11.30 -27.60 -17.33
C LEU B 693 -12.57 -26.97 -16.75
N ILE B 694 -13.71 -27.58 -17.05
CA ILE B 694 -14.95 -27.24 -16.36
C ILE B 694 -15.45 -28.48 -15.63
N LEU B 695 -15.75 -28.32 -14.35
CA LEU B 695 -16.18 -29.43 -13.51
C LEU B 695 -17.56 -29.16 -12.93
N GLN B 696 -18.39 -30.20 -12.84
CA GLN B 696 -19.73 -30.08 -12.28
C GLN B 696 -19.87 -30.82 -10.96
N ASN B 697 -20.57 -30.19 -10.01
CA ASN B 697 -20.96 -30.87 -8.78
C ASN B 697 -22.21 -31.71 -9.05
N VAL B 698 -22.10 -33.02 -8.87
CA VAL B 698 -23.21 -33.92 -9.18
C VAL B 698 -24.02 -34.29 -7.94
N ASP B 699 -23.57 -33.82 -6.79
CA ASP B 699 -24.27 -34.07 -5.53
C ASP B 699 -25.06 -32.85 -5.07
N GLN C 46 -3.30 3.71 -19.71
CA GLN C 46 -1.91 3.31 -19.84
C GLN C 46 -0.99 4.52 -19.74
N ARG C 47 -1.47 5.68 -20.15
CA ARG C 47 -0.69 6.91 -20.07
C ARG C 47 -0.51 7.37 -18.62
N ARG C 48 -1.59 7.41 -17.86
CA ARG C 48 -1.55 7.85 -16.48
C ARG C 48 -0.65 6.98 -15.61
N TYR C 49 -0.64 5.67 -15.87
CA TYR C 49 0.17 4.76 -15.08
C TYR C 49 1.65 4.92 -15.42
N LYS C 50 1.93 5.25 -16.67
CA LYS C 50 3.31 5.47 -17.11
C LYS C 50 3.83 6.76 -16.47
N GLN C 51 2.95 7.75 -16.33
CA GLN C 51 3.30 9.01 -15.69
C GLN C 51 3.50 8.81 -14.19
N PHE C 52 2.64 8.01 -13.57
CA PHE C 52 2.77 7.67 -12.16
C PHE C 52 4.10 6.96 -11.93
N SER C 53 4.35 5.93 -12.73
CA SER C 53 5.56 5.12 -12.62
C SER C 53 6.83 5.94 -12.82
N GLN C 54 6.76 6.96 -13.65
CA GLN C 54 7.93 7.80 -13.94
C GLN C 54 8.32 8.61 -12.71
N ILE C 55 7.32 9.25 -12.09
CA ILE C 55 7.55 10.05 -10.89
C ILE C 55 8.03 9.18 -9.73
N LEU C 56 7.40 8.02 -9.57
CA LEU C 56 7.76 7.11 -8.49
C LEU C 56 9.18 6.59 -8.66
N LYS C 57 9.60 6.46 -9.92
CA LYS C 57 10.95 6.01 -10.24
C LYS C 57 11.95 7.13 -9.94
N ASN C 58 11.55 8.37 -10.21
CA ASN C 58 12.37 9.53 -9.88
C ASN C 58 12.53 9.68 -8.37
N ILE C 59 11.46 9.41 -7.64
CA ILE C 59 11.49 9.42 -6.19
C ILE C 59 12.53 8.41 -5.70
N GLY C 60 12.68 7.33 -6.45
CA GLY C 60 13.67 6.30 -6.13
C GLY C 60 15.08 6.71 -6.48
N GLU C 61 15.26 7.52 -7.51
CA GLU C 61 16.59 7.92 -7.97
C GLU C 61 17.12 9.17 -7.27
N ASN C 62 16.20 10.05 -6.85
CA ASN C 62 16.60 11.34 -6.30
C ASN C 62 16.36 11.42 -4.80
N GLU C 63 15.36 10.69 -4.34
CA GLU C 63 15.20 10.43 -2.92
C GLU C 63 15.47 8.94 -2.73
N GLY C 64 15.28 8.43 -1.52
CA GLY C 64 15.63 7.03 -1.27
C GLY C 64 14.48 6.06 -1.37
N GLY C 65 13.55 6.32 -2.28
CA GLY C 65 12.31 5.56 -2.33
C GLY C 65 11.23 6.33 -1.60
N ILE C 66 10.00 5.83 -1.67
CA ILE C 66 8.86 6.58 -1.15
C ILE C 66 8.80 6.52 0.38
N ASP C 67 9.47 5.54 0.97
CA ASP C 67 9.58 5.47 2.43
C ASP C 67 10.40 6.65 2.97
N LYS C 68 11.61 6.84 2.46
CA LYS C 68 12.45 7.94 2.91
C LYS C 68 11.84 9.28 2.55
N PHE C 69 11.24 9.36 1.37
CA PHE C 69 10.65 10.60 0.87
C PHE C 69 9.54 11.09 1.80
N SER C 70 8.72 10.17 2.30
CA SER C 70 7.58 10.55 3.13
C SER C 70 7.96 10.73 4.60
N ARG C 71 9.25 10.75 4.89
CA ARG C 71 9.71 10.98 6.26
C ARG C 71 10.33 12.36 6.41
N GLY C 72 9.82 13.32 5.65
CA GLY C 72 10.31 14.69 5.69
C GLY C 72 10.14 15.36 7.04
N TYR C 73 9.13 14.93 7.81
CA TYR C 73 8.84 15.53 9.11
C TYR C 73 9.94 15.28 10.15
N GLU C 74 10.86 14.39 9.82
CA GLU C 74 11.95 14.03 10.72
C GLU C 74 13.07 15.06 10.73
N SER C 75 13.13 15.89 9.69
CA SER C 75 14.20 16.87 9.59
C SER C 75 13.68 18.30 9.40
N PHE C 76 12.55 18.44 8.71
CA PHE C 76 11.92 19.74 8.55
C PHE C 76 11.22 20.17 9.83
N GLY C 77 11.21 21.48 10.09
CA GLY C 77 10.58 22.01 11.29
C GLY C 77 11.59 22.31 12.37
N VAL C 78 11.29 21.90 13.60
CA VAL C 78 12.16 22.14 14.73
C VAL C 78 12.42 20.85 15.52
N HIS C 79 13.68 20.51 15.72
CA HIS C 79 14.03 19.28 16.42
C HIS C 79 15.16 19.45 17.42
N ARG C 80 14.87 19.15 18.68
CA ARG C 80 15.93 19.06 19.68
C ARG C 80 16.75 17.81 19.43
N CYS C 81 18.05 17.97 19.28
CA CYS C 81 18.93 16.85 19.02
C CYS C 81 19.40 16.17 20.30
N ALA C 82 19.98 14.98 20.17
CA ALA C 82 20.41 14.19 21.31
C ALA C 82 21.64 14.79 21.99
N ASP C 83 22.26 15.78 21.36
CA ASP C 83 23.41 16.45 21.94
C ASP C 83 23.03 17.76 22.64
N GLY C 84 21.73 18.03 22.73
CA GLY C 84 21.26 19.24 23.38
C GLY C 84 21.05 20.42 22.45
N GLY C 85 21.53 20.30 21.21
CA GLY C 85 21.37 21.35 20.23
C GLY C 85 20.00 21.34 19.55
N LEU C 86 19.80 22.27 18.63
CA LEU C 86 18.54 22.37 17.89
C LEU C 86 18.78 22.43 16.39
N TYR C 87 18.22 21.47 15.65
CA TYR C 87 18.31 21.52 14.20
C TYR C 87 16.97 21.93 13.60
N CYS C 88 17.02 22.86 12.65
CA CYS C 88 15.81 23.38 12.02
C CYS C 88 15.96 23.41 10.51
N LYS C 89 14.85 23.19 9.81
CA LYS C 89 14.86 23.25 8.36
C LYS C 89 13.48 23.63 7.82
N GLU C 90 13.46 24.55 6.86
CA GLU C 90 12.23 25.02 6.24
C GLU C 90 12.41 25.11 4.73
N TRP C 91 11.31 25.02 4.00
CA TRP C 91 11.32 25.32 2.58
C TRP C 91 10.67 26.68 2.33
N ALA C 92 11.47 27.63 1.85
CA ALA C 92 10.98 28.98 1.59
C ALA C 92 11.82 29.63 0.49
N PRO C 93 11.56 29.25 -0.78
CA PRO C 93 12.38 29.62 -1.93
C PRO C 93 12.37 31.12 -2.24
N GLY C 94 11.34 31.83 -1.80
CA GLY C 94 11.21 33.23 -2.13
C GLY C 94 11.52 34.17 -0.98
N ALA C 95 12.22 33.65 0.02
CA ALA C 95 12.62 34.46 1.17
C ALA C 95 14.01 35.07 0.96
N GLU C 96 14.22 36.26 1.52
CA GLU C 96 15.53 36.90 1.52
C GLU C 96 16.35 36.38 2.70
N GLY C 97 15.68 36.19 3.83
CA GLY C 97 16.30 35.59 5.00
C GLY C 97 15.29 34.86 5.85
N VAL C 98 15.75 33.85 6.57
CA VAL C 98 14.89 33.09 7.47
C VAL C 98 15.54 33.05 8.85
N PHE C 99 14.72 33.25 9.88
CA PHE C 99 15.22 33.35 11.24
C PHE C 99 14.29 32.64 12.22
N LEU C 100 14.83 32.21 13.34
CA LEU C 100 14.02 31.61 14.40
C LEU C 100 13.98 32.52 15.62
N THR C 101 12.81 32.62 16.24
CA THR C 101 12.65 33.47 17.41
C THR C 101 11.54 32.94 18.31
N GLY C 102 11.42 33.53 19.50
CA GLY C 102 10.42 33.11 20.45
C GLY C 102 10.81 33.45 21.88
N ASP C 103 10.10 32.88 22.84
CA ASP C 103 10.41 33.08 24.25
C ASP C 103 11.85 32.70 24.60
N PHE C 104 12.37 31.67 23.93
CA PHE C 104 13.66 31.09 24.30
C PHE C 104 14.82 32.06 24.06
N ASN C 105 14.62 33.05 23.18
CA ASN C 105 15.67 34.04 22.93
C ASN C 105 15.20 35.48 23.11
N GLY C 106 14.15 35.67 23.91
CA GLY C 106 13.63 36.99 24.23
C GLY C 106 13.05 37.71 23.03
N TRP C 107 12.55 36.94 22.07
CA TRP C 107 11.94 37.45 20.84
C TRP C 107 12.86 38.40 20.07
N ASN C 108 14.15 38.14 20.17
CA ASN C 108 15.11 38.76 19.27
C ASN C 108 14.87 38.19 17.87
N PRO C 109 14.49 39.06 16.92
CA PRO C 109 14.07 38.60 15.60
C PRO C 109 15.18 37.99 14.73
N PHE C 110 16.39 38.52 14.80
CA PHE C 110 17.42 38.16 13.82
C PHE C 110 18.68 37.51 14.41
N SER C 111 18.64 37.16 15.69
CA SER C 111 19.82 36.62 16.36
C SER C 111 20.16 35.19 15.93
N TYR C 112 19.21 34.49 15.32
CA TYR C 112 19.44 33.12 14.87
C TYR C 112 19.06 32.93 13.41
N PRO C 113 19.96 33.31 12.49
CA PRO C 113 19.73 33.19 11.05
C PRO C 113 19.91 31.77 10.53
N TYR C 114 19.01 31.34 9.65
CA TYR C 114 19.16 30.07 8.94
C TYR C 114 20.23 30.21 7.87
N LYS C 115 20.87 29.09 7.52
CA LYS C 115 21.83 29.09 6.43
C LYS C 115 21.10 28.75 5.13
N LYS C 116 21.40 29.46 4.05
CA LYS C 116 20.68 29.26 2.80
C LYS C 116 21.21 28.07 2.03
N LEU C 117 20.30 27.16 1.68
CA LEU C 117 20.64 25.94 0.98
C LEU C 117 20.17 25.96 -0.47
N ASP C 118 20.58 24.96 -1.23
CA ASP C 118 20.08 24.76 -2.58
C ASP C 118 18.59 24.41 -2.58
N TYR C 119 17.96 24.64 -3.71
CA TYR C 119 16.55 24.28 -3.93
C TYR C 119 15.63 24.97 -2.94
N GLY C 120 15.94 26.23 -2.63
CA GLY C 120 15.05 27.07 -1.84
C GLY C 120 14.91 26.73 -0.37
N LYS C 121 15.79 25.88 0.13
CA LYS C 121 15.71 25.45 1.52
C LYS C 121 16.62 26.24 2.45
N TRP C 122 16.31 26.17 3.74
CA TRP C 122 17.06 26.87 4.77
C TRP C 122 17.25 25.94 5.97
N GLU C 123 18.43 25.97 6.57
CA GLU C 123 18.66 25.16 7.77
C GLU C 123 19.39 25.94 8.86
N LEU C 124 19.18 25.52 10.10
CA LEU C 124 19.75 26.17 11.27
C LEU C 124 20.18 25.15 12.30
N TYR C 125 21.39 25.30 12.82
CA TYR C 125 21.80 24.51 13.97
C TYR C 125 22.27 25.40 15.11
N ILE C 126 21.53 25.38 16.21
CA ILE C 126 21.92 26.09 17.41
C ILE C 126 22.68 25.13 18.34
N PRO C 127 23.92 25.50 18.70
CA PRO C 127 24.77 24.67 19.56
C PRO C 127 24.18 24.49 20.95
N PRO C 128 24.56 23.41 21.66
CA PRO C 128 24.03 23.16 23.00
C PRO C 128 24.46 24.24 23.99
N LYS C 129 23.61 24.51 24.99
CA LYS C 129 23.95 25.49 26.01
C LYS C 129 25.06 24.95 26.89
N GLN C 130 25.94 25.84 27.35
CA GLN C 130 27.07 25.46 28.17
C GLN C 130 26.61 24.82 29.47
N ASN C 131 25.52 25.32 30.02
CA ASN C 131 24.99 24.80 31.28
C ASN C 131 24.06 23.60 31.08
N LYS C 132 24.00 23.11 29.85
CA LYS C 132 23.33 21.86 29.52
C LYS C 132 21.84 21.83 29.85
N SER C 133 21.19 22.99 29.79
CA SER C 133 19.75 23.07 29.93
C SER C 133 19.11 23.15 28.55
N VAL C 134 17.81 22.94 28.46
CA VAL C 134 17.13 22.95 27.17
C VAL C 134 17.12 24.33 26.53
N LEU C 135 17.32 24.36 25.21
CA LEU C 135 17.28 25.61 24.45
C LEU C 135 15.85 26.14 24.38
N VAL C 136 14.94 25.30 23.89
CA VAL C 136 13.54 25.70 23.77
C VAL C 136 12.67 24.83 24.67
N PRO C 137 12.25 25.39 25.80
CA PRO C 137 11.46 24.66 26.82
C PRO C 137 10.09 24.23 26.31
N HIS C 138 9.68 23.02 26.71
CA HIS C 138 8.34 22.52 26.45
C HIS C 138 7.26 23.52 26.86
N GLY C 139 6.36 23.84 25.93
CA GLY C 139 5.26 24.72 26.21
C GLY C 139 5.50 26.17 25.85
N SER C 140 6.74 26.52 25.49
CA SER C 140 7.08 27.90 25.19
C SER C 140 6.67 28.22 23.76
N LYS C 141 6.65 29.50 23.41
CA LYS C 141 6.16 29.92 22.11
C LYS C 141 7.32 30.16 21.13
N LEU C 142 7.09 29.79 19.88
CA LEU C 142 8.07 29.97 18.82
C LEU C 142 7.45 30.67 17.62
N LYS C 143 8.30 31.24 16.77
CA LYS C 143 7.88 31.70 15.45
C LYS C 143 9.06 31.79 14.49
N VAL C 144 8.82 31.42 13.23
CA VAL C 144 9.81 31.56 12.18
C VAL C 144 9.70 32.96 11.59
N VAL C 145 10.83 33.64 11.44
CA VAL C 145 10.84 34.98 10.88
C VAL C 145 11.27 34.96 9.41
N ILE C 146 10.45 35.57 8.56
CA ILE C 146 10.73 35.63 7.14
C ILE C 146 10.91 37.08 6.68
N THR C 147 12.02 37.35 6.00
CA THR C 147 12.25 38.68 5.44
C THR C 147 12.19 38.66 3.91
N SER C 148 11.37 39.54 3.35
CA SER C 148 11.21 39.64 1.90
C SER C 148 12.23 40.61 1.32
N LYS C 149 12.29 40.69 -0.01
CA LYS C 149 13.15 41.64 -0.70
C LYS C 149 12.67 43.09 -0.56
N SER C 150 11.49 43.27 0.04
CA SER C 150 10.92 44.59 0.26
C SER C 150 11.38 45.15 1.60
N GLY C 151 11.92 44.27 2.43
CA GLY C 151 12.35 44.64 3.77
C GLY C 151 11.27 44.44 4.82
N GLU C 152 10.23 43.68 4.46
CA GLU C 152 9.16 43.40 5.39
CA GLU C 152 9.14 43.38 5.37
C GLU C 152 9.57 42.30 6.36
N ILE C 153 9.09 42.40 7.60
CA ILE C 153 9.37 41.39 8.60
C ILE C 153 8.11 40.58 8.87
N LEU C 154 8.09 39.33 8.41
CA LEU C 154 6.93 38.47 8.52
C LEU C 154 7.10 37.44 9.63
N TYR C 155 6.05 37.23 10.41
CA TYR C 155 6.07 36.20 11.44
C TYR C 155 5.18 35.04 11.02
N ARG C 156 5.75 33.83 11.05
CA ARG C 156 5.06 32.65 10.55
C ARG C 156 5.18 31.47 11.50
N ILE C 157 4.12 30.68 11.57
CA ILE C 157 4.20 29.36 12.19
C ILE C 157 4.74 28.39 11.16
N SER C 158 5.63 27.49 11.58
CA SER C 158 6.18 26.50 10.66
C SER C 158 5.08 25.62 10.08
N PRO C 159 5.17 25.35 8.76
CA PRO C 159 4.27 24.40 8.09
C PRO C 159 4.33 23.03 8.74
N TRP C 160 5.38 22.76 9.50
CA TRP C 160 5.62 21.45 10.09
C TRP C 160 5.30 21.40 11.58
N ALA C 161 4.63 22.43 12.09
CA ALA C 161 4.35 22.53 13.51
C ALA C 161 3.54 21.35 14.03
N LYS C 162 3.89 20.84 15.21
CA LYS C 162 3.18 19.72 15.82
C LYS C 162 1.99 20.20 16.65
N TYR C 163 2.05 21.44 17.12
CA TYR C 163 1.10 21.88 18.15
C TYR C 163 0.96 23.40 18.18
N VAL C 164 -0.28 23.88 18.05
CA VAL C 164 -0.56 25.30 18.08
C VAL C 164 -1.79 25.59 18.96
N VAL C 165 -1.73 26.67 19.73
CA VAL C 165 -2.78 26.97 20.69
C VAL C 165 -3.24 28.43 20.59
N ARG C 166 -4.56 28.64 20.68
CA ARG C 166 -5.13 29.97 20.80
C ARG C 166 -5.41 30.30 22.27
N GLU C 167 -4.81 31.38 22.76
CA GLU C 167 -4.94 31.76 24.16
C GLU C 167 -6.08 32.77 24.37
N GLY C 168 -7.03 32.41 25.22
CA GLY C 168 -8.14 33.30 25.56
C GLY C 168 -8.91 33.85 24.37
N ASP C 169 -8.92 35.17 24.23
CA ASP C 169 -9.64 35.85 23.16
C ASP C 169 -8.70 36.42 22.12
N ASN C 170 -7.48 35.89 22.05
CA ASN C 170 -6.51 36.34 21.06
C ASN C 170 -6.97 36.08 19.63
N VAL C 171 -6.47 36.90 18.71
CA VAL C 171 -6.85 36.79 17.30
C VAL C 171 -6.17 35.60 16.61
N ASN C 172 -4.86 35.48 16.80
CA ASN C 172 -4.08 34.45 16.12
C ASN C 172 -3.67 33.29 17.02
N TYR C 173 -3.23 32.20 16.40
CA TYR C 173 -2.70 31.07 17.14
C TYR C 173 -1.23 31.28 17.46
N ASP C 174 -0.78 30.75 18.58
CA ASP C 174 0.65 30.72 18.88
C ASP C 174 1.21 29.34 18.56
N TRP C 175 2.47 29.32 18.13
CA TRP C 175 3.15 28.06 17.86
C TRP C 175 3.83 27.58 19.14
N ILE C 176 3.28 26.52 19.72
CA ILE C 176 3.80 25.97 20.97
C ILE C 176 4.76 24.82 20.70
N HIS C 177 5.99 24.97 21.17
CA HIS C 177 7.00 23.93 21.01
C HIS C 177 6.63 22.72 21.85
N TRP C 178 6.60 21.54 21.23
CA TRP C 178 6.15 20.35 21.94
C TRP C 178 7.29 19.40 22.26
N ASP C 179 7.68 19.37 23.52
CA ASP C 179 8.77 18.52 23.97
C ASP C 179 8.48 17.95 25.37
N PRO C 180 7.41 17.15 25.48
CA PRO C 180 7.02 16.69 26.82
C PRO C 180 8.02 15.71 27.42
N GLU C 181 7.98 15.58 28.75
CA GLU C 181 8.85 14.69 29.47
C GLU C 181 8.60 13.24 29.10
N HIS C 182 7.32 12.88 28.97
CA HIS C 182 6.96 11.51 28.63
C HIS C 182 6.23 11.46 27.29
N SER C 183 6.76 10.66 26.35
CA SER C 183 6.03 10.36 25.14
C SER C 183 4.92 9.39 25.46
N TYR C 184 3.91 9.31 24.60
CA TYR C 184 2.88 8.30 24.80
C TYR C 184 3.36 7.01 24.16
N GLU C 185 3.27 5.91 24.88
CA GLU C 185 3.67 4.62 24.33
C GLU C 185 2.40 3.79 24.07
N PHE C 186 2.21 3.39 22.82
CA PHE C 186 1.05 2.60 22.41
C PHE C 186 1.09 1.19 22.99
N LYS C 187 0.01 0.77 23.63
CA LYS C 187 0.00 -0.51 24.34
C LYS C 187 -0.80 -1.59 23.61
N HIS C 188 -1.50 -1.22 22.54
CA HIS C 188 -2.34 -2.17 21.84
C HIS C 188 -2.04 -2.25 20.35
N SER C 189 -2.22 -3.43 19.78
CA SER C 189 -1.97 -3.64 18.35
C SER C 189 -3.21 -3.28 17.54
N ARG C 190 -3.00 -3.03 16.25
CA ARG C 190 -4.12 -2.79 15.34
C ARG C 190 -5.03 -4.00 15.31
N PRO C 191 -6.35 -3.76 15.31
CA PRO C 191 -7.32 -4.85 15.14
C PRO C 191 -7.15 -5.52 13.78
N LYS C 192 -7.58 -6.78 13.68
CA LYS C 192 -7.59 -7.46 12.40
C LYS C 192 -8.44 -6.66 11.41
N LYS C 193 -8.03 -6.66 10.14
CA LYS C 193 -8.80 -5.95 9.12
C LYS C 193 -10.21 -6.51 9.05
N PRO C 194 -11.22 -5.63 9.19
CA PRO C 194 -12.61 -6.07 9.21
C PRO C 194 -13.07 -6.55 7.84
N ARG C 195 -13.94 -7.55 7.81
CA ARG C 195 -14.49 -8.04 6.54
C ARG C 195 -15.35 -6.95 5.91
N SER C 196 -16.09 -6.23 6.76
CA SER C 196 -16.93 -5.13 6.29
C SER C 196 -16.83 -3.92 7.20
N LEU C 197 -16.89 -2.73 6.62
CA LEU C 197 -16.84 -1.50 7.39
C LEU C 197 -18.22 -1.03 7.83
N ARG C 198 -18.41 -0.90 9.12
CA ARG C 198 -19.58 -0.23 9.69
C ARG C 198 -19.07 1.01 10.40
N ILE C 199 -19.13 2.14 9.69
CA ILE C 199 -18.42 3.35 10.08
C ILE C 199 -19.27 4.32 10.89
N TYR C 200 -18.73 4.75 12.03
CA TYR C 200 -19.38 5.76 12.86
C TYR C 200 -18.67 7.11 12.66
N GLU C 201 -19.27 7.97 11.84
CA GLU C 201 -18.67 9.26 11.53
C GLU C 201 -18.79 10.19 12.73
N SER C 202 -17.65 10.69 13.21
CA SER C 202 -17.64 11.40 14.48
C SER C 202 -16.88 12.72 14.47
N HIS C 203 -17.25 13.58 15.42
CA HIS C 203 -16.59 14.84 15.68
C HIS C 203 -16.42 14.95 17.19
N VAL C 204 -15.18 15.15 17.63
CA VAL C 204 -14.86 15.04 19.05
C VAL C 204 -15.45 16.19 19.87
N GLY C 205 -15.43 17.39 19.32
CA GLY C 205 -15.89 18.57 20.01
C GLY C 205 -17.37 18.59 20.37
N ILE C 206 -18.19 17.98 19.52
CA ILE C 206 -19.64 18.02 19.72
C ILE C 206 -20.19 16.78 20.41
N SER C 207 -19.30 15.95 20.95
CA SER C 207 -19.71 14.62 21.42
C SER C 207 -20.18 14.60 22.87
N SER C 208 -20.50 15.76 23.42
CA SER C 208 -21.04 15.83 24.78
C SER C 208 -22.35 16.60 24.79
N HIS C 209 -23.04 16.60 25.93
CA HIS C 209 -24.31 17.30 26.04
C HIS C 209 -24.11 18.77 26.42
N GLU C 210 -22.86 19.14 26.70
CA GLU C 210 -22.55 20.51 27.11
C GLU C 210 -22.28 21.41 25.91
N GLY C 211 -22.54 22.70 26.10
CA GLY C 211 -22.28 23.68 25.07
C GLY C 211 -20.84 24.15 25.12
N LYS C 212 -19.92 23.24 24.82
CA LYS C 212 -18.50 23.56 24.80
C LYS C 212 -17.75 22.61 23.89
N VAL C 213 -16.49 22.91 23.63
CA VAL C 213 -15.63 22.00 22.89
C VAL C 213 -15.25 20.83 23.78
N ALA C 214 -15.78 19.64 23.45
CA ALA C 214 -15.50 18.44 24.22
C ALA C 214 -14.07 17.96 23.99
N SER C 215 -13.57 17.13 24.90
CA SER C 215 -12.17 16.76 24.91
C SER C 215 -11.92 15.38 24.31
N TYR C 216 -10.67 15.15 23.92
CA TYR C 216 -10.21 13.82 23.52
C TYR C 216 -10.55 12.79 24.59
N LYS C 217 -10.33 13.17 25.85
CA LYS C 217 -10.56 12.28 26.99
C LYS C 217 -12.03 11.90 27.14
N HIS C 218 -12.92 12.88 26.95
CA HIS C 218 -14.35 12.62 27.02
C HIS C 218 -14.77 11.60 25.96
N PHE C 219 -14.31 11.84 24.74
CA PHE C 219 -14.58 10.95 23.62
C PHE C 219 -14.05 9.57 23.90
N THR C 220 -12.82 9.51 24.41
CA THR C 220 -12.15 8.24 24.72
C THR C 220 -12.87 7.44 25.80
N CYS C 221 -13.31 8.13 26.85
CA CYS C 221 -13.90 7.47 28.01
C CYS C 221 -15.39 7.21 27.87
N ASN C 222 -16.12 8.17 27.32
CA ASN C 222 -17.57 8.15 27.36
C ASN C 222 -18.25 7.81 26.03
N VAL C 223 -17.60 8.12 24.92
CA VAL C 223 -18.22 7.93 23.60
C VAL C 223 -17.87 6.59 22.94
N LEU C 224 -16.60 6.17 23.01
CA LEU C 224 -16.19 4.89 22.43
C LEU C 224 -16.94 3.66 22.93
N PRO C 225 -17.24 3.56 24.24
CA PRO C 225 -17.97 2.34 24.58
C PRO C 225 -19.40 2.38 24.06
N ARG C 226 -19.94 3.58 23.82
CA ARG C 226 -21.23 3.70 23.16
C ARG C 226 -21.14 3.24 21.71
N ILE C 227 -20.12 3.73 21.01
CA ILE C 227 -19.88 3.37 19.62
C ILE C 227 -19.70 1.86 19.48
N LYS C 228 -18.92 1.28 20.38
CA LYS C 228 -18.69 -0.16 20.36
C LYS C 228 -19.97 -0.93 20.62
N GLY C 229 -20.74 -0.48 21.59
CA GLY C 229 -21.99 -1.14 21.97
C GLY C 229 -23.04 -1.10 20.88
N LEU C 230 -22.94 -0.12 19.99
CA LEU C 230 -23.88 0.00 18.87
C LEU C 230 -23.59 -1.02 17.77
N GLY C 231 -22.37 -1.57 17.78
CA GLY C 231 -21.98 -2.56 16.79
C GLY C 231 -21.19 -2.00 15.62
N TYR C 232 -20.69 -0.78 15.76
CA TYR C 232 -19.84 -0.18 14.75
C TYR C 232 -18.40 -0.61 15.00
N ASN C 233 -17.66 -0.92 13.94
CA ASN C 233 -16.29 -1.41 14.09
C ASN C 233 -15.24 -0.48 13.49
N CYS C 234 -15.67 0.73 13.13
CA CYS C 234 -14.77 1.69 12.51
C CYS C 234 -15.24 3.11 12.82
N ILE C 235 -14.29 4.00 13.05
CA ILE C 235 -14.62 5.39 13.35
C ILE C 235 -14.01 6.33 12.32
N GLN C 236 -14.82 7.20 11.74
CA GLN C 236 -14.31 8.23 10.85
C GLN C 236 -14.19 9.53 11.63
N LEU C 237 -12.96 9.93 11.92
CA LEU C 237 -12.73 11.06 12.80
C LEU C 237 -12.57 12.35 12.02
N MET C 238 -13.57 13.22 12.12
CA MET C 238 -13.57 14.50 11.41
C MET C 238 -12.89 15.59 12.23
N ALA C 239 -12.47 16.65 11.54
CA ALA C 239 -12.00 17.88 12.17
C ALA C 239 -10.88 17.63 13.18
N ILE C 240 -9.93 16.78 12.80
CA ILE C 240 -8.80 16.48 13.66
C ILE C 240 -7.60 17.33 13.23
N MET C 241 -7.37 17.43 11.93
CA MET C 241 -6.35 18.33 11.41
C MET C 241 -6.69 19.75 11.85
N GLU C 242 -5.68 20.47 12.33
CA GLU C 242 -5.92 21.75 13.01
C GLU C 242 -6.55 22.80 12.10
N HIS C 243 -7.59 23.45 12.61
CA HIS C 243 -8.32 24.47 11.88
C HIS C 243 -8.72 25.59 12.83
N ALA C 244 -8.36 26.83 12.48
CA ALA C 244 -8.59 27.97 13.35
C ALA C 244 -10.08 28.28 13.50
N TYR C 245 -10.84 28.09 12.43
CA TYR C 245 -12.27 28.41 12.42
C TYR C 245 -13.11 27.17 12.72
N TYR C 246 -13.55 27.07 13.97
CA TYR C 246 -14.28 25.90 14.46
C TYR C 246 -15.54 25.59 13.63
N ALA C 247 -16.12 26.61 13.01
CA ALA C 247 -17.37 26.45 12.29
C ALA C 247 -17.20 25.92 10.87
N SER C 248 -15.94 25.67 10.47
CA SER C 248 -15.67 25.12 9.15
C SER C 248 -15.85 23.60 9.15
N PHE C 249 -16.21 23.08 10.31
CA PHE C 249 -16.33 21.64 10.58
C PHE C 249 -15.10 20.90 10.05
N GLY C 250 -13.94 21.54 10.13
CA GLY C 250 -12.67 20.90 9.88
C GLY C 250 -12.13 21.03 8.45
N TYR C 251 -12.85 21.76 7.60
CA TYR C 251 -12.48 21.82 6.18
C TYR C 251 -11.51 22.96 5.84
N GLN C 252 -11.25 23.83 6.81
CA GLN C 252 -10.35 24.97 6.60
C GLN C 252 -9.03 24.79 7.36
N ILE C 253 -8.08 24.09 6.75
CA ILE C 253 -6.86 23.69 7.44
C ILE C 253 -5.85 24.84 7.56
N THR C 254 -5.30 25.01 8.75
CA THR C 254 -4.28 26.04 9.00
C THR C 254 -2.90 25.45 9.29
N SER C 255 -2.85 24.44 10.16
CA SER C 255 -1.60 23.74 10.46
C SER C 255 -1.74 22.25 10.16
N PHE C 256 -1.10 21.80 9.08
CA PHE C 256 -1.38 20.48 8.53
C PHE C 256 -0.83 19.32 9.36
N PHE C 257 0.21 19.55 10.14
CA PHE C 257 0.80 18.48 10.94
C PHE C 257 0.35 18.53 12.39
N ALA C 258 -0.47 19.52 12.74
CA ALA C 258 -0.90 19.71 14.13
C ALA C 258 -2.26 19.06 14.40
N ALA C 259 -2.30 18.19 15.40
CA ALA C 259 -3.57 17.70 15.90
C ALA C 259 -4.27 18.83 16.64
N SER C 260 -5.54 19.06 16.33
CA SER C 260 -6.29 20.20 16.86
C SER C 260 -6.23 20.26 18.38
N SER C 261 -5.81 21.42 18.90
CA SER C 261 -5.60 21.60 20.34
C SER C 261 -6.90 21.79 21.12
N ARG C 262 -7.98 22.10 20.41
CA ARG C 262 -9.31 22.22 21.01
C ARG C 262 -9.67 21.10 21.97
N TYR C 263 -9.33 19.87 21.59
CA TYR C 263 -9.81 18.69 22.28
C TYR C 263 -8.81 18.22 23.33
N GLY C 264 -7.61 18.79 23.29
CA GLY C 264 -6.57 18.41 24.23
C GLY C 264 -5.19 18.34 23.61
N SER C 265 -4.32 17.53 24.22
CA SER C 265 -2.93 17.42 23.80
C SER C 265 -2.75 16.30 22.78
N PRO C 266 -1.65 16.34 22.00
CA PRO C 266 -1.32 15.26 21.07
C PRO C 266 -1.32 13.87 21.70
N GLU C 267 -0.88 13.78 22.95
CA GLU C 267 -0.83 12.50 23.65
C GLU C 267 -2.23 11.95 23.88
N GLU C 268 -3.18 12.85 24.15
CA GLU C 268 -4.54 12.45 24.44
C GLU C 268 -5.24 11.94 23.18
N LEU C 269 -4.81 12.41 22.02
CA LEU C 269 -5.32 11.89 20.76
C LEU C 269 -4.72 10.51 20.50
N GLN C 270 -3.43 10.35 20.81
CA GLN C 270 -2.76 9.07 20.68
C GLN C 270 -3.43 8.03 21.57
N GLU C 271 -3.80 8.44 22.78
CA GLU C 271 -4.50 7.55 23.71
C GLU C 271 -5.87 7.16 23.16
N LEU C 272 -6.51 8.09 22.47
CA LEU C 272 -7.82 7.86 21.88
C LEU C 272 -7.76 6.75 20.84
N VAL C 273 -6.78 6.86 19.93
CA VAL C 273 -6.61 5.87 18.88
C VAL C 273 -6.24 4.53 19.48
N ASP C 274 -5.34 4.56 20.47
CA ASP C 274 -4.89 3.34 21.13
C ASP C 274 -6.04 2.65 21.88
N THR C 275 -6.85 3.44 22.57
CA THR C 275 -7.97 2.90 23.33
C THR C 275 -9.02 2.30 22.39
N ALA C 276 -9.20 2.93 21.24
CA ALA C 276 -10.12 2.43 20.23
C ALA C 276 -9.65 1.08 19.69
N HIS C 277 -8.34 0.95 19.51
CA HIS C 277 -7.74 -0.29 19.04
C HIS C 277 -7.94 -1.41 20.06
N SER C 278 -7.81 -1.07 21.34
CA SER C 278 -8.02 -2.04 22.41
C SER C 278 -9.44 -2.60 22.40
N MET C 279 -10.38 -1.82 21.86
CA MET C 279 -11.77 -2.24 21.80
C MET C 279 -12.08 -2.96 20.48
N GLY C 280 -11.07 -3.08 19.62
CA GLY C 280 -11.23 -3.77 18.36
C GLY C 280 -11.76 -2.87 17.26
N ILE C 281 -11.62 -1.56 17.46
CA ILE C 281 -12.14 -0.58 16.52
C ILE C 281 -11.02 0.13 15.77
N ILE C 282 -11.11 0.15 14.45
CA ILE C 282 -10.14 0.89 13.64
C ILE C 282 -10.59 2.34 13.49
N VAL C 283 -9.63 3.24 13.32
CA VAL C 283 -9.92 4.66 13.24
C VAL C 283 -9.41 5.29 11.95
N LEU C 284 -10.32 5.93 11.22
CA LEU C 284 -9.94 6.62 9.99
C LEU C 284 -9.92 8.12 10.22
N LEU C 285 -9.00 8.80 9.55
CA LEU C 285 -8.85 10.24 9.66
C LEU C 285 -9.39 10.94 8.41
N ASP C 286 -10.06 12.07 8.60
CA ASP C 286 -10.41 12.91 7.45
C ASP C 286 -9.19 13.72 7.06
N VAL C 287 -8.68 13.44 5.86
CA VAL C 287 -7.55 14.20 5.34
C VAL C 287 -8.03 15.25 4.35
N VAL C 288 -7.76 16.51 4.66
CA VAL C 288 -8.08 17.61 3.76
C VAL C 288 -6.81 18.09 3.08
N HIS C 289 -6.61 17.66 1.84
CA HIS C 289 -5.47 18.07 1.04
C HIS C 289 -5.96 18.72 -0.23
N SER C 290 -7.22 19.14 -0.20
CA SER C 290 -7.88 19.69 -1.38
C SER C 290 -7.70 21.21 -1.46
N HIS C 291 -7.49 21.83 -0.31
CA HIS C 291 -7.32 23.29 -0.23
C HIS C 291 -6.77 23.68 1.13
N ALA C 292 -6.40 24.94 1.28
CA ALA C 292 -5.84 25.44 2.53
C ALA C 292 -6.43 26.79 2.91
N SER C 293 -6.46 27.07 4.21
CA SER C 293 -6.95 28.35 4.69
C SER C 293 -6.12 29.51 4.15
N LYS C 294 -6.76 30.66 3.97
CA LYS C 294 -6.07 31.83 3.46
C LYS C 294 -5.27 32.55 4.54
N ASN C 295 -5.41 32.08 5.78
CA ASN C 295 -4.66 32.63 6.91
C ASN C 295 -3.15 32.63 6.67
N SER C 296 -2.50 33.72 7.07
CA SER C 296 -1.06 33.84 6.88
C SER C 296 -0.34 33.98 8.21
N ALA C 297 -1.00 34.57 9.20
CA ALA C 297 -0.42 34.76 10.52
C ALA C 297 -0.22 33.43 11.23
N ASP C 298 -1.23 32.56 11.14
CA ASP C 298 -1.16 31.24 11.72
C ASP C 298 -1.60 30.17 10.72
N GLY C 299 -1.35 30.44 9.44
CA GLY C 299 -1.70 29.49 8.39
C GLY C 299 -0.58 29.30 7.38
N LEU C 300 -0.85 28.51 6.35
CA LEU C 300 0.16 28.14 5.37
C LEU C 300 0.25 29.14 4.23
N ASN C 301 -0.77 30.00 4.14
CA ASN C 301 -0.82 31.00 3.07
C ASN C 301 0.29 32.05 3.19
N MET C 302 0.90 32.38 2.06
CA MET C 302 1.92 33.42 1.98
C MET C 302 3.09 33.12 2.90
N PHE C 303 3.52 31.85 2.95
CA PHE C 303 4.55 31.44 3.89
C PHE C 303 5.88 32.16 3.70
N ASP C 304 6.41 32.13 2.48
CA ASP C 304 7.68 32.81 2.20
C ASP C 304 7.44 34.21 1.66
N GLY C 305 6.31 34.80 2.06
CA GLY C 305 5.95 36.15 1.65
C GLY C 305 5.53 36.25 0.20
N THR C 306 5.20 35.12 -0.40
CA THR C 306 4.90 35.04 -1.82
C THR C 306 3.53 34.38 -1.96
N ASP C 307 2.80 34.69 -3.03
CA ASP C 307 1.50 34.08 -3.25
C ASP C 307 1.63 32.72 -3.95
N SER C 308 2.86 32.20 -4.00
CA SER C 308 3.11 30.94 -4.69
C SER C 308 4.23 30.12 -4.05
N CYS C 309 3.95 29.54 -2.89
CA CYS C 309 4.94 28.70 -2.25
C CYS C 309 4.48 27.24 -2.30
N TYR C 310 3.56 26.89 -1.42
CA TYR C 310 2.92 25.58 -1.45
C TYR C 310 1.75 25.59 -2.43
N PHE C 311 1.43 26.78 -2.94
CA PHE C 311 0.27 26.95 -3.81
C PHE C 311 0.65 27.54 -5.17
N HIS C 312 -0.32 27.57 -6.08
CA HIS C 312 -0.13 28.16 -7.40
C HIS C 312 -0.22 29.68 -7.36
N SER C 313 0.56 30.35 -8.21
CA SER C 313 0.51 31.81 -8.33
C SER C 313 -0.68 32.23 -9.19
N GLY C 314 -1.30 33.35 -8.84
CA GLY C 314 -2.38 33.86 -9.65
C GLY C 314 -3.73 33.26 -9.28
N PRO C 315 -4.76 33.53 -10.10
CA PRO C 315 -6.13 33.06 -9.89
C PRO C 315 -6.23 31.53 -9.91
N ARG C 316 -5.30 30.88 -10.61
CA ARG C 316 -5.25 29.42 -10.68
C ARG C 316 -5.03 28.79 -9.32
N GLY C 317 -4.39 29.54 -8.43
CA GLY C 317 -4.10 29.09 -7.08
C GLY C 317 -5.09 29.50 -6.01
N THR C 318 -6.29 29.94 -6.40
CA THR C 318 -7.29 30.39 -5.43
C THR C 318 -8.65 29.72 -5.68
N HIS C 319 -9.27 29.23 -4.60
CA HIS C 319 -10.57 28.57 -4.72
C HIS C 319 -11.78 29.45 -4.47
N ASP C 320 -12.42 29.78 -5.58
CA ASP C 320 -13.70 30.48 -5.74
C ASP C 320 -14.56 30.65 -4.48
N LEU C 321 -15.38 29.61 -4.35
CA LEU C 321 -16.47 29.45 -3.42
C LEU C 321 -16.03 29.29 -1.98
N TRP C 322 -14.86 28.66 -1.82
CA TRP C 322 -14.32 28.35 -0.51
C TRP C 322 -13.37 29.43 0.01
N ASP C 323 -12.99 30.36 -0.87
CA ASP C 323 -12.07 31.45 -0.54
C ASP C 323 -10.82 30.86 0.08
N SER C 324 -10.13 30.00 -0.67
CA SER C 324 -9.00 29.26 -0.15
C SER C 324 -7.88 29.20 -1.18
N ARG C 325 -6.73 28.66 -0.76
CA ARG C 325 -5.60 28.52 -1.67
C ARG C 325 -5.54 27.08 -2.19
N LEU C 326 -4.99 26.90 -3.38
CA LEU C 326 -4.93 25.59 -4.01
C LEU C 326 -3.49 25.14 -4.20
N PHE C 327 -3.17 23.95 -3.72
CA PHE C 327 -1.82 23.42 -3.75
C PHE C 327 -1.24 23.29 -5.15
N ALA C 328 0.07 23.48 -5.24
CA ALA C 328 0.78 23.19 -6.48
C ALA C 328 1.25 21.74 -6.46
N TYR C 329 0.36 20.82 -6.80
CA TYR C 329 0.64 19.39 -6.76
C TYR C 329 1.77 18.98 -7.70
N SER C 330 2.11 19.86 -8.64
CA SER C 330 3.17 19.58 -9.59
C SER C 330 4.55 19.84 -8.97
N SER C 331 4.57 20.61 -7.90
CA SER C 331 5.82 20.96 -7.23
C SER C 331 6.35 19.82 -6.35
N TRP C 332 7.62 19.50 -6.54
CA TRP C 332 8.28 18.42 -5.83
C TRP C 332 8.18 18.55 -4.30
N GLU C 333 8.31 19.78 -3.80
CA GLU C 333 8.30 20.00 -2.37
C GLU C 333 6.90 19.94 -1.77
N VAL C 334 5.89 20.16 -2.60
CA VAL C 334 4.50 20.03 -2.15
C VAL C 334 4.18 18.55 -2.03
N LEU C 335 4.79 17.75 -2.91
CA LEU C 335 4.66 16.31 -2.83
C LEU C 335 5.29 15.79 -1.54
N ARG C 336 6.48 16.31 -1.21
CA ARG C 336 7.17 15.90 0.01
C ARG C 336 6.32 16.27 1.22
N PHE C 337 5.84 17.50 1.23
CA PHE C 337 5.00 18.02 2.30
C PHE C 337 3.76 17.16 2.54
N LEU C 338 2.97 16.95 1.48
CA LEU C 338 1.71 16.21 1.60
C LEU C 338 1.89 14.71 1.83
N LEU C 339 2.87 14.09 1.16
CA LEU C 339 3.12 12.67 1.35
C LEU C 339 3.68 12.39 2.73
N SER C 340 4.50 13.31 3.24
CA SER C 340 5.03 13.16 4.60
C SER C 340 3.91 13.37 5.61
N ASN C 341 2.93 14.19 5.24
CA ASN C 341 1.79 14.41 6.12
C ASN C 341 0.98 13.13 6.27
N ILE C 342 0.76 12.43 5.16
CA ILE C 342 0.07 11.14 5.19
C ILE C 342 0.85 10.17 6.08
N ARG C 343 2.16 10.10 5.88
CA ARG C 343 3.04 9.27 6.71
C ARG C 343 2.98 9.67 8.17
N TRP C 344 2.95 10.97 8.42
CA TRP C 344 2.90 11.54 9.76
C TRP C 344 1.70 11.03 10.54
N TRP C 345 0.53 11.03 9.91
CA TRP C 345 -0.69 10.59 10.58
C TRP C 345 -0.69 9.07 10.78
N LEU C 346 0.03 8.36 9.92
CA LEU C 346 0.14 6.91 10.05
C LEU C 346 1.08 6.50 11.18
N GLU C 347 2.23 7.14 11.25
CA GLU C 347 3.28 6.73 12.18
C GLU C 347 3.06 7.28 13.59
N GLU C 348 2.79 8.58 13.68
CA GLU C 348 2.72 9.25 14.96
C GLU C 348 1.43 9.00 15.73
N TYR C 349 0.31 8.87 15.01
CA TYR C 349 -0.98 8.72 15.68
C TYR C 349 -1.65 7.39 15.40
N ARG C 350 -1.04 6.58 14.53
CA ARG C 350 -1.47 5.21 14.31
C ARG C 350 -2.88 5.07 13.76
N PHE C 351 -3.32 6.02 12.93
CA PHE C 351 -4.58 5.88 12.23
C PHE C 351 -4.54 4.68 11.27
N ASP C 352 -5.70 4.09 11.04
CA ASP C 352 -5.79 2.88 10.22
C ASP C 352 -6.10 3.19 8.77
N GLY C 353 -6.24 4.47 8.46
CA GLY C 353 -6.54 4.88 7.10
C GLY C 353 -7.11 6.28 7.00
N PHE C 354 -7.57 6.65 5.81
CA PHE C 354 -7.97 8.03 5.55
C PHE C 354 -9.20 8.16 4.66
N ARG C 355 -10.01 9.17 4.92
CA ARG C 355 -10.96 9.64 3.93
C ARG C 355 -10.45 10.95 3.31
N PHE C 356 -10.11 10.91 2.03
CA PHE C 356 -9.65 12.10 1.32
C PHE C 356 -10.82 12.98 0.93
N ASP C 357 -10.97 14.11 1.61
CA ASP C 357 -12.05 15.04 1.34
C ASP C 357 -11.78 15.89 0.11
N GLY C 358 -12.85 16.28 -0.58
CA GLY C 358 -12.76 17.20 -1.70
C GLY C 358 -12.02 16.69 -2.92
N VAL C 359 -12.12 15.39 -3.18
CA VAL C 359 -11.44 14.79 -4.33
C VAL C 359 -12.00 15.35 -5.64
N THR C 360 -13.31 15.59 -5.66
CA THR C 360 -13.97 16.14 -6.84
C THR C 360 -13.36 17.50 -7.21
N SER C 361 -13.16 18.33 -6.20
CA SER C 361 -12.55 19.64 -6.38
C SER C 361 -11.10 19.56 -6.87
N MET C 362 -10.34 18.62 -6.33
CA MET C 362 -8.94 18.46 -6.69
C MET C 362 -8.75 18.11 -8.16
N LEU C 363 -9.68 17.33 -8.70
CA LEU C 363 -9.55 16.80 -10.05
C LEU C 363 -10.09 17.76 -11.10
N TYR C 364 -11.06 18.58 -10.69
CA TYR C 364 -11.76 19.47 -11.61
C TYR C 364 -11.81 20.89 -11.09
N HIS C 365 -10.64 21.52 -10.97
CA HIS C 365 -10.52 22.89 -10.47
C HIS C 365 -11.38 23.86 -11.28
N LEU C 383 -15.53 19.16 -17.80
CA LEU C 383 -14.32 19.83 -17.32
C LEU C 383 -13.07 19.03 -17.66
N GLN C 384 -11.91 19.63 -17.40
CA GLN C 384 -10.63 18.99 -17.67
C GLN C 384 -9.99 18.49 -16.37
N VAL C 385 -9.36 17.32 -16.44
CA VAL C 385 -8.80 16.69 -15.25
C VAL C 385 -7.42 17.27 -14.92
N ASP C 386 -7.23 17.64 -13.66
CA ASP C 386 -5.93 18.07 -13.15
C ASP C 386 -5.04 16.85 -12.98
N GLU C 387 -4.15 16.63 -13.94
CA GLU C 387 -3.35 15.40 -13.96
C GLU C 387 -2.30 15.39 -12.84
N ASP C 388 -1.95 16.57 -12.34
CA ASP C 388 -0.99 16.66 -11.24
C ASP C 388 -1.62 16.25 -9.90
N ALA C 389 -2.85 16.70 -9.67
CA ALA C 389 -3.57 16.37 -8.44
C ALA C 389 -3.85 14.87 -8.38
N LEU C 390 -4.20 14.30 -9.52
CA LEU C 390 -4.53 12.88 -9.59
C LEU C 390 -3.31 12.01 -9.35
N THR C 391 -2.15 12.48 -9.82
CA THR C 391 -0.90 11.77 -9.59
C THR C 391 -0.54 11.77 -8.11
N TYR C 392 -0.88 12.86 -7.42
CA TYR C 392 -0.65 12.93 -5.99
C TYR C 392 -1.52 11.92 -5.25
N LEU C 393 -2.80 11.84 -5.62
CA LEU C 393 -3.71 10.91 -4.98
C LEU C 393 -3.26 9.47 -5.24
N MET C 394 -2.74 9.22 -6.44
CA MET C 394 -2.19 7.91 -6.75
C MET C 394 -0.97 7.63 -5.87
N LEU C 395 -0.12 8.63 -5.71
CA LEU C 395 1.08 8.48 -4.89
C LEU C 395 0.73 8.24 -3.43
N ALA C 396 -0.30 8.95 -2.96
CA ALA C 396 -0.76 8.81 -1.58
C ALA C 396 -1.29 7.41 -1.32
N ASN C 397 -2.15 6.92 -2.21
CA ASN C 397 -2.71 5.58 -2.09
C ASN C 397 -1.61 4.51 -2.15
N HIS C 398 -0.65 4.70 -3.06
CA HIS C 398 0.48 3.79 -3.17
C HIS C 398 1.28 3.75 -1.87
N LEU C 399 1.52 4.93 -1.30
CA LEU C 399 2.25 5.04 -0.04
C LEU C 399 1.56 4.29 1.09
N VAL C 400 0.29 4.60 1.28
CA VAL C 400 -0.51 4.01 2.36
C VAL C 400 -0.55 2.49 2.28
N HIS C 401 -0.77 1.95 1.08
CA HIS C 401 -0.94 0.52 0.91
C HIS C 401 0.38 -0.26 0.85
N THR C 402 1.47 0.40 0.47
CA THR C 402 2.78 -0.23 0.49
C THR C 402 3.32 -0.36 1.91
N LEU C 403 3.04 0.64 2.75
CA LEU C 403 3.48 0.61 4.14
C LEU C 403 2.61 -0.33 4.98
N CYS C 404 1.32 -0.33 4.71
CA CYS C 404 0.44 -1.38 5.24
C CYS C 404 -0.69 -1.69 4.27
N PRO C 405 -0.66 -2.89 3.69
CA PRO C 405 -1.70 -3.39 2.78
C PRO C 405 -3.08 -3.42 3.43
N ASP C 406 -3.15 -3.53 4.75
CA ASP C 406 -4.43 -3.61 5.47
C ASP C 406 -5.09 -2.25 5.69
N SER C 407 -4.39 -1.19 5.32
CA SER C 407 -4.92 0.16 5.52
C SER C 407 -6.02 0.49 4.51
N ILE C 408 -6.89 1.42 4.88
CA ILE C 408 -8.06 1.75 4.08
C ILE C 408 -8.07 3.21 3.64
N THR C 409 -8.37 3.46 2.36
CA THR C 409 -8.56 4.83 1.90
C THR C 409 -9.92 5.00 1.23
N ILE C 410 -10.60 6.09 1.58
CA ILE C 410 -11.93 6.39 1.06
C ILE C 410 -11.93 7.73 0.32
N ALA C 411 -12.51 7.76 -0.88
CA ALA C 411 -12.58 9.00 -1.65
C ALA C 411 -13.97 9.62 -1.55
N GLU C 412 -14.00 10.89 -1.17
CA GLU C 412 -15.24 11.67 -1.16
C GLU C 412 -15.40 12.38 -2.50
N ASP C 413 -16.18 11.78 -3.39
CA ASP C 413 -16.32 12.29 -4.75
C ASP C 413 -17.76 12.16 -5.24
N VAL C 414 -18.38 13.31 -5.53
CA VAL C 414 -19.78 13.36 -5.94
C VAL C 414 -19.94 13.17 -7.46
N SER C 415 -18.87 13.45 -8.20
CA SER C 415 -18.91 13.38 -9.66
C SER C 415 -19.11 11.95 -10.16
N GLY C 416 -18.65 10.99 -9.37
CA GLY C 416 -18.73 9.59 -9.75
C GLY C 416 -17.74 9.26 -10.86
N MET C 417 -16.57 9.89 -10.82
CA MET C 417 -15.53 9.64 -11.80
C MET C 417 -15.13 8.16 -11.84
N PRO C 418 -15.12 7.59 -13.05
CA PRO C 418 -14.73 6.20 -13.26
C PRO C 418 -13.27 5.96 -12.86
N ALA C 419 -12.97 4.73 -12.43
CA ALA C 419 -11.59 4.29 -12.16
C ALA C 419 -10.95 5.02 -10.98
N LEU C 420 -11.74 5.73 -10.20
CA LEU C 420 -11.22 6.36 -9.00
C LEU C 420 -10.86 5.28 -7.98
N CYS C 421 -11.65 4.21 -7.96
CA CYS C 421 -11.46 3.12 -7.00
C CYS C 421 -10.93 1.83 -7.63
N SER C 422 -10.18 1.96 -8.72
CA SER C 422 -9.59 0.78 -9.33
C SER C 422 -8.06 0.86 -9.22
N PRO C 423 -7.36 -0.28 -9.40
CA PRO C 423 -5.91 -0.33 -9.16
C PRO C 423 -5.12 0.71 -9.94
N ILE C 424 -4.00 1.15 -9.35
CA ILE C 424 -3.13 2.13 -9.97
C ILE C 424 -2.55 1.58 -11.26
N SER C 425 -2.23 0.29 -11.26
CA SER C 425 -1.67 -0.38 -12.43
C SER C 425 -2.65 -0.43 -13.59
N GLN C 426 -3.91 -0.08 -13.34
CA GLN C 426 -4.91 -0.01 -14.39
C GLN C 426 -5.21 1.45 -14.73
N GLY C 427 -4.37 2.36 -14.24
CA GLY C 427 -4.56 3.77 -14.45
C GLY C 427 -5.58 4.35 -13.49
N GLY C 428 -5.81 3.63 -12.39
CA GLY C 428 -6.80 4.05 -11.41
C GLY C 428 -6.26 4.93 -10.30
N GLY C 429 -7.17 5.42 -9.45
CA GLY C 429 -6.81 6.29 -8.35
C GLY C 429 -6.24 5.55 -7.16
N GLY C 430 -6.63 4.30 -6.99
CA GLY C 430 -6.09 3.46 -5.93
C GLY C 430 -6.90 3.45 -4.65
N PHE C 431 -8.05 4.10 -4.66
CA PHE C 431 -8.92 4.13 -3.48
C PHE C 431 -9.62 2.79 -3.23
N ASP C 432 -9.79 2.44 -1.96
CA ASP C 432 -10.50 1.23 -1.58
C ASP C 432 -12.01 1.41 -1.68
N TYR C 433 -12.49 2.58 -1.26
CA TYR C 433 -13.92 2.88 -1.26
C TYR C 433 -14.20 4.27 -1.82
N ARG C 434 -15.42 4.45 -2.31
CA ARG C 434 -15.95 5.79 -2.57
C ARG C 434 -17.28 5.90 -1.83
N LEU C 435 -17.70 7.13 -1.52
CA LEU C 435 -19.00 7.32 -0.89
C LEU C 435 -20.13 7.23 -1.92
N ALA C 436 -21.19 6.51 -1.56
CA ALA C 436 -22.36 6.40 -2.41
C ALA C 436 -23.30 7.56 -2.17
N MET C 437 -22.94 8.72 -2.71
CA MET C 437 -23.61 9.97 -2.36
C MET C 437 -24.97 10.13 -3.03
N ALA C 438 -25.30 9.23 -3.95
CA ALA C 438 -26.57 9.28 -4.65
C ALA C 438 -27.72 8.82 -3.74
N ILE C 439 -27.38 8.00 -2.75
CA ILE C 439 -28.40 7.40 -1.88
C ILE C 439 -29.12 8.42 -0.99
N PRO C 440 -28.37 9.31 -0.27
CA PRO C 440 -29.12 10.25 0.57
C PRO C 440 -30.01 11.19 -0.25
N ASP C 441 -29.55 11.58 -1.43
CA ASP C 441 -30.33 12.40 -2.34
C ASP C 441 -31.67 11.75 -2.69
N LYS C 442 -31.65 10.45 -2.92
CA LYS C 442 -32.85 9.72 -3.31
C LYS C 442 -33.90 9.78 -2.21
N TRP C 443 -33.47 9.58 -0.97
CA TRP C 443 -34.39 9.61 0.16
C TRP C 443 -34.92 11.03 0.36
N ILE C 444 -34.07 12.03 0.09
CA ILE C 444 -34.50 13.41 0.17
C ILE C 444 -35.61 13.69 -0.85
N GLN C 445 -35.38 13.28 -2.08
CA GLN C 445 -36.37 13.45 -3.16
C GLN C 445 -37.72 12.80 -2.82
N LEU C 446 -37.68 11.52 -2.46
CA LEU C 446 -38.89 10.76 -2.14
C LEU C 446 -39.68 11.40 -1.00
N LEU C 447 -38.98 11.83 0.05
CA LEU C 447 -39.64 12.38 1.22
C LEU C 447 -40.17 13.80 1.00
N LYS C 448 -39.54 14.53 0.08
CA LYS C 448 -39.89 15.92 -0.15
C LYS C 448 -41.02 16.09 -1.16
N GLU C 449 -40.99 15.32 -2.23
CA GLU C 449 -41.85 15.59 -3.38
C GLU C 449 -42.86 14.49 -3.72
N PHE C 450 -42.82 13.37 -3.02
CA PHE C 450 -43.69 12.24 -3.35
C PHE C 450 -44.45 11.68 -2.15
N LYS C 451 -45.77 11.53 -2.32
CA LYS C 451 -46.59 10.83 -1.34
C LYS C 451 -46.19 9.36 -1.30
N ASP C 452 -46.42 8.70 -0.18
CA ASP C 452 -46.00 7.31 0.01
C ASP C 452 -46.51 6.37 -1.07
N GLU C 453 -47.75 6.55 -1.50
CA GLU C 453 -48.33 5.75 -2.58
C GLU C 453 -47.61 5.95 -3.92
N ASP C 454 -46.84 7.04 -4.03
CA ASP C 454 -46.23 7.37 -5.32
C ASP C 454 -44.74 7.05 -5.36
N TRP C 455 -44.23 6.45 -4.29
CA TRP C 455 -42.84 6.04 -4.25
C TRP C 455 -42.60 4.91 -5.25
N ASN C 456 -41.63 5.10 -6.13
CA ASN C 456 -41.30 4.08 -7.12
C ASN C 456 -40.30 3.08 -6.53
N MET C 457 -40.76 1.86 -6.32
CA MET C 457 -39.92 0.81 -5.74
C MET C 457 -38.74 0.48 -6.65
N GLY C 458 -39.00 0.44 -7.95
CA GLY C 458 -37.96 0.18 -8.93
C GLY C 458 -36.89 1.25 -8.91
N ASP C 459 -37.28 2.48 -8.63
CA ASP C 459 -36.33 3.59 -8.55
C ASP C 459 -35.43 3.46 -7.33
N ILE C 460 -36.03 3.04 -6.22
CA ILE C 460 -35.28 2.82 -4.99
C ILE C 460 -34.25 1.72 -5.21
N VAL C 461 -34.67 0.63 -5.83
CA VAL C 461 -33.79 -0.51 -6.07
C VAL C 461 -32.69 -0.15 -7.06
N TYR C 462 -33.05 0.62 -8.08
CA TYR C 462 -32.06 1.02 -9.08
C TYR C 462 -30.96 1.89 -8.46
N THR C 463 -31.37 2.87 -7.66
CA THR C 463 -30.44 3.81 -7.05
C THR C 463 -29.47 3.13 -6.08
N LEU C 464 -29.99 2.17 -5.32
CA LEU C 464 -29.18 1.49 -4.31
C LEU C 464 -28.25 0.44 -4.90
N THR C 465 -28.60 -0.09 -6.07
CA THR C 465 -27.84 -1.19 -6.64
C THR C 465 -26.99 -0.80 -7.86
N ASN C 466 -27.13 0.42 -8.35
CA ASN C 466 -26.39 0.81 -9.53
C ASN C 466 -24.93 1.07 -9.19
N ARG C 467 -24.11 0.04 -9.31
CA ARG C 467 -22.71 0.11 -8.92
C ARG C 467 -21.81 -0.61 -9.92
N ARG C 468 -20.53 -0.26 -9.91
CA ARG C 468 -19.54 -1.02 -10.64
C ARG C 468 -19.17 -2.26 -9.83
N TYR C 469 -19.05 -3.40 -10.51
CA TYR C 469 -18.83 -4.67 -9.83
C TYR C 469 -17.54 -4.73 -9.01
N LEU C 470 -16.47 -4.11 -9.52
CA LEU C 470 -15.18 -4.17 -8.86
C LEU C 470 -14.94 -2.95 -7.97
N GLU C 471 -16.00 -2.19 -7.72
CA GLU C 471 -15.87 -0.95 -6.96
C GLU C 471 -16.70 -1.02 -5.68
N LYS C 472 -16.04 -0.82 -4.54
CA LYS C 472 -16.70 -0.86 -3.24
C LYS C 472 -17.25 0.51 -2.85
N CYS C 473 -18.49 0.53 -2.36
CA CYS C 473 -19.13 1.78 -1.96
C CYS C 473 -19.47 1.76 -0.47
N ILE C 474 -19.41 2.94 0.14
CA ILE C 474 -19.91 3.11 1.50
C ILE C 474 -21.33 3.66 1.41
N ALA C 475 -22.30 2.87 1.86
CA ALA C 475 -23.69 3.28 1.82
C ALA C 475 -24.09 4.03 3.09
N TYR C 476 -24.91 5.07 2.93
CA TYR C 476 -25.45 5.78 4.08
C TYR C 476 -26.77 6.45 3.73
N ALA C 477 -27.66 6.55 4.72
CA ALA C 477 -29.01 7.06 4.49
C ALA C 477 -29.04 8.58 4.46
N GLU C 478 -28.30 9.20 5.37
CA GLU C 478 -28.18 10.66 5.38
C GLU C 478 -26.75 11.08 5.69
N SER C 479 -26.38 12.27 5.23
CA SER C 479 -25.02 12.77 5.37
C SER C 479 -24.90 13.67 6.60
N HIS C 480 -23.68 14.05 6.94
CA HIS C 480 -23.46 14.96 8.05
C HIS C 480 -23.90 16.38 7.65
N ASP C 481 -23.90 16.65 6.35
CA ASP C 481 -24.40 17.92 5.84
C ASP C 481 -25.89 18.10 6.15
N GLN C 482 -26.62 17.00 6.23
CA GLN C 482 -28.06 17.03 6.47
C GLN C 482 -28.40 17.20 7.94
N ALA C 483 -27.39 17.14 8.80
CA ALA C 483 -27.59 17.27 10.24
C ALA C 483 -27.43 18.72 10.66
N LEU C 484 -26.99 19.56 9.71
CA LEU C 484 -26.67 20.95 9.98
C LEU C 484 -27.90 21.86 9.99
N VAL C 485 -27.70 23.09 10.44
CA VAL C 485 -28.75 24.10 10.44
C VAL C 485 -29.09 24.47 9.00
N GLY C 486 -30.38 24.61 8.70
CA GLY C 486 -30.83 24.98 7.37
C GLY C 486 -31.24 23.76 6.56
N ASP C 487 -30.78 22.59 7.00
CA ASP C 487 -31.11 21.34 6.33
C ASP C 487 -32.10 20.54 7.18
N LYS C 488 -32.41 19.33 6.73
CA LYS C 488 -33.33 18.46 7.45
C LYS C 488 -32.77 17.06 7.62
N SER C 489 -32.88 16.53 8.83
CA SER C 489 -32.48 15.15 9.08
C SER C 489 -33.58 14.23 8.58
N LEU C 490 -33.27 12.94 8.49
CA LEU C 490 -34.28 11.95 8.12
C LEU C 490 -35.44 11.98 9.11
N ALA C 491 -35.10 12.09 10.39
CA ALA C 491 -36.09 12.10 11.47
C ALA C 491 -37.04 13.30 11.37
N PHE C 492 -36.53 14.44 10.93
CA PHE C 492 -37.35 15.65 10.81
C PHE C 492 -38.20 15.63 9.54
N TRP C 493 -37.67 15.05 8.47
CA TRP C 493 -38.43 14.83 7.25
C TRP C 493 -39.67 13.97 7.54
N LEU C 494 -39.51 13.05 8.50
CA LEU C 494 -40.52 12.05 8.78
C LEU C 494 -41.54 12.47 9.84
N MET C 495 -41.10 13.23 10.84
CA MET C 495 -41.95 13.55 11.98
C MET C 495 -42.30 15.04 12.08
N ASP C 496 -41.50 15.89 11.45
CA ASP C 496 -41.71 17.33 11.47
C ASP C 496 -41.92 17.87 12.89
N ALA C 497 -43.06 18.52 13.12
CA ALA C 497 -43.32 19.19 14.39
C ALA C 497 -43.63 18.20 15.50
N GLU C 498 -44.06 17.00 15.14
CA GLU C 498 -44.41 15.99 16.13
C GLU C 498 -43.16 15.39 16.79
N MET C 499 -42.00 15.72 16.25
CA MET C 499 -40.72 15.37 16.86
C MET C 499 -40.63 15.85 18.30
N TYR C 500 -41.27 16.99 18.58
CA TYR C 500 -41.15 17.63 19.89
C TYR C 500 -42.41 17.53 20.75
N THR C 501 -43.45 16.86 20.24
CA THR C 501 -44.70 16.74 20.99
C THR C 501 -45.07 15.29 21.29
N ASN C 502 -44.62 14.36 20.46
CA ASN C 502 -45.04 12.97 20.58
C ASN C 502 -43.89 11.96 20.55
N MET C 503 -42.72 12.36 21.05
CA MET C 503 -41.61 11.42 21.16
C MET C 503 -41.50 10.83 22.56
N SER C 504 -42.44 11.21 23.43
CA SER C 504 -42.53 10.63 24.76
C SER C 504 -43.55 9.49 24.78
N VAL C 505 -43.22 8.40 25.48
CA VAL C 505 -44.11 7.25 25.57
C VAL C 505 -45.36 7.57 26.40
N LEU C 506 -45.36 8.73 27.05
CA LEU C 506 -46.50 9.18 27.84
C LEU C 506 -47.50 9.97 26.98
N THR C 507 -47.16 10.14 25.71
CA THR C 507 -48.00 10.90 24.78
C THR C 507 -48.66 9.95 23.77
N PRO C 508 -49.69 10.42 23.05
CA PRO C 508 -50.33 9.53 22.07
C PRO C 508 -49.39 9.09 20.94
N PHE C 509 -49.44 7.81 20.62
CA PHE C 509 -48.70 7.24 19.49
C PHE C 509 -49.43 7.51 18.18
N THR C 510 -49.35 8.76 17.71
CA THR C 510 -50.10 9.21 16.53
C THR C 510 -49.67 8.44 15.27
N PRO C 511 -50.53 8.41 14.24
CA PRO C 511 -50.17 7.76 12.98
C PRO C 511 -48.96 8.41 12.30
N VAL C 512 -48.66 9.66 12.67
CA VAL C 512 -47.49 10.34 12.11
C VAL C 512 -46.20 9.81 12.74
N ILE C 513 -46.16 9.80 14.07
CA ILE C 513 -45.01 9.27 14.79
C ILE C 513 -44.85 7.77 14.53
N ASP C 514 -45.98 7.08 14.43
CA ASP C 514 -45.97 5.65 14.15
C ASP C 514 -45.28 5.42 12.81
N ARG C 515 -45.73 6.14 11.79
CA ARG C 515 -45.15 6.07 10.45
C ARG C 515 -43.67 6.47 10.43
N GLY C 516 -43.32 7.53 11.14
CA GLY C 516 -41.96 8.03 11.18
C GLY C 516 -40.98 7.02 11.74
N ILE C 517 -41.32 6.45 12.89
CA ILE C 517 -40.47 5.45 13.54
C ILE C 517 -40.30 4.21 12.65
N GLN C 518 -41.34 3.82 11.93
CA GLN C 518 -41.26 2.64 11.08
C GLN C 518 -40.39 2.91 9.84
N LEU C 519 -40.60 4.05 9.19
CA LEU C 519 -39.85 4.36 7.98
C LEU C 519 -38.40 4.69 8.27
N HIS C 520 -38.14 5.24 9.44
CA HIS C 520 -36.77 5.55 9.85
C HIS C 520 -35.94 4.27 9.91
N LYS C 521 -36.53 3.23 10.48
CA LYS C 521 -35.88 1.92 10.57
C LYS C 521 -35.73 1.29 9.19
N MET C 522 -36.80 1.35 8.41
CA MET C 522 -36.82 0.67 7.12
C MET C 522 -35.87 1.30 6.11
N ILE C 523 -35.81 2.63 6.07
CA ILE C 523 -34.92 3.34 5.15
C ILE C 523 -33.46 3.01 5.46
N ARG C 524 -33.13 2.97 6.74
CA ARG C 524 -31.77 2.63 7.16
C ARG C 524 -31.44 1.18 6.79
N LEU C 525 -32.38 0.28 7.05
CA LEU C 525 -32.15 -1.14 6.81
C LEU C 525 -32.00 -1.47 5.32
N ILE C 526 -32.78 -0.81 4.47
CA ILE C 526 -32.71 -1.08 3.04
C ILE C 526 -31.41 -0.51 2.46
N THR C 527 -30.93 0.58 3.04
CA THR C 527 -29.64 1.14 2.66
C THR C 527 -28.51 0.22 3.13
N HIS C 528 -28.65 -0.27 4.36
CA HIS C 528 -27.66 -1.13 4.98
C HIS C 528 -27.50 -2.45 4.23
N GLY C 529 -28.62 -3.05 3.84
CA GLY C 529 -28.61 -4.36 3.24
C GLY C 529 -28.44 -4.41 1.72
N LEU C 530 -28.84 -3.35 1.04
CA LEU C 530 -28.87 -3.35 -0.42
C LEU C 530 -27.86 -2.40 -1.04
N GLY C 531 -27.54 -1.33 -0.32
CA GLY C 531 -26.86 -0.19 -0.91
C GLY C 531 -25.37 -0.23 -1.22
N GLY C 532 -24.61 -1.04 -0.49
CA GLY C 532 -23.16 -1.04 -0.69
C GLY C 532 -22.34 -2.15 -0.07
N GLU C 533 -21.04 -1.90 0.02
CA GLU C 533 -20.09 -2.87 0.58
C GLU C 533 -19.58 -2.40 1.94
N GLY C 534 -20.15 -1.30 2.42
CA GLY C 534 -19.84 -0.76 3.74
C GLY C 534 -20.94 0.17 4.17
N TYR C 535 -21.04 0.43 5.48
CA TYR C 535 -22.11 1.29 5.99
C TYR C 535 -21.56 2.44 6.82
N LEU C 536 -22.18 3.61 6.71
CA LEU C 536 -21.79 4.77 7.48
C LEU C 536 -22.97 5.41 8.19
N ASN C 537 -22.70 5.94 9.39
CA ASN C 537 -23.71 6.62 10.18
C ASN C 537 -23.08 7.79 10.94
N PHE C 538 -23.64 8.98 10.78
CA PHE C 538 -23.12 10.15 11.49
C PHE C 538 -23.75 10.21 12.89
N MET C 539 -22.94 10.56 13.88
CA MET C 539 -23.32 10.49 15.29
C MET C 539 -24.63 11.20 15.63
N GLY C 540 -25.54 10.46 16.26
CA GLY C 540 -26.84 10.98 16.62
C GLY C 540 -27.95 10.42 15.75
N ASN C 541 -27.66 10.27 14.46
CA ASN C 541 -28.67 9.85 13.50
C ASN C 541 -29.12 8.41 13.70
N GLU C 542 -28.34 7.64 14.46
CA GLU C 542 -28.68 6.24 14.69
C GLU C 542 -29.92 6.09 15.58
N PHE C 543 -30.28 7.17 16.29
CA PHE C 543 -31.50 7.15 17.08
C PHE C 543 -32.43 8.32 16.75
N GLY C 544 -32.21 8.93 15.59
CA GLY C 544 -33.06 10.02 15.14
C GLY C 544 -32.93 11.25 16.01
N HIS C 545 -31.67 11.68 16.22
CA HIS C 545 -31.39 12.86 17.04
C HIS C 545 -32.17 14.08 16.59
N PRO C 546 -32.86 14.74 17.55
CA PRO C 546 -33.72 15.89 17.26
C PRO C 546 -32.96 17.19 17.02
N GLU C 547 -33.70 18.26 16.76
CA GLU C 547 -33.13 19.59 16.55
C GLU C 547 -32.11 19.56 15.43
N TRP C 548 -31.01 20.29 15.58
CA TRP C 548 -30.01 20.32 14.51
C TRP C 548 -28.61 20.61 15.03
N LEU C 549 -27.65 20.63 14.12
CA LEU C 549 -26.26 20.89 14.46
C LEU C 549 -25.84 22.25 13.94
N ASP C 550 -25.18 23.02 14.80
CA ASP C 550 -24.71 24.35 14.42
C ASP C 550 -23.45 24.72 15.21
N PHE C 551 -22.54 25.42 14.56
CA PHE C 551 -21.30 25.83 15.19
C PHE C 551 -21.31 27.31 15.55
N PRO C 552 -20.51 27.70 16.55
CA PRO C 552 -20.38 29.11 16.94
C PRO C 552 -19.95 30.00 15.77
N ARG C 553 -20.72 31.07 15.57
CA ARG C 553 -20.50 32.01 14.47
C ARG C 553 -21.26 33.29 14.77
N LYS C 554 -21.17 34.27 13.87
CA LYS C 554 -21.84 35.55 14.05
C LYS C 554 -23.36 35.42 14.13
N GLY C 555 -23.93 34.65 13.21
CA GLY C 555 -25.38 34.52 13.09
C GLY C 555 -26.10 33.88 14.27
N ASN C 556 -25.35 33.41 15.25
CA ASN C 556 -25.95 32.89 16.48
C ASN C 556 -25.19 33.31 17.74
N ASN C 557 -24.35 34.33 17.61
CA ASN C 557 -23.60 34.90 18.73
C ASN C 557 -22.68 33.92 19.42
N GLU C 558 -21.91 33.16 18.63
CA GLU C 558 -20.97 32.17 19.18
C GLU C 558 -21.62 31.18 20.14
N SER C 559 -22.81 30.70 19.75
CA SER C 559 -23.53 29.77 20.59
C SER C 559 -23.03 28.34 20.37
N TYR C 560 -22.87 27.62 21.47
CA TYR C 560 -22.51 26.21 21.41
C TYR C 560 -23.73 25.35 21.72
N HIS C 561 -24.90 25.98 21.76
CA HIS C 561 -26.13 25.32 22.20
C HIS C 561 -26.53 24.18 21.28
N TYR C 562 -26.20 24.31 19.99
CA TYR C 562 -26.52 23.26 19.04
C TYR C 562 -25.25 22.56 18.54
N ALA C 563 -24.11 22.91 19.15
CA ALA C 563 -22.83 22.28 18.82
C ALA C 563 -22.54 21.15 19.79
N ARG C 564 -23.50 20.24 19.93
CA ARG C 564 -23.42 19.20 20.94
C ARG C 564 -24.24 17.99 20.52
N ARG C 565 -24.20 16.94 21.34
CA ARG C 565 -25.00 15.74 21.09
C ARG C 565 -25.68 15.25 22.36
N GLN C 566 -27.00 15.06 22.26
CA GLN C 566 -27.81 14.63 23.38
C GLN C 566 -27.89 13.11 23.47
N PHE C 567 -26.76 12.45 23.68
CA PHE C 567 -26.72 10.99 23.73
C PHE C 567 -27.59 10.38 24.81
N HIS C 568 -27.91 11.17 25.84
CA HIS C 568 -28.66 10.68 26.99
C HIS C 568 -30.12 10.35 26.64
N LEU C 569 -30.57 10.85 25.50
CA LEU C 569 -31.93 10.61 25.02
C LEU C 569 -32.24 9.14 24.88
N THR C 570 -31.22 8.33 24.61
CA THR C 570 -31.39 6.89 24.44
C THR C 570 -31.52 6.18 25.78
N ASP C 571 -31.05 6.83 26.84
CA ASP C 571 -31.10 6.26 28.18
C ASP C 571 -32.43 6.53 28.88
N ASP C 572 -33.19 7.45 28.30
CA ASP C 572 -34.49 7.85 28.85
C ASP C 572 -35.60 6.86 28.49
N ASP C 573 -36.14 6.17 29.48
CA ASP C 573 -37.19 5.18 29.24
C ASP C 573 -38.53 5.83 28.88
N LEU C 574 -38.70 7.11 29.20
CA LEU C 574 -39.97 7.78 28.93
C LEU C 574 -39.98 8.40 27.53
N LEU C 575 -38.89 8.23 26.79
CA LEU C 575 -38.82 8.72 25.42
C LEU C 575 -38.73 7.57 24.43
N ARG C 576 -39.00 7.85 23.17
CA ARG C 576 -39.11 6.82 22.13
C ARG C 576 -37.85 6.67 21.28
N TYR C 577 -36.83 7.47 21.56
CA TYR C 577 -35.55 7.37 20.87
C TYR C 577 -34.91 6.00 21.11
N LYS C 578 -35.27 5.36 22.22
CA LYS C 578 -34.76 4.04 22.56
C LYS C 578 -35.14 3.00 21.50
N PHE C 579 -36.24 3.25 20.79
CA PHE C 579 -36.72 2.34 19.75
C PHE C 579 -35.79 2.32 18.54
N LEU C 580 -35.40 3.52 18.10
CA LEU C 580 -34.51 3.65 16.95
C LEU C 580 -33.10 3.17 17.28
N ASN C 581 -32.67 3.43 18.51
CA ASN C 581 -31.34 3.04 18.96
C ASN C 581 -31.22 1.52 19.06
N ASN C 582 -32.27 0.86 19.58
CA ASN C 582 -32.28 -0.59 19.68
C ASN C 582 -32.19 -1.25 18.32
N PHE C 583 -32.87 -0.66 17.34
CA PHE C 583 -32.88 -1.19 15.98
C PHE C 583 -31.51 -1.08 15.33
N ASP C 584 -30.85 0.04 15.56
CA ASP C 584 -29.53 0.28 14.99
C ASP C 584 -28.52 -0.74 15.51
N ARG C 585 -28.58 -1.01 16.81
CA ARG C 585 -27.66 -1.94 17.44
C ARG C 585 -27.79 -3.35 16.86
N ASP C 586 -29.04 -3.81 16.74
CA ASP C 586 -29.31 -5.16 16.29
C ASP C 586 -29.14 -5.29 14.78
N MET C 587 -29.29 -4.17 14.08
CA MET C 587 -29.05 -4.16 12.65
C MET C 587 -27.58 -4.46 12.40
N ASN C 588 -26.71 -3.79 13.15
CA ASN C 588 -25.27 -3.97 13.02
C ASN C 588 -24.77 -5.30 13.57
N ARG C 589 -25.40 -5.79 14.64
CA ARG C 589 -25.01 -7.05 15.24
C ARG C 589 -25.42 -8.22 14.34
N LEU C 590 -26.51 -8.02 13.61
CA LEU C 590 -26.98 -9.04 12.67
C LEU C 590 -26.04 -9.13 11.48
N GLU C 591 -25.55 -7.97 11.03
CA GLU C 591 -24.61 -7.91 9.93
C GLU C 591 -23.30 -8.59 10.32
N GLU C 592 -22.89 -8.39 11.56
CA GLU C 592 -21.67 -9.00 12.08
C GLU C 592 -21.65 -10.53 11.98
N ARG C 593 -22.81 -11.17 12.16
CA ARG C 593 -22.86 -12.62 12.08
C ARG C 593 -22.98 -13.12 10.65
N TYR C 594 -23.71 -12.39 9.81
CA TYR C 594 -24.05 -12.90 8.48
C TYR C 594 -23.25 -12.23 7.36
N GLY C 595 -22.78 -11.01 7.61
CA GLY C 595 -21.85 -10.37 6.70
C GLY C 595 -22.38 -10.05 5.32
N TRP C 596 -23.53 -9.38 5.24
CA TRP C 596 -24.13 -9.11 3.93
C TRP C 596 -23.42 -7.96 3.21
N LEU C 597 -22.68 -7.13 3.96
CA LEU C 597 -21.92 -6.04 3.35
C LEU C 597 -20.74 -6.56 2.51
N ALA C 598 -20.19 -7.71 2.88
CA ALA C 598 -19.06 -8.27 2.15
C ALA C 598 -19.54 -9.31 1.14
N ALA C 599 -20.84 -9.58 1.16
CA ALA C 599 -21.45 -10.54 0.25
C ALA C 599 -21.60 -9.94 -1.14
N PRO C 600 -21.75 -10.79 -2.16
CA PRO C 600 -22.06 -10.28 -3.51
C PRO C 600 -23.36 -9.48 -3.53
N GLN C 601 -23.58 -8.75 -4.60
CA GLN C 601 -24.77 -7.92 -4.70
C GLN C 601 -26.04 -8.77 -4.64
N ALA C 602 -27.06 -8.25 -3.97
CA ALA C 602 -28.29 -8.98 -3.71
C ALA C 602 -29.02 -9.43 -4.97
N TYR C 603 -29.78 -10.52 -4.83
CA TYR C 603 -30.66 -10.97 -5.90
C TYR C 603 -32.06 -10.46 -5.63
N VAL C 604 -32.49 -9.45 -6.38
CA VAL C 604 -33.81 -8.86 -6.18
C VAL C 604 -34.87 -9.67 -6.92
N SER C 605 -35.79 -10.26 -6.16
CA SER C 605 -36.83 -11.10 -6.75
C SER C 605 -38.12 -10.32 -6.95
N GLU C 606 -38.25 -9.20 -6.25
CA GLU C 606 -39.47 -8.42 -6.35
C GLU C 606 -39.33 -6.93 -6.03
N LYS C 607 -39.78 -6.11 -6.98
CA LYS C 607 -39.95 -4.69 -6.77
C LYS C 607 -41.33 -4.28 -7.30
N HIS C 608 -42.37 -4.69 -6.56
CA HIS C 608 -43.76 -4.54 -6.98
C HIS C 608 -44.28 -3.13 -6.74
N GLU C 609 -44.69 -2.46 -7.81
CA GLU C 609 -45.17 -1.08 -7.73
C GLU C 609 -46.54 -0.97 -7.09
N GLY C 610 -47.41 -1.93 -7.38
CA GLY C 610 -48.76 -1.94 -6.85
C GLY C 610 -48.81 -2.21 -5.36
N ASN C 611 -48.12 -3.27 -4.94
CA ASN C 611 -48.13 -3.69 -3.55
C ASN C 611 -47.12 -2.94 -2.67
N LYS C 612 -46.19 -2.24 -3.32
CA LYS C 612 -45.09 -1.55 -2.62
C LYS C 612 -44.23 -2.52 -1.83
N ILE C 613 -43.86 -3.63 -2.47
CA ILE C 613 -43.03 -4.65 -1.83
C ILE C 613 -41.66 -4.76 -2.50
N ILE C 614 -40.60 -4.74 -1.69
CA ILE C 614 -39.26 -5.03 -2.19
C ILE C 614 -38.74 -6.28 -1.48
N ALA C 615 -38.34 -7.28 -2.26
CA ALA C 615 -37.82 -8.52 -1.71
C ALA C 615 -36.51 -8.91 -2.38
N PHE C 616 -35.50 -9.24 -1.57
CA PHE C 616 -34.22 -9.67 -2.13
C PHE C 616 -33.45 -10.57 -1.16
N GLU C 617 -32.45 -11.25 -1.71
CA GLU C 617 -31.59 -12.14 -0.94
C GLU C 617 -30.16 -11.65 -0.95
N ARG C 618 -29.51 -11.64 0.21
CA ARG C 618 -28.08 -11.34 0.27
C ARG C 618 -27.43 -12.10 1.42
N ALA C 619 -26.30 -12.72 1.13
CA ALA C 619 -25.58 -13.56 2.09
C ALA C 619 -26.47 -14.68 2.63
N GLY C 620 -27.36 -15.17 1.78
CA GLY C 620 -28.25 -16.26 2.15
C GLY C 620 -29.53 -15.85 2.86
N LEU C 621 -29.54 -14.63 3.40
CA LEU C 621 -30.71 -14.12 4.11
C LEU C 621 -31.79 -13.61 3.15
N LEU C 622 -33.03 -13.61 3.61
CA LEU C 622 -34.14 -13.09 2.81
C LEU C 622 -34.69 -11.79 3.37
N PHE C 623 -34.59 -10.71 2.60
CA PHE C 623 -35.06 -9.40 3.01
C PHE C 623 -36.44 -9.09 2.42
N ILE C 624 -37.38 -8.69 3.26
CA ILE C 624 -38.71 -8.31 2.79
C ILE C 624 -39.12 -6.93 3.33
N PHE C 625 -39.41 -6.01 2.42
CA PHE C 625 -39.85 -4.67 2.79
C PHE C 625 -41.27 -4.40 2.33
N ASN C 626 -42.11 -3.93 3.25
CA ASN C 626 -43.45 -3.50 2.92
C ASN C 626 -43.57 -1.99 3.07
N PHE C 627 -43.41 -1.28 1.96
CA PHE C 627 -43.46 0.18 1.98
C PHE C 627 -44.85 0.73 1.72
N HIS C 628 -45.84 -0.15 1.68
CA HIS C 628 -47.23 0.26 1.43
C HIS C 628 -47.77 1.05 2.62
N PRO C 629 -48.38 2.21 2.34
CA PRO C 629 -48.85 3.12 3.40
C PRO C 629 -50.11 2.67 4.13
N SER C 630 -50.78 1.59 3.68
CA SER C 630 -51.99 1.15 4.38
C SER C 630 -52.25 -0.36 4.36
N LYS C 631 -51.87 -1.02 3.27
CA LYS C 631 -52.23 -2.43 3.10
C LYS C 631 -51.26 -3.40 3.77
N SER C 632 -51.79 -4.45 4.38
CA SER C 632 -50.98 -5.53 4.92
C SER C 632 -51.33 -6.83 4.19
N TYR C 633 -50.36 -7.73 4.07
CA TYR C 633 -50.53 -8.93 3.28
C TYR C 633 -50.39 -10.19 4.13
N THR C 634 -51.32 -11.12 3.98
CA THR C 634 -51.45 -12.24 4.89
C THR C 634 -50.92 -13.56 4.32
N ASP C 635 -51.11 -13.77 3.02
CA ASP C 635 -50.60 -14.97 2.37
C ASP C 635 -49.73 -14.62 1.17
N TYR C 636 -48.72 -13.80 1.41
CA TYR C 636 -47.88 -13.27 0.33
C TYR C 636 -46.76 -14.21 -0.05
N ARG C 637 -46.62 -14.48 -1.34
CA ARG C 637 -45.62 -15.43 -1.80
C ARG C 637 -44.29 -14.75 -2.16
N VAL C 638 -43.20 -15.31 -1.65
CA VAL C 638 -41.86 -14.74 -1.83
C VAL C 638 -40.86 -15.80 -2.32
N GLY C 639 -40.11 -15.46 -3.37
CA GLY C 639 -39.13 -16.37 -3.94
C GLY C 639 -37.85 -16.52 -3.14
N THR C 640 -37.28 -17.72 -3.15
CA THR C 640 -36.00 -18.01 -2.51
C THR C 640 -35.12 -18.82 -3.46
N ALA C 641 -33.84 -18.97 -3.12
CA ALA C 641 -32.92 -19.67 -4.01
C ALA C 641 -32.84 -21.17 -3.68
N LEU C 642 -33.04 -21.49 -2.41
CA LEU C 642 -32.94 -22.87 -1.94
C LEU C 642 -34.20 -23.25 -1.16
N PRO C 643 -34.51 -24.55 -1.11
CA PRO C 643 -35.70 -24.99 -0.35
C PRO C 643 -35.37 -25.24 1.11
N GLY C 644 -36.40 -25.32 1.94
CA GLY C 644 -36.23 -25.65 3.34
C GLY C 644 -36.99 -24.75 4.29
N LYS C 645 -36.57 -24.75 5.56
CA LYS C 645 -37.25 -24.00 6.60
C LYS C 645 -36.64 -22.62 6.81
N PHE C 646 -37.51 -21.62 6.94
CA PHE C 646 -37.08 -20.25 7.18
C PHE C 646 -37.57 -19.74 8.51
N LYS C 647 -36.68 -19.08 9.25
CA LYS C 647 -37.03 -18.47 10.52
C LYS C 647 -36.68 -16.98 10.53
N ILE C 648 -37.47 -16.19 11.25
CA ILE C 648 -37.22 -14.75 11.37
C ILE C 648 -35.99 -14.45 12.23
N VAL C 649 -35.03 -13.73 11.67
CA VAL C 649 -33.85 -13.32 12.42
C VAL C 649 -33.88 -11.82 12.71
N LEU C 650 -34.77 -11.10 12.04
CA LEU C 650 -35.02 -9.70 12.35
C LEU C 650 -36.40 -9.26 11.87
N ASP C 651 -37.12 -8.54 12.74
CA ASP C 651 -38.46 -8.07 12.44
C ASP C 651 -38.62 -6.66 13.01
N SER C 652 -38.70 -5.67 12.12
CA SER C 652 -38.75 -4.26 12.53
C SER C 652 -40.04 -3.92 13.29
N ASP C 653 -40.99 -4.86 13.30
CA ASP C 653 -42.26 -4.63 13.98
C ASP C 653 -42.22 -5.10 15.43
N ALA C 654 -41.05 -5.54 15.89
CA ALA C 654 -40.88 -5.95 17.29
C ALA C 654 -41.20 -4.79 18.23
N ALA C 655 -41.63 -5.12 19.44
CA ALA C 655 -42.05 -4.11 20.41
C ALA C 655 -40.90 -3.21 20.86
N GLU C 656 -39.70 -3.78 20.95
CA GLU C 656 -38.53 -3.02 21.39
C GLU C 656 -38.09 -2.00 20.36
N TYR C 657 -38.56 -2.15 19.13
CA TYR C 657 -38.22 -1.21 18.06
C TYR C 657 -39.35 -0.21 17.86
N GLY C 658 -40.39 -0.34 18.68
CA GLY C 658 -41.56 0.52 18.58
C GLY C 658 -42.57 -0.01 17.59
N GLY C 659 -42.63 -1.34 17.44
CA GLY C 659 -43.58 -1.97 16.55
C GLY C 659 -44.83 -2.40 17.28
N HIS C 660 -45.63 -3.24 16.63
CA HIS C 660 -46.88 -3.69 17.20
C HIS C 660 -46.90 -5.19 17.48
N GLN C 661 -45.76 -5.84 17.31
CA GLN C 661 -45.60 -7.27 17.59
C GLN C 661 -46.73 -8.12 17.01
N ARG C 662 -46.96 -7.99 15.71
CA ARG C 662 -48.06 -8.71 15.07
C ARG C 662 -47.61 -10.10 14.66
N LEU C 663 -46.29 -10.25 14.49
CA LEU C 663 -45.74 -11.50 14.02
C LEU C 663 -45.38 -12.44 15.15
N ASP C 664 -45.61 -13.72 14.89
CA ASP C 664 -45.27 -14.77 15.83
C ASP C 664 -44.02 -15.48 15.41
N HIS C 665 -42.98 -15.32 16.22
CA HIS C 665 -41.72 -15.97 15.94
C HIS C 665 -42.08 -17.45 16.30
N SER C 666 -41.15 -18.38 16.17
CA SER C 666 -41.34 -19.86 16.33
C SER C 666 -42.01 -20.43 15.10
N THR C 667 -42.58 -19.57 14.26
CA THR C 667 -43.30 -20.03 13.06
C THR C 667 -42.38 -20.56 11.97
N ASP C 668 -42.65 -21.76 11.46
CA ASP C 668 -41.92 -22.28 10.32
C ASP C 668 -42.41 -21.67 9.01
N PHE C 669 -41.50 -21.12 8.22
CA PHE C 669 -41.83 -20.68 6.87
C PHE C 669 -41.14 -21.66 5.95
N PHE C 670 -41.92 -22.37 5.15
CA PHE C 670 -41.36 -23.44 4.33
C PHE C 670 -41.24 -23.03 2.87
N SER C 671 -40.07 -23.27 2.31
CA SER C 671 -39.86 -23.00 0.90
C SER C 671 -40.13 -24.29 0.13
N GLU C 672 -41.16 -24.28 -0.70
CA GLU C 672 -41.55 -25.47 -1.47
C GLU C 672 -41.25 -25.29 -2.95
N ALA C 673 -41.18 -26.39 -3.69
CA ALA C 673 -40.93 -26.33 -5.12
C ALA C 673 -42.11 -25.76 -5.91
N PHE C 674 -42.07 -24.46 -6.14
CA PHE C 674 -43.07 -23.71 -6.90
C PHE C 674 -42.47 -22.39 -7.35
N GLU C 675 -42.21 -22.29 -8.65
CA GLU C 675 -41.62 -21.10 -9.25
C GLU C 675 -42.44 -19.84 -8.98
N HIS C 676 -41.74 -18.76 -8.66
CA HIS C 676 -42.37 -17.46 -8.41
C HIS C 676 -41.30 -16.39 -8.57
N ASN C 677 -41.58 -15.43 -9.44
CA ASN C 677 -40.68 -14.32 -9.70
C ASN C 677 -39.28 -14.78 -10.13
N GLY C 678 -39.22 -15.88 -10.88
CA GLY C 678 -37.97 -16.39 -11.39
C GLY C 678 -37.15 -17.19 -10.39
N ARG C 679 -37.80 -17.63 -9.31
CA ARG C 679 -37.14 -18.46 -8.31
C ARG C 679 -37.68 -19.88 -8.36
N PRO C 680 -36.80 -20.88 -8.19
CA PRO C 680 -37.23 -22.28 -8.27
C PRO C 680 -38.09 -22.70 -7.08
N TYR C 681 -37.96 -21.99 -5.95
CA TYR C 681 -38.72 -22.29 -4.76
C TYR C 681 -39.37 -21.04 -4.19
N SER C 682 -40.30 -21.21 -3.26
CA SER C 682 -41.07 -20.09 -2.73
C SER C 682 -41.66 -20.37 -1.36
N LEU C 683 -41.91 -19.32 -0.59
CA LEU C 683 -42.56 -19.46 0.70
C LEU C 683 -43.72 -18.48 0.83
N LEU C 684 -44.57 -18.73 1.82
CA LEU C 684 -45.70 -17.84 2.10
C LEU C 684 -45.39 -17.10 3.38
N VAL C 685 -45.59 -15.78 3.38
CA VAL C 685 -45.20 -14.97 4.52
C VAL C 685 -46.31 -13.99 4.92
N TYR C 686 -46.34 -13.63 6.19
CA TYR C 686 -47.21 -12.56 6.66
C TYR C 686 -46.38 -11.31 6.93
N ILE C 687 -46.60 -10.28 6.13
CA ILE C 687 -45.81 -9.05 6.22
C ILE C 687 -46.69 -7.81 6.24
N PRO C 688 -46.94 -7.28 7.44
CA PRO C 688 -47.79 -6.09 7.67
C PRO C 688 -47.25 -4.81 7.04
N SER C 689 -48.11 -3.81 6.96
CA SER C 689 -47.76 -2.49 6.41
C SER C 689 -46.63 -1.80 7.19
N ARG C 690 -45.65 -1.30 6.45
CA ARG C 690 -44.49 -0.60 7.02
C ARG C 690 -43.72 -1.47 7.99
N VAL C 691 -43.38 -2.67 7.53
CA VAL C 691 -42.59 -3.63 8.29
C VAL C 691 -41.48 -4.22 7.43
N ALA C 692 -40.30 -4.39 8.00
CA ALA C 692 -39.21 -5.07 7.32
C ALA C 692 -38.88 -6.40 7.99
N LEU C 693 -38.59 -7.42 7.19
CA LEU C 693 -38.29 -8.74 7.72
C LEU C 693 -37.01 -9.32 7.15
N ILE C 694 -36.20 -9.94 8.01
CA ILE C 694 -35.08 -10.73 7.54
C ILE C 694 -35.27 -12.17 8.01
N LEU C 695 -35.17 -13.11 7.08
CA LEU C 695 -35.40 -14.52 7.37
C LEU C 695 -34.18 -15.36 6.99
N GLN C 696 -33.89 -16.38 7.80
CA GLN C 696 -32.76 -17.25 7.51
C GLN C 696 -33.17 -18.68 7.14
N ASN C 697 -32.53 -19.22 6.12
CA ASN C 697 -32.67 -20.63 5.78
C ASN C 697 -31.76 -21.44 6.70
N VAL C 698 -32.35 -22.34 7.49
CA VAL C 698 -31.59 -23.08 8.49
C VAL C 698 -31.12 -24.45 8.02
N ASP C 699 -31.32 -24.76 6.74
CA ASP C 699 -30.87 -26.04 6.20
C ASP C 699 -29.61 -25.90 5.37
#